data_4BXC
#
_entry.id   4BXC
#
_cell.length_a   164.413
_cell.length_b   121.232
_cell.length_c   132.186
_cell.angle_alpha   90.00
_cell.angle_beta   90.00
_cell.angle_gamma   90.00
#
_symmetry.space_group_name_H-M   'P 21 21 2'
#
loop_
_entity.id
_entity.type
_entity.pdbx_description
1 polymer 'C4 PHOSPHOENOLPYRUVATE CARBOXYLASE'
2 non-polymer 6-O-phosphono-alpha-D-glucopyranose
3 non-polymer 'SULFATE ION'
4 non-polymer 1,2-ETHANEDIOL
5 non-polymer 2-AMINO-2-HYDROXYMETHYL-PROPANE-1,3-DIOL
6 water water
#
_entity_poly.entity_id   1
_entity_poly.type   'polypeptide(L)'
_entity_poly.pdbx_seq_one_letter_code
;MGHHHHHHHHHHSSGHENLYFQGHMANRNVEKLASIDAQLRLLVPGKVSEDDKLVEYDALLLDKFLDILQDLHGEDLKEA
VQQCYELSAEYEGKHDPKKLEELGSLLTSLDTGDSIVIAKAFSHMLNLANLAEELQIAYRRRIKLKSGDFADEANATTES
DIEETFKRLVHKLNKSPEEVFDALKNQTVELVLTAHPTQSVRRSLLQKHGRIRNCLAQLYAKDITPDDKQELDEALHREI
QAAFRTDEIRRTPPTPQDEMRAGMSYFHETIWKGVPKFLRRVDTALKNIGINERFPYNAPLIQFSSWMGGDRDGNPRVTP
EVTRDVCLLARMMTSNMYFSQIEDLMIEMSMWRCNSELRVRAEELYRTARKDVKHYIEFWKRIPPNQPYRVILGDVRDKL
YNTRERSRHLLVDGKSDIPDEAVYTNVEQLLEPLELCYRSLCDCGDHVIADGSLLDFLRQVSTFGLSLVKLDIRQESDRH
TEVLDAITQHLGIGSYREWSEEKRQEWLLAELSGKRPLIGPDLPKTEEVKDCLDTFKVLAELPSDCFGAYIISMATSTSD
VLAVELLQREYHIKHPLRVVPLFEKLADLEAAPAAMTRLFSMDWYRNRIDGKQEVMIGYSDSGKDAGRFSAAWQLYKTQE
QIVKIAKEFGVKLVIFHGRGGTVGRGGGPTHLALLSQPPDTINGSLRVTVQGEVIEQSFGEEHLCFRTLQRFCAATLEHG
MNPPISPRPEWRELMDQMAVVATEEYRSVVFKEPRFVEYFRLATPELEFGRMNIGSRPSKRKPSGGIESLRAIPWIFSWT
QTRFHLPVWLGFGAAFKHAIQKDSKNLQMLQEMYKTWPFFRVTIDLVEMVFAKGNPGIAALNDKLLVSEDLRPFGESLRA
NYEETKNYLLKIAGHKDLLEGDPYLKQGIRLRDPYITTLNVCQAYTLKRIRDPNYHVTLRPHISKEYAAEPSKPADELIH
LNPTSEYAPGLEDTLILTMKGIAAGMQNTG
;
_entity_poly.pdbx_strand_id   A,B
#
loop_
_chem_comp.id
_chem_comp.type
_chem_comp.name
_chem_comp.formula
EDO non-polymer 1,2-ETHANEDIOL 'C2 H6 O2'
G6P D-saccharide, alpha linking 6-O-phosphono-alpha-D-glucopyranose 'C6 H13 O9 P'
SO4 non-polymer 'SULFATE ION' 'O4 S -2'
TRS non-polymer 2-AMINO-2-HYDROXYMETHYL-PROPANE-1,3-DIOL 'C4 H12 N O3 1'
#
# COMPACT_ATOMS: atom_id res chain seq x y z
N VAL A 30 -22.12 12.23 -34.68
CA VAL A 30 -20.71 12.40 -34.21
C VAL A 30 -20.34 11.38 -33.08
N GLU A 31 -21.31 10.98 -32.24
CA GLU A 31 -21.00 10.42 -30.90
C GLU A 31 -22.01 9.46 -30.23
N LYS A 32 -22.14 8.23 -30.72
CA LYS A 32 -22.88 7.17 -29.98
C LYS A 32 -22.14 6.74 -28.73
N LEU A 33 -20.81 6.82 -28.82
CA LEU A 33 -19.85 6.24 -27.85
C LEU A 33 -19.84 6.91 -26.45
N ALA A 34 -19.62 8.23 -26.42
CA ALA A 34 -19.61 9.01 -25.17
C ALA A 34 -20.86 8.75 -24.32
N SER A 35 -21.99 8.52 -24.98
CA SER A 35 -23.24 8.17 -24.30
C SER A 35 -23.20 6.76 -23.71
N ILE A 36 -22.64 5.84 -24.49
CA ILE A 36 -22.50 4.43 -24.10
C ILE A 36 -21.46 4.32 -22.99
N ASP A 37 -20.40 5.12 -23.11
CA ASP A 37 -19.44 5.35 -22.02
C ASP A 37 -20.16 5.89 -20.75
N ALA A 38 -20.87 7.00 -20.90
CA ALA A 38 -21.64 7.58 -19.82
C ALA A 38 -22.52 6.53 -19.14
N GLN A 39 -23.28 5.76 -19.93
CA GLN A 39 -24.19 4.77 -19.32
C GLN A 39 -23.47 3.51 -18.78
N LEU A 40 -22.27 3.22 -19.30
CA LEU A 40 -21.40 2.21 -18.67
C LEU A 40 -20.73 2.67 -17.35
N ARG A 41 -20.42 3.97 -17.23
CA ARG A 41 -19.79 4.50 -15.98
C ARG A 41 -20.70 4.30 -14.78
N LEU A 42 -22.00 4.53 -14.97
CA LEU A 42 -23.00 4.35 -13.92
C LEU A 42 -22.82 3.02 -13.18
N LEU A 43 -22.54 1.94 -13.91
CA LEU A 43 -22.27 0.61 -13.34
C LEU A 43 -21.04 0.49 -12.43
N VAL A 44 -20.03 1.35 -12.64
CA VAL A 44 -18.84 1.38 -11.77
C VAL A 44 -18.08 2.72 -11.84
N PRO A 45 -18.28 3.62 -10.84
CA PRO A 45 -17.82 5.05 -10.85
C PRO A 45 -16.35 5.34 -11.18
N GLY A 46 -16.08 6.17 -12.19
CA GLY A 46 -14.71 6.52 -12.57
C GLY A 46 -14.60 7.90 -13.20
N SER A 49 -10.24 8.56 -13.50
CA SER A 49 -9.15 7.70 -13.06
C SER A 49 -8.09 7.52 -14.17
N GLU A 50 -6.90 7.06 -13.78
CA GLU A 50 -5.65 7.22 -14.57
C GLU A 50 -5.47 6.30 -15.81
N ASP A 51 -4.93 5.11 -15.56
CA ASP A 51 -4.71 4.07 -16.57
C ASP A 51 -5.92 3.11 -16.58
N ASP A 52 -7.08 3.59 -16.13
CA ASP A 52 -8.30 2.78 -16.05
C ASP A 52 -9.12 2.98 -17.31
N LYS A 53 -8.83 2.19 -18.33
CA LYS A 53 -9.46 2.32 -19.63
C LYS A 53 -10.64 1.37 -19.80
N LEU A 54 -10.84 0.48 -18.83
CA LEU A 54 -11.77 -0.65 -19.02
C LEU A 54 -13.11 -0.20 -19.52
N VAL A 55 -13.66 0.86 -18.93
CA VAL A 55 -14.98 1.31 -19.35
C VAL A 55 -14.93 1.82 -20.77
N GLU A 56 -13.89 2.59 -21.14
CA GLU A 56 -13.75 3.02 -22.54
C GLU A 56 -13.67 1.82 -23.49
N TYR A 57 -12.76 0.89 -23.16
CA TYR A 57 -12.58 -0.32 -23.94
C TYR A 57 -13.93 -1.00 -24.13
N ASP A 58 -14.63 -1.28 -23.03
CA ASP A 58 -15.92 -1.96 -23.13
C ASP A 58 -16.90 -1.13 -23.97
N ALA A 59 -16.91 0.18 -23.76
CA ALA A 59 -17.80 1.06 -24.49
C ALA A 59 -17.57 0.97 -25.99
N LEU A 60 -16.32 1.14 -26.42
CA LEU A 60 -15.99 1.08 -27.85
C LEU A 60 -16.41 -0.26 -28.45
N LEU A 61 -15.90 -1.34 -27.89
CA LEU A 61 -16.29 -2.67 -28.29
C LEU A 61 -17.80 -2.79 -28.40
N LEU A 62 -18.53 -2.37 -27.37
CA LEU A 62 -19.98 -2.53 -27.41
C LEU A 62 -20.56 -1.70 -28.57
N ASP A 63 -20.15 -0.44 -28.68
CA ASP A 63 -20.65 0.45 -29.76
C ASP A 63 -20.37 -0.13 -31.16
N LYS A 64 -19.17 -0.64 -31.36
CA LYS A 64 -18.83 -1.27 -32.63
C LYS A 64 -19.74 -2.49 -32.79
N PHE A 65 -19.84 -3.32 -31.76
CA PHE A 65 -20.70 -4.53 -31.85
C PHE A 65 -22.14 -4.25 -32.18
N LEU A 66 -22.72 -3.21 -31.60
CA LEU A 66 -24.10 -2.84 -31.95
C LEU A 66 -24.25 -2.53 -33.46
N ASP A 67 -23.36 -1.70 -34.02
CA ASP A 67 -23.40 -1.38 -35.45
C ASP A 67 -23.46 -2.65 -36.27
N ILE A 68 -22.62 -3.59 -35.89
CA ILE A 68 -22.57 -4.85 -36.58
C ILE A 68 -23.91 -5.56 -36.50
N LEU A 69 -24.56 -5.54 -35.34
CA LEU A 69 -25.85 -6.18 -35.22
C LEU A 69 -26.82 -5.47 -36.14
N GLN A 70 -26.71 -4.15 -36.19
CA GLN A 70 -27.58 -3.41 -37.10
C GLN A 70 -27.36 -3.86 -38.55
N ASP A 71 -26.13 -3.79 -39.06
CA ASP A 71 -25.87 -4.20 -40.46
C ASP A 71 -26.43 -5.56 -40.75
N LEU A 72 -26.11 -6.52 -39.93
CA LEU A 72 -26.48 -7.89 -40.19
C LEU A 72 -27.94 -8.25 -39.93
N HIS A 73 -28.61 -7.62 -38.96
CA HIS A 73 -29.94 -8.08 -38.52
C HIS A 73 -31.03 -7.00 -38.43
N GLY A 74 -30.61 -5.73 -38.48
CA GLY A 74 -31.52 -4.62 -38.66
C GLY A 74 -31.76 -3.80 -37.40
N GLU A 75 -31.95 -2.50 -37.60
CA GLU A 75 -32.28 -1.56 -36.51
C GLU A 75 -33.13 -2.25 -35.44
N ASP A 76 -34.27 -2.76 -35.90
CA ASP A 76 -35.24 -3.39 -35.03
C ASP A 76 -34.56 -4.29 -33.99
N LEU A 77 -33.72 -5.20 -34.45
CA LEU A 77 -33.06 -6.11 -33.53
C LEU A 77 -32.05 -5.40 -32.63
N LYS A 78 -31.25 -4.53 -33.25
CA LYS A 78 -30.28 -3.79 -32.47
C LYS A 78 -31.00 -3.23 -31.28
N GLU A 79 -32.13 -2.54 -31.49
CA GLU A 79 -32.83 -1.93 -30.35
C GLU A 79 -33.23 -2.99 -29.37
N ALA A 80 -33.75 -4.09 -29.86
CA ALA A 80 -34.15 -5.16 -28.96
C ALA A 80 -32.98 -5.51 -28.03
N VAL A 81 -31.78 -5.65 -28.61
CA VAL A 81 -30.57 -5.94 -27.79
C VAL A 81 -30.26 -4.84 -26.78
N GLN A 82 -30.49 -3.59 -27.18
CA GLN A 82 -30.17 -2.49 -26.30
C GLN A 82 -31.12 -2.46 -25.16
N GLN A 83 -32.37 -2.77 -25.44
CA GLN A 83 -33.40 -2.72 -24.44
C GLN A 83 -33.01 -3.71 -23.34
N CYS A 84 -32.67 -4.93 -23.74
CA CYS A 84 -32.29 -5.94 -22.78
C CYS A 84 -31.14 -5.41 -21.93
N TYR A 85 -30.13 -4.88 -22.59
CA TYR A 85 -29.01 -4.34 -21.85
C TYR A 85 -29.46 -3.27 -20.84
N GLU A 86 -30.30 -2.33 -21.30
CA GLU A 86 -30.70 -1.19 -20.48
C GLU A 86 -31.39 -1.75 -19.27
N LEU A 87 -32.25 -2.73 -19.50
CA LEU A 87 -33.00 -3.32 -18.38
C LEU A 87 -32.06 -4.02 -17.42
N SER A 88 -31.14 -4.81 -17.96
CA SER A 88 -30.22 -5.52 -17.07
C SER A 88 -29.39 -4.55 -16.27
N ALA A 89 -28.99 -3.45 -16.90
CA ALA A 89 -28.14 -2.44 -16.25
C ALA A 89 -28.94 -1.74 -15.17
N GLU A 90 -30.09 -1.21 -15.54
CA GLU A 90 -31.03 -0.66 -14.57
C GLU A 90 -31.20 -1.63 -13.38
N TYR A 91 -31.34 -2.93 -13.67
CA TYR A 91 -31.44 -3.93 -12.60
C TYR A 91 -30.18 -4.02 -11.75
N GLU A 92 -29.02 -4.06 -12.40
CA GLU A 92 -27.76 -4.19 -11.65
C GLU A 92 -27.50 -3.04 -10.70
N GLY A 93 -28.18 -1.91 -10.91
CA GLY A 93 -27.94 -0.72 -10.09
C GLY A 93 -28.81 -0.73 -8.87
N LYS A 94 -30.12 -0.73 -9.11
CA LYS A 94 -31.13 -0.66 -8.05
C LYS A 94 -31.43 -2.04 -7.47
N HIS A 95 -31.69 -3.01 -8.36
CA HIS A 95 -32.09 -4.39 -8.00
C HIS A 95 -33.59 -4.46 -7.82
N ASP A 96 -34.31 -3.80 -8.72
CA ASP A 96 -35.76 -3.82 -8.70
C ASP A 96 -36.27 -5.08 -9.41
N PRO A 97 -36.88 -6.03 -8.67
CA PRO A 97 -37.44 -7.23 -9.32
C PRO A 97 -38.40 -6.96 -10.48
N LYS A 98 -39.00 -5.77 -10.49
CA LYS A 98 -39.79 -5.32 -11.64
C LYS A 98 -38.94 -5.39 -12.92
N LYS A 99 -37.75 -4.81 -12.88
CA LYS A 99 -36.89 -4.76 -14.08
C LYS A 99 -36.71 -6.14 -14.67
N LEU A 100 -36.39 -7.07 -13.78
CA LEU A 100 -36.23 -8.48 -14.13
C LEU A 100 -37.45 -9.04 -14.84
N GLU A 101 -38.64 -8.65 -14.38
CA GLU A 101 -39.85 -9.11 -15.00
C GLU A 101 -40.04 -8.44 -16.34
N GLU A 102 -39.83 -7.13 -16.42
CA GLU A 102 -39.93 -6.45 -17.72
C GLU A 102 -39.05 -7.16 -18.71
N LEU A 103 -37.83 -7.47 -18.27
CA LEU A 103 -36.87 -8.24 -19.09
C LEU A 103 -37.46 -9.58 -19.50
N GLY A 104 -38.06 -10.27 -18.53
CA GLY A 104 -38.75 -11.51 -18.82
C GLY A 104 -39.76 -11.33 -19.94
N SER A 105 -40.63 -10.31 -19.82
CA SER A 105 -41.70 -10.09 -20.79
C SER A 105 -41.13 -9.94 -22.16
N LEU A 106 -40.01 -9.24 -22.24
CA LEU A 106 -39.34 -9.04 -23.50
C LEU A 106 -38.80 -10.38 -24.03
N LEU A 107 -37.89 -10.99 -23.26
CA LEU A 107 -37.18 -12.19 -23.71
C LEU A 107 -38.13 -13.35 -24.02
N THR A 108 -39.08 -13.58 -23.13
CA THR A 108 -40.01 -14.67 -23.29
C THR A 108 -40.95 -14.47 -24.47
N SER A 109 -41.07 -13.24 -24.97
CA SER A 109 -41.95 -12.94 -26.13
C SER A 109 -41.25 -13.09 -27.47
N LEU A 110 -40.10 -13.74 -27.52
CA LEU A 110 -39.31 -13.80 -28.74
C LEU A 110 -39.39 -15.19 -29.29
N ASP A 111 -39.57 -15.27 -30.60
CA ASP A 111 -39.60 -16.57 -31.26
C ASP A 111 -38.25 -17.23 -31.14
N THR A 112 -38.19 -18.50 -31.51
CA THR A 112 -36.97 -19.27 -31.39
C THR A 112 -35.86 -18.59 -32.16
N GLY A 113 -36.19 -18.02 -33.32
CA GLY A 113 -35.19 -17.43 -34.17
C GLY A 113 -34.50 -16.26 -33.52
N ASP A 114 -35.29 -15.32 -33.00
CA ASP A 114 -34.77 -14.06 -32.43
C ASP A 114 -34.07 -14.33 -31.10
N SER A 115 -34.57 -15.29 -30.35
CA SER A 115 -33.98 -15.54 -29.05
C SER A 115 -32.57 -16.13 -29.24
N ILE A 116 -32.42 -17.02 -30.22
CA ILE A 116 -31.08 -17.48 -30.63
C ILE A 116 -30.13 -16.29 -30.86
N VAL A 117 -30.60 -15.30 -31.60
CA VAL A 117 -29.77 -14.14 -31.92
C VAL A 117 -29.38 -13.33 -30.69
N ILE A 118 -30.35 -13.03 -29.86
CA ILE A 118 -30.05 -12.30 -28.63
C ILE A 118 -29.05 -13.12 -27.78
N ALA A 119 -29.34 -14.40 -27.64
CA ALA A 119 -28.46 -15.25 -26.90
C ALA A 119 -27.05 -15.21 -27.47
N LYS A 120 -26.90 -15.29 -28.78
CA LYS A 120 -25.57 -15.13 -29.38
C LYS A 120 -24.97 -13.77 -29.03
N ALA A 121 -25.77 -12.72 -29.20
CA ALA A 121 -25.29 -11.38 -29.01
C ALA A 121 -24.72 -11.23 -27.60
N PHE A 122 -25.52 -11.49 -26.59
CA PHE A 122 -25.01 -11.22 -25.24
C PHE A 122 -23.86 -12.13 -24.90
N SER A 123 -23.92 -13.34 -25.43
CA SER A 123 -22.90 -14.32 -25.19
C SER A 123 -21.60 -13.81 -25.83
N HIS A 124 -21.73 -13.03 -26.89
CA HIS A 124 -20.55 -12.50 -27.58
C HIS A 124 -20.05 -11.20 -26.95
N MET A 125 -20.95 -10.34 -26.46
CA MET A 125 -20.49 -9.13 -25.76
C MET A 125 -19.67 -9.45 -24.52
N LEU A 126 -20.01 -10.55 -23.86
CA LEU A 126 -19.20 -11.08 -22.78
C LEU A 126 -17.78 -11.36 -23.16
N ASN A 127 -17.58 -12.15 -24.21
CA ASN A 127 -16.21 -12.43 -24.65
C ASN A 127 -15.46 -11.17 -24.95
N LEU A 128 -16.16 -10.16 -25.44
CA LEU A 128 -15.51 -8.90 -25.67
C LEU A 128 -15.13 -8.27 -24.34
N ALA A 129 -16.10 -8.17 -23.45
CA ALA A 129 -15.80 -7.61 -22.12
C ALA A 129 -14.61 -8.32 -21.45
N ASN A 130 -14.49 -9.64 -21.63
CA ASN A 130 -13.31 -10.34 -21.09
C ASN A 130 -11.98 -9.96 -21.75
N LEU A 131 -12.00 -9.69 -23.05
CA LEU A 131 -10.76 -9.32 -23.76
C LEU A 131 -10.27 -7.98 -23.24
N ALA A 132 -11.23 -7.06 -23.14
CA ALA A 132 -10.99 -5.75 -22.60
C ALA A 132 -10.41 -5.86 -21.20
N GLU A 133 -10.94 -6.77 -20.41
CA GLU A 133 -10.43 -6.90 -19.08
C GLU A 133 -9.03 -7.51 -19.13
N GLU A 134 -8.79 -8.48 -19.99
CA GLU A 134 -7.44 -9.06 -20.11
C GLU A 134 -6.46 -7.94 -20.38
N LEU A 135 -6.81 -7.13 -21.38
CA LEU A 135 -6.00 -5.99 -21.74
C LEU A 135 -5.79 -4.99 -20.60
N GLN A 136 -6.86 -4.61 -19.93
CA GLN A 136 -6.73 -3.72 -18.76
C GLN A 136 -5.80 -4.32 -17.73
N ILE A 137 -6.01 -5.59 -17.38
CA ILE A 137 -5.14 -6.27 -16.40
C ILE A 137 -3.69 -6.27 -16.85
N ALA A 138 -3.48 -6.54 -18.13
CA ALA A 138 -2.13 -6.58 -18.69
C ALA A 138 -1.36 -5.30 -18.50
N TYR A 139 -2.02 -4.17 -18.72
CA TYR A 139 -1.35 -2.86 -18.68
C TYR A 139 -1.61 -2.05 -17.43
N ARG A 140 -2.23 -2.62 -16.41
CA ARG A 140 -2.44 -1.83 -15.20
C ARG A 140 -1.10 -1.59 -14.52
N ARG A 141 -0.92 -0.42 -13.92
CA ARG A 141 0.38 -0.09 -13.34
C ARG A 141 0.66 -0.82 -12.02
N ARG A 142 1.88 -1.33 -11.87
CA ARG A 142 2.32 -1.96 -10.63
C ARG A 142 2.43 -0.90 -9.54
N ILE A 143 2.05 -1.20 -8.30
CA ILE A 143 2.37 -0.27 -7.23
C ILE A 143 3.87 -0.40 -7.01
N LYS A 144 4.49 0.78 -6.81
CA LYS A 144 5.94 0.95 -6.68
C LYS A 144 6.46 0.61 -5.26
N LEU A 145 5.90 1.20 -4.21
CA LEU A 145 6.22 0.79 -2.81
C LEU A 145 5.10 -0.02 -2.17
N LYS A 146 5.44 -1.22 -1.69
CA LYS A 146 4.43 -2.20 -1.23
C LYS A 146 4.53 -2.35 0.29
N SER A 147 3.40 -2.57 0.97
CA SER A 147 3.38 -2.72 2.46
C SER A 147 4.35 -3.81 3.01
N GLY A 148 4.61 -4.84 2.22
CA GLY A 148 5.39 -5.99 2.70
C GLY A 148 4.50 -7.07 3.34
N ASP A 149 3.28 -6.72 3.76
CA ASP A 149 2.26 -7.69 4.13
C ASP A 149 2.08 -8.77 3.01
N PHE A 150 1.71 -9.97 3.44
CA PHE A 150 1.51 -11.08 2.50
C PHE A 150 0.26 -10.84 1.64
N ALA A 151 -0.67 -10.05 2.16
CA ALA A 151 -1.82 -9.63 1.36
C ALA A 151 -1.43 -9.03 -0.01
N ASP A 152 -0.27 -8.37 -0.09
CA ASP A 152 0.19 -7.75 -1.33
C ASP A 152 0.35 -8.74 -2.47
N GLU A 153 0.60 -9.99 -2.08
CA GLU A 153 0.79 -11.12 -3.02
C GLU A 153 -0.54 -11.69 -3.52
N ALA A 154 -1.66 -11.14 -3.12
CA ALA A 154 -2.94 -11.62 -3.61
C ALA A 154 -3.46 -10.79 -4.77
N ASN A 155 -2.67 -9.82 -5.22
CA ASN A 155 -3.12 -8.86 -6.24
C ASN A 155 -2.01 -8.56 -7.25
N ALA A 156 -2.31 -8.67 -8.56
CA ALA A 156 -1.25 -8.47 -9.60
C ALA A 156 -0.48 -7.15 -9.52
N THR A 157 -1.13 -6.08 -9.09
CA THR A 157 -0.47 -4.79 -9.02
C THR A 157 0.58 -4.72 -7.91
N THR A 158 0.34 -5.47 -6.83
CA THR A 158 1.21 -5.43 -5.66
C THR A 158 2.08 -6.67 -5.44
N GLU A 159 1.78 -7.77 -6.12
CA GLU A 159 2.50 -9.02 -5.87
C GLU A 159 3.95 -8.84 -6.31
N SER A 160 4.82 -9.75 -5.88
CA SER A 160 6.25 -9.72 -6.17
C SER A 160 6.61 -10.45 -7.45
N ASP A 161 7.44 -9.83 -8.28
CA ASP A 161 7.96 -10.51 -9.45
C ASP A 161 9.14 -11.34 -8.97
N ILE A 162 9.79 -12.05 -9.88
CA ILE A 162 10.86 -12.93 -9.48
C ILE A 162 12.05 -12.22 -8.77
N GLU A 163 12.39 -11.03 -9.22
CA GLU A 163 13.55 -10.33 -8.67
C GLU A 163 13.27 -9.93 -7.22
N GLU A 164 12.12 -9.32 -7.01
CA GLU A 164 11.67 -8.94 -5.69
C GLU A 164 11.65 -10.13 -4.73
N THR A 165 11.28 -11.28 -5.25
CA THR A 165 11.23 -12.47 -4.46
C THR A 165 12.66 -12.88 -4.02
N PHE A 166 13.54 -13.11 -5.00
CA PHE A 166 14.98 -13.27 -4.73
C PHE A 166 15.44 -12.27 -3.65
N LYS A 167 15.09 -10.99 -3.81
CA LYS A 167 15.61 -9.97 -2.89
C LYS A 167 15.04 -10.11 -1.51
N ARG A 168 13.76 -10.42 -1.43
CA ARG A 168 13.17 -10.67 -0.14
C ARG A 168 13.94 -11.81 0.48
N LEU A 169 14.14 -12.88 -0.26
CA LEU A 169 14.78 -14.05 0.32
C LEU A 169 16.22 -13.75 0.79
N VAL A 170 16.94 -12.99 -0.04
CA VAL A 170 18.32 -12.66 0.29
C VAL A 170 18.40 -11.73 1.48
N HIS A 171 17.59 -10.67 1.50
CA HIS A 171 17.74 -9.60 2.49
C HIS A 171 16.88 -9.77 3.73
N LYS A 172 15.63 -10.16 3.55
CA LYS A 172 14.73 -10.34 4.67
C LYS A 172 14.90 -11.73 5.29
N LEU A 173 15.70 -12.59 4.69
CA LEU A 173 15.74 -13.99 5.13
C LEU A 173 17.13 -14.65 5.16
N ASN A 174 18.16 -13.84 4.91
CA ASN A 174 19.57 -14.22 5.03
C ASN A 174 19.97 -15.38 4.18
N LYS A 175 19.41 -15.48 3.00
CA LYS A 175 19.89 -16.51 2.09
C LYS A 175 20.90 -15.87 1.14
N SER A 176 21.94 -16.60 0.78
CA SER A 176 22.88 -16.06 -0.19
C SER A 176 22.23 -16.21 -1.56
N PRO A 177 22.58 -15.31 -2.46
CA PRO A 177 22.28 -15.50 -3.85
C PRO A 177 22.53 -16.94 -4.30
N GLU A 178 23.66 -17.51 -3.90
CA GLU A 178 24.00 -18.85 -4.35
C GLU A 178 22.95 -19.84 -3.90
N GLU A 179 22.43 -19.63 -2.68
CA GLU A 179 21.43 -20.58 -2.12
C GLU A 179 20.11 -20.48 -2.86
N VAL A 180 19.71 -19.26 -3.17
CA VAL A 180 18.53 -19.01 -3.95
C VAL A 180 18.67 -19.63 -5.35
N PHE A 181 19.74 -19.25 -6.02
CA PHE A 181 20.04 -19.78 -7.34
C PHE A 181 19.95 -21.28 -7.26
N ASP A 182 20.53 -21.85 -6.20
CA ASP A 182 20.54 -23.29 -6.07
C ASP A 182 19.16 -23.86 -5.89
N ALA A 183 18.38 -23.30 -4.99
CA ALA A 183 17.00 -23.72 -4.83
C ALA A 183 16.32 -23.72 -6.16
N LEU A 184 16.44 -22.60 -6.88
CA LEU A 184 15.77 -22.49 -8.14
C LEU A 184 16.23 -23.55 -9.08
N LYS A 185 17.53 -23.73 -9.27
CA LYS A 185 18.04 -24.78 -10.18
C LYS A 185 17.36 -26.14 -9.99
N ASN A 186 16.99 -26.45 -8.77
CA ASN A 186 16.40 -27.74 -8.49
C ASN A 186 14.89 -27.75 -8.48
N GLN A 187 14.28 -26.61 -8.77
CA GLN A 187 12.86 -26.48 -8.61
C GLN A 187 12.19 -26.92 -9.90
N THR A 188 11.00 -27.51 -9.74
CA THR A 188 10.18 -27.89 -10.83
C THR A 188 8.78 -27.35 -10.53
N VAL A 189 8.10 -26.91 -11.59
CA VAL A 189 6.74 -26.44 -11.55
C VAL A 189 6.02 -27.13 -12.68
N GLU A 190 5.01 -27.91 -12.36
CA GLU A 190 4.34 -28.67 -13.42
C GLU A 190 2.92 -28.16 -13.50
N LEU A 191 2.48 -27.71 -14.68
CA LEU A 191 1.11 -27.24 -14.82
C LEU A 191 0.34 -28.27 -15.61
N VAL A 192 -0.69 -28.84 -14.99
CA VAL A 192 -1.43 -29.90 -15.65
C VAL A 192 -2.67 -29.32 -16.29
N LEU A 193 -2.81 -29.41 -17.61
CA LEU A 193 -3.93 -28.77 -18.32
C LEU A 193 -5.09 -29.68 -18.45
N THR A 194 -6.24 -29.23 -18.01
CA THR A 194 -7.44 -30.04 -18.13
C THR A 194 -8.29 -29.40 -19.16
N ALA A 195 -9.23 -30.19 -19.67
CA ALA A 195 -10.17 -29.74 -20.69
C ALA A 195 -11.25 -28.85 -20.07
N HIS A 196 -11.58 -27.82 -20.85
CA HIS A 196 -12.68 -26.91 -20.55
C HIS A 196 -13.93 -27.76 -20.26
N PRO A 197 -14.57 -27.56 -19.10
CA PRO A 197 -15.78 -28.35 -18.81
C PRO A 197 -17.09 -28.07 -19.63
N THR A 198 -17.07 -27.19 -20.64
CA THR A 198 -18.29 -26.86 -21.44
C THR A 198 -18.13 -27.26 -22.92
N SER A 200 -15.28 -25.71 -24.73
CA SER A 200 -13.88 -25.32 -24.97
C SER A 200 -13.79 -24.75 -26.36
N VAL A 201 -12.95 -23.74 -26.54
CA VAL A 201 -13.06 -22.89 -27.74
C VAL A 201 -12.06 -23.21 -28.88
N ARG A 202 -12.47 -22.75 -30.08
CA ARG A 202 -11.81 -23.03 -31.35
C ARG A 202 -10.53 -22.21 -31.63
N ARG A 203 -9.51 -22.92 -32.11
CA ARG A 203 -8.22 -22.32 -32.48
C ARG A 203 -8.36 -21.08 -33.39
N SER A 204 -9.30 -21.12 -34.36
CA SER A 204 -9.60 -19.94 -35.17
C SER A 204 -10.04 -18.81 -34.25
N LEU A 205 -11.09 -19.09 -33.48
CA LEU A 205 -11.76 -18.07 -32.70
C LEU A 205 -10.82 -17.45 -31.68
N LEU A 206 -9.91 -18.25 -31.16
CA LEU A 206 -8.87 -17.72 -30.30
C LEU A 206 -8.15 -16.59 -30.98
N GLN A 207 -7.68 -16.88 -32.19
CA GLN A 207 -6.86 -15.94 -32.91
C GLN A 207 -7.62 -14.65 -33.25
N LYS A 208 -8.91 -14.77 -33.56
CA LYS A 208 -9.74 -13.58 -33.67
C LYS A 208 -9.76 -12.83 -32.34
N HIS A 209 -9.96 -13.54 -31.23
CA HIS A 209 -9.93 -12.87 -29.96
C HIS A 209 -8.60 -12.08 -29.81
N GLY A 210 -7.48 -12.73 -30.11
CA GLY A 210 -6.18 -12.05 -30.16
C GLY A 210 -6.13 -10.81 -31.05
N ARG A 211 -6.61 -10.93 -32.28
CA ARG A 211 -6.58 -9.83 -33.23
C ARG A 211 -7.41 -8.66 -32.71
N ILE A 212 -8.58 -8.98 -32.18
CA ILE A 212 -9.45 -7.95 -31.61
C ILE A 212 -8.76 -7.30 -30.44
N ARG A 213 -8.13 -8.10 -29.61
CA ARG A 213 -7.47 -7.53 -28.47
C ARG A 213 -6.31 -6.64 -28.90
N ASN A 214 -5.60 -7.04 -29.95
CA ASN A 214 -4.50 -6.18 -30.44
C ASN A 214 -5.02 -4.90 -31.08
N CYS A 215 -6.06 -4.98 -31.90
CA CYS A 215 -6.56 -3.76 -32.55
C CYS A 215 -6.90 -2.74 -31.51
N LEU A 216 -7.50 -3.24 -30.45
CA LEU A 216 -7.94 -2.42 -29.32
C LEU A 216 -6.73 -1.82 -28.64
N ALA A 217 -5.81 -2.68 -28.25
CA ALA A 217 -4.55 -2.19 -27.68
C ALA A 217 -3.93 -1.09 -28.54
N GLN A 218 -4.00 -1.23 -29.85
CA GLN A 218 -3.31 -0.29 -30.73
C GLN A 218 -4.04 1.01 -30.88
N LEU A 219 -5.37 0.97 -30.80
CA LEU A 219 -6.15 2.20 -30.92
C LEU A 219 -5.78 3.19 -29.83
N TYR A 220 -5.29 2.67 -28.70
CA TYR A 220 -4.83 3.51 -27.59
C TYR A 220 -3.30 3.59 -27.58
N ALA A 221 -2.76 4.41 -28.45
CA ALA A 221 -1.34 4.70 -28.43
C ALA A 221 -1.23 6.11 -28.97
N LYS A 222 -0.47 6.97 -28.30
CA LYS A 222 -0.31 8.34 -28.77
C LYS A 222 0.66 8.25 -29.92
N ASP A 223 0.81 9.35 -30.64
CA ASP A 223 1.57 9.37 -31.88
C ASP A 223 0.92 8.36 -32.86
N ILE A 224 -0.37 8.54 -33.09
CA ILE A 224 -1.16 7.67 -33.97
C ILE A 224 -1.95 8.52 -34.98
N THR A 225 -1.86 8.17 -36.25
CA THR A 225 -2.42 9.01 -37.30
C THR A 225 -3.94 8.90 -37.36
N PRO A 226 -4.60 9.95 -37.84
CA PRO A 226 -6.02 9.84 -38.18
C PRO A 226 -6.31 8.63 -39.05
N ASP A 227 -5.46 8.42 -40.06
CA ASP A 227 -5.54 7.28 -40.98
C ASP A 227 -5.36 5.91 -40.32
N ASP A 228 -4.27 5.75 -39.58
CA ASP A 228 -4.06 4.52 -38.86
C ASP A 228 -5.23 4.29 -37.93
N LYS A 229 -5.73 5.37 -37.31
CA LYS A 229 -6.86 5.19 -36.39
C LYS A 229 -8.04 4.69 -37.22
N GLN A 230 -8.35 5.39 -38.29
CA GLN A 230 -9.46 5.00 -39.17
C GLN A 230 -9.34 3.53 -39.58
N GLU A 231 -8.13 3.09 -39.88
CA GLU A 231 -7.91 1.78 -40.48
C GLU A 231 -7.96 0.71 -39.43
N LEU A 232 -7.42 1.05 -38.25
CA LEU A 232 -7.57 0.20 -37.05
C LEU A 232 -8.98 0.06 -36.60
N ASP A 233 -9.75 1.10 -36.82
CA ASP A 233 -11.16 1.06 -36.50
C ASP A 233 -11.85 0.00 -37.31
N GLU A 234 -11.70 0.10 -38.63
CA GLU A 234 -12.33 -0.87 -39.49
C GLU A 234 -11.71 -2.22 -39.26
N ALA A 235 -10.42 -2.28 -38.95
CA ALA A 235 -9.86 -3.58 -38.61
C ALA A 235 -10.59 -4.17 -37.43
N LEU A 236 -10.85 -3.34 -36.42
CA LEU A 236 -11.52 -3.82 -35.19
C LEU A 236 -12.94 -4.27 -35.53
N HIS A 237 -13.69 -3.35 -36.07
CA HIS A 237 -15.04 -3.62 -36.53
C HIS A 237 -15.10 -4.93 -37.33
N ARG A 238 -14.16 -5.12 -38.21
CA ARG A 238 -14.18 -6.28 -39.04
C ARG A 238 -13.95 -7.54 -38.24
N GLU A 239 -13.07 -7.50 -37.24
CA GLU A 239 -12.64 -8.75 -36.58
C GLU A 239 -13.67 -9.20 -35.57
N ILE A 240 -14.47 -8.27 -35.08
CA ILE A 240 -15.58 -8.61 -34.19
C ILE A 240 -16.63 -9.37 -35.00
N GLN A 241 -17.06 -8.77 -36.11
CA GLN A 241 -17.93 -9.45 -37.04
C GLN A 241 -17.42 -10.85 -37.43
N ALA A 242 -16.17 -10.95 -37.83
CA ALA A 242 -15.65 -12.27 -38.19
C ALA A 242 -15.87 -13.26 -37.05
N ALA A 243 -15.78 -12.78 -35.81
CA ALA A 243 -15.94 -13.70 -34.67
C ALA A 243 -17.43 -14.05 -34.51
N PHE A 244 -18.25 -13.01 -34.48
CA PHE A 244 -19.67 -13.18 -34.40
C PHE A 244 -20.14 -14.15 -35.44
N ARG A 245 -19.57 -14.16 -36.64
CA ARG A 245 -20.08 -15.03 -37.70
C ARG A 245 -19.36 -16.38 -37.76
N THR A 246 -18.71 -16.75 -36.67
CA THR A 246 -18.08 -18.05 -36.60
C THR A 246 -18.82 -18.79 -35.51
N ASP A 247 -20.00 -19.29 -35.82
CA ASP A 247 -20.92 -19.70 -34.80
C ASP A 247 -21.69 -20.97 -35.16
N GLU A 248 -21.10 -21.87 -35.93
CA GLU A 248 -21.85 -23.04 -36.41
C GLU A 248 -22.29 -23.94 -35.24
N ILE A 249 -23.35 -24.70 -35.47
CA ILE A 249 -23.96 -25.52 -34.45
C ILE A 249 -23.35 -26.94 -34.50
N ARG A 250 -22.40 -27.22 -33.59
CA ARG A 250 -21.83 -28.57 -33.34
C ARG A 250 -21.97 -29.57 -34.50
N PRO A 253 -21.19 -32.57 -31.17
CA PRO A 253 -20.09 -33.03 -30.28
C PRO A 253 -18.76 -33.14 -31.05
N PRO A 254 -17.59 -33.02 -30.38
CA PRO A 254 -16.26 -33.25 -31.02
C PRO A 254 -15.31 -34.26 -30.30
N THR A 255 -14.49 -34.95 -31.06
CA THR A 255 -13.73 -36.07 -30.51
C THR A 255 -12.62 -35.59 -29.61
N PRO A 256 -12.26 -36.40 -28.59
CA PRO A 256 -11.10 -36.14 -27.72
C PRO A 256 -9.86 -35.68 -28.49
N GLN A 257 -9.59 -36.34 -29.61
CA GLN A 257 -8.54 -35.94 -30.50
C GLN A 257 -8.64 -34.46 -30.88
N ASP A 258 -9.78 -34.01 -31.39
CA ASP A 258 -9.91 -32.59 -31.75
C ASP A 258 -9.83 -31.76 -30.47
N GLU A 259 -10.62 -32.14 -29.45
CA GLU A 259 -10.65 -31.37 -28.19
C GLU A 259 -9.22 -31.13 -27.68
N MET A 260 -8.34 -32.10 -27.92
CA MET A 260 -6.94 -31.97 -27.55
C MET A 260 -6.14 -31.18 -28.58
N ARG A 261 -6.20 -31.54 -29.85
CA ARG A 261 -5.66 -30.71 -30.93
C ARG A 261 -5.98 -29.21 -30.68
N ALA A 262 -7.04 -28.93 -29.90
CA ALA A 262 -7.30 -27.57 -29.42
C ALA A 262 -6.06 -27.08 -28.70
N GLY A 263 -5.81 -27.58 -27.47
CA GLY A 263 -4.58 -27.32 -26.70
C GLY A 263 -3.39 -26.89 -27.53
N MET A 264 -2.90 -27.77 -28.40
CA MET A 264 -1.68 -27.45 -29.22
C MET A 264 -1.63 -26.02 -29.88
N SER A 265 -2.81 -25.41 -30.05
CA SER A 265 -3.03 -23.94 -30.23
C SER A 265 -2.50 -23.06 -29.11
N TYR A 266 -3.16 -23.01 -27.96
CA TYR A 266 -2.69 -22.15 -26.83
C TYR A 266 -1.17 -22.11 -26.57
N PHE A 267 -0.53 -23.22 -26.92
CA PHE A 267 0.85 -23.33 -26.69
C PHE A 267 1.54 -22.55 -27.78
N HIS A 268 1.22 -22.84 -29.03
CA HIS A 268 1.62 -22.03 -30.17
C HIS A 268 1.41 -20.55 -29.82
N GLU A 269 0.17 -20.19 -29.62
CA GLU A 269 -0.27 -18.86 -29.34
C GLU A 269 0.53 -18.22 -28.22
N THR A 270 0.68 -18.89 -27.08
CA THR A 270 1.30 -18.12 -26.04
C THR A 270 2.39 -18.74 -25.19
N ILE A 271 2.24 -20.00 -24.79
CA ILE A 271 3.20 -20.61 -23.85
C ILE A 271 4.57 -20.91 -24.47
N TRP A 272 4.55 -21.35 -25.72
CA TRP A 272 5.75 -21.72 -26.44
C TRP A 272 6.67 -20.53 -26.43
N LYS A 273 6.14 -19.33 -26.70
CA LYS A 273 6.99 -18.13 -26.64
C LYS A 273 7.18 -17.65 -25.21
N GLY A 274 6.14 -17.77 -24.40
CA GLY A 274 6.22 -17.29 -23.03
C GLY A 274 7.38 -17.80 -22.21
N VAL A 275 7.66 -19.08 -22.35
CA VAL A 275 8.60 -19.72 -21.46
C VAL A 275 10.04 -19.13 -21.58
N PRO A 276 10.57 -19.04 -22.80
CA PRO A 276 11.84 -18.40 -22.99
C PRO A 276 11.87 -16.99 -22.48
N LYS A 277 10.80 -16.23 -22.76
CA LYS A 277 10.73 -14.84 -22.27
C LYS A 277 10.85 -14.84 -20.77
N PHE A 278 10.06 -15.65 -20.08
CA PHE A 278 10.21 -15.69 -18.62
C PHE A 278 11.61 -16.15 -18.16
N LEU A 279 12.11 -17.23 -18.73
CA LEU A 279 13.43 -17.71 -18.29
C LEU A 279 14.51 -16.65 -18.54
N ARG A 280 14.33 -15.82 -19.55
CA ARG A 280 15.32 -14.76 -19.77
C ARG A 280 15.20 -13.72 -18.63
N ARG A 281 13.97 -13.47 -18.19
CA ARG A 281 13.77 -12.62 -17.04
C ARG A 281 14.39 -13.18 -15.80
N VAL A 282 14.24 -14.49 -15.59
CA VAL A 282 14.99 -15.11 -14.49
C VAL A 282 16.46 -14.75 -14.62
N ASP A 283 17.03 -14.91 -15.81
CA ASP A 283 18.44 -14.54 -16.02
C ASP A 283 18.80 -13.09 -15.58
N THR A 284 17.96 -12.13 -15.99
CA THR A 284 18.14 -10.74 -15.66
C THR A 284 18.03 -10.52 -14.17
N ALA A 285 16.97 -11.10 -13.57
CA ALA A 285 16.84 -11.11 -12.11
C ALA A 285 18.04 -11.70 -11.38
N LEU A 286 18.63 -12.76 -11.89
CA LEU A 286 19.83 -13.25 -11.24
C LEU A 286 21.03 -12.27 -11.32
N LYS A 287 21.13 -11.48 -12.41
CA LYS A 287 22.21 -10.49 -12.56
C LYS A 287 22.10 -9.56 -11.42
N ASN A 288 20.89 -9.08 -11.22
CA ASN A 288 20.67 -7.99 -10.32
C ASN A 288 20.76 -8.37 -8.85
N ILE A 289 21.01 -9.63 -8.52
CA ILE A 289 21.33 -9.96 -7.15
C ILE A 289 22.74 -10.51 -7.09
N GLY A 290 23.46 -10.37 -8.19
CA GLY A 290 24.88 -10.64 -8.23
C GLY A 290 25.27 -12.05 -8.65
N ILE A 291 24.39 -12.80 -9.30
CA ILE A 291 24.81 -14.08 -9.85
C ILE A 291 25.20 -13.83 -11.29
N ASN A 292 26.43 -14.19 -11.62
CA ASN A 292 26.94 -13.82 -12.93
C ASN A 292 26.88 -14.98 -13.90
N GLU A 293 25.74 -15.65 -13.95
CA GLU A 293 25.51 -16.67 -14.94
C GLU A 293 24.02 -16.85 -15.17
N ARG A 294 23.66 -17.40 -16.33
CA ARG A 294 22.25 -17.60 -16.68
C ARG A 294 21.73 -18.90 -16.10
N PHE A 295 20.42 -18.94 -15.93
CA PHE A 295 19.75 -20.12 -15.42
C PHE A 295 20.00 -21.25 -16.39
N PRO A 296 20.51 -22.40 -15.92
CA PRO A 296 20.86 -23.48 -16.86
C PRO A 296 19.71 -23.82 -17.76
N TYR A 297 19.99 -23.93 -19.05
CA TYR A 297 18.94 -24.09 -20.06
C TYR A 297 18.23 -25.42 -19.98
N ASN A 298 18.84 -26.37 -19.29
CA ASN A 298 18.28 -27.68 -19.16
C ASN A 298 17.72 -27.89 -17.80
N ALA A 299 17.76 -26.88 -16.94
CA ALA A 299 17.15 -27.06 -15.64
C ALA A 299 15.67 -27.11 -15.87
N PRO A 300 15.02 -28.20 -15.46
CA PRO A 300 13.58 -28.40 -15.74
C PRO A 300 12.65 -27.59 -14.83
N LEU A 301 12.81 -26.28 -14.80
CA LEU A 301 12.00 -25.44 -13.98
C LEU A 301 10.51 -25.53 -14.27
N ILE A 302 10.13 -25.59 -15.53
CA ILE A 302 8.74 -25.52 -15.93
C ILE A 302 8.40 -26.71 -16.80
N GLN A 303 7.33 -27.41 -16.47
CA GLN A 303 6.96 -28.60 -17.21
C GLN A 303 5.47 -28.52 -17.39
N PHE A 304 4.95 -29.00 -18.52
CA PHE A 304 3.50 -29.03 -18.76
C PHE A 304 3.00 -30.45 -18.98
N SER A 305 1.72 -30.67 -18.70
CA SER A 305 1.14 -31.99 -18.72
C SER A 305 -0.31 -31.83 -19.06
N SER A 306 -1.00 -32.94 -19.30
CA SER A 306 -2.36 -32.87 -19.75
C SER A 306 -3.15 -34.10 -19.37
N TRP A 307 -4.47 -33.90 -19.31
CA TRP A 307 -5.44 -34.95 -19.00
C TRP A 307 -6.18 -35.35 -20.27
N MET A 308 -5.93 -34.63 -21.35
CA MET A 308 -6.72 -34.76 -22.56
C MET A 308 -6.34 -36.02 -23.32
N GLY A 309 -7.27 -36.96 -23.36
CA GLY A 309 -7.03 -38.31 -23.89
C GLY A 309 -6.49 -39.28 -22.85
N GLY A 310 -6.45 -38.82 -21.59
CA GLY A 310 -5.73 -39.51 -20.53
C GLY A 310 -6.72 -39.90 -19.44
N ASP A 311 -7.52 -38.92 -19.04
CA ASP A 311 -8.50 -39.08 -18.02
C ASP A 311 -9.68 -39.80 -18.56
N ARG A 312 -9.90 -41.03 -18.12
CA ARG A 312 -11.05 -41.82 -18.55
C ARG A 312 -12.05 -42.11 -17.42
N ASP A 313 -11.85 -41.44 -16.29
CA ASP A 313 -12.67 -41.59 -15.11
C ASP A 313 -14.09 -41.17 -15.39
N GLY A 314 -14.99 -42.14 -15.23
CA GLY A 314 -16.37 -42.00 -15.59
C GLY A 314 -16.52 -41.51 -17.00
N ASN A 315 -15.61 -41.91 -17.88
CA ASN A 315 -15.71 -41.40 -19.25
C ASN A 315 -15.30 -42.37 -20.35
N PRO A 316 -16.22 -43.26 -20.74
CA PRO A 316 -15.80 -44.31 -21.65
C PRO A 316 -15.45 -43.86 -23.08
N ARG A 317 -15.73 -42.62 -23.45
CA ARG A 317 -15.23 -42.10 -24.72
C ARG A 317 -13.68 -42.08 -24.81
N VAL A 318 -12.99 -42.12 -23.68
CA VAL A 318 -11.55 -42.04 -23.67
C VAL A 318 -11.02 -43.45 -23.65
N THR A 319 -10.88 -43.96 -24.85
CA THR A 319 -10.46 -45.32 -25.08
C THR A 319 -8.95 -45.38 -25.16
N PRO A 320 -8.41 -46.60 -25.26
CA PRO A 320 -6.98 -46.78 -25.48
C PRO A 320 -6.52 -46.20 -26.76
N GLU A 321 -7.37 -46.30 -27.76
CA GLU A 321 -7.00 -45.82 -29.09
C GLU A 321 -6.92 -44.28 -29.02
N VAL A 322 -7.82 -43.69 -28.25
CA VAL A 322 -7.80 -42.23 -28.07
C VAL A 322 -6.45 -41.86 -27.51
N THR A 323 -6.07 -42.58 -26.45
CA THR A 323 -4.84 -42.28 -25.77
C THR A 323 -3.67 -42.49 -26.70
N ARG A 324 -3.69 -43.56 -27.50
CA ARG A 324 -2.59 -43.71 -28.43
C ARG A 324 -2.59 -42.50 -29.33
N ASP A 325 -3.75 -42.05 -29.78
CA ASP A 325 -3.75 -40.91 -30.72
C ASP A 325 -3.26 -39.58 -30.11
N VAL A 326 -3.64 -39.28 -28.87
CA VAL A 326 -3.15 -38.04 -28.34
C VAL A 326 -1.64 -38.08 -28.14
N CYS A 327 -1.03 -39.24 -27.95
CA CYS A 327 0.43 -39.25 -27.80
C CYS A 327 1.07 -38.92 -29.13
N LEU A 328 0.56 -39.56 -30.17
CA LEU A 328 1.12 -39.38 -31.48
C LEU A 328 0.89 -37.96 -31.97
N LEU A 329 -0.30 -37.42 -31.77
CA LEU A 329 -0.50 -35.99 -32.09
C LEU A 329 0.52 -35.10 -31.38
N ALA A 330 0.56 -35.20 -30.05
CA ALA A 330 1.52 -34.47 -29.26
C ALA A 330 2.91 -34.59 -29.90
N ARG A 331 3.36 -35.81 -30.10
CA ARG A 331 4.68 -36.00 -30.68
C ARG A 331 4.81 -35.29 -32.03
N MET A 332 3.75 -35.35 -32.81
CA MET A 332 3.79 -34.82 -34.14
C MET A 332 3.94 -33.32 -34.06
N MET A 333 2.95 -32.67 -33.48
CA MET A 333 2.85 -31.22 -33.46
C MET A 333 4.09 -30.58 -32.84
N THR A 334 4.48 -31.06 -31.69
CA THR A 334 5.75 -30.63 -31.13
C THR A 334 6.90 -30.67 -32.15
N SER A 335 7.04 -31.77 -32.90
CA SER A 335 8.12 -31.87 -33.89
C SER A 335 7.92 -30.79 -34.93
N ASN A 336 6.67 -30.56 -35.27
CA ASN A 336 6.34 -29.54 -36.23
C ASN A 336 6.71 -28.13 -35.77
N MET A 337 6.57 -27.89 -34.47
CA MET A 337 6.84 -26.58 -33.95
C MET A 337 8.31 -26.35 -34.04
N TYR A 338 9.08 -27.28 -33.47
CA TYR A 338 10.53 -27.20 -33.58
C TYR A 338 10.89 -27.02 -35.06
N PHE A 339 10.21 -27.75 -35.93
CA PHE A 339 10.49 -27.69 -37.34
C PHE A 339 10.21 -26.32 -38.00
N SER A 340 9.10 -25.68 -37.66
CA SER A 340 8.76 -24.41 -38.33
C SER A 340 9.61 -23.25 -37.83
N GLN A 341 10.31 -23.42 -36.71
CA GLN A 341 11.18 -22.34 -36.27
C GLN A 341 12.63 -22.63 -36.54
N ILE A 342 13.01 -23.89 -36.62
CA ILE A 342 14.40 -24.21 -37.00
C ILE A 342 14.88 -23.38 -38.22
N GLU A 343 14.01 -23.21 -39.21
CA GLU A 343 14.42 -22.57 -40.44
C GLU A 343 14.82 -21.13 -40.14
N ASP A 344 14.16 -20.52 -39.16
CA ASP A 344 14.50 -19.14 -38.78
C ASP A 344 15.82 -19.10 -38.01
N LEU A 345 16.11 -20.12 -37.25
CA LEU A 345 17.36 -20.14 -36.50
C LEU A 345 18.52 -20.36 -37.47
N MET A 346 18.27 -21.24 -38.43
CA MET A 346 19.24 -21.51 -39.48
C MET A 346 19.69 -20.25 -40.25
N ILE A 347 18.72 -19.42 -40.63
CA ILE A 347 19.00 -18.13 -41.26
C ILE A 347 19.81 -17.24 -40.34
N GLU A 348 19.46 -17.23 -39.07
CA GLU A 348 20.12 -16.36 -38.11
C GLU A 348 21.54 -16.83 -37.92
N MET A 349 21.78 -18.14 -38.05
CA MET A 349 23.11 -18.70 -37.71
C MET A 349 24.09 -18.69 -38.87
N SER A 350 24.30 -17.50 -39.40
CA SER A 350 25.13 -17.27 -40.59
C SER A 350 26.63 -17.31 -40.31
N MET A 351 27.01 -17.42 -39.02
CA MET A 351 28.41 -17.45 -38.56
C MET A 351 29.16 -18.59 -39.23
N TRP A 352 30.46 -18.36 -39.42
CA TRP A 352 31.36 -19.37 -40.01
C TRP A 352 32.46 -19.85 -39.05
N ARG A 353 32.79 -19.06 -38.03
CA ARG A 353 33.82 -19.41 -37.04
C ARG A 353 33.27 -20.36 -36.01
N CYS A 354 33.82 -21.57 -35.97
CA CYS A 354 33.41 -22.61 -35.01
C CYS A 354 34.59 -23.33 -34.42
N ASN A 355 34.38 -24.02 -33.29
CA ASN A 355 35.39 -24.92 -32.74
C ASN A 355 35.49 -26.18 -33.58
N SER A 356 36.52 -26.96 -33.33
CA SER A 356 36.81 -28.12 -34.17
C SER A 356 35.76 -29.21 -33.97
N GLU A 357 35.36 -29.42 -32.71
CA GLU A 357 34.38 -30.43 -32.41
C GLU A 357 33.24 -30.34 -33.43
N LEU A 358 32.73 -29.12 -33.59
CA LEU A 358 31.67 -28.83 -34.57
C LEU A 358 32.13 -28.98 -36.01
N ARG A 359 33.30 -28.41 -36.33
CA ARG A 359 33.79 -28.42 -37.72
C ARG A 359 33.91 -29.85 -38.26
N VAL A 360 34.45 -30.75 -37.45
CA VAL A 360 34.39 -32.16 -37.79
C VAL A 360 32.95 -32.52 -38.19
N ARG A 361 32.03 -32.39 -37.22
CA ARG A 361 30.71 -33.01 -37.41
C ARG A 361 30.00 -32.41 -38.62
N ALA A 362 30.31 -31.15 -38.91
CA ALA A 362 29.78 -30.54 -40.12
C ALA A 362 30.35 -31.24 -41.37
N GLU A 363 31.68 -31.28 -41.47
CA GLU A 363 32.32 -31.97 -42.57
C GLU A 363 31.64 -33.32 -42.74
N GLU A 364 31.65 -34.13 -41.68
CA GLU A 364 30.95 -35.43 -41.75
C GLU A 364 29.63 -35.34 -42.50
N LEU A 365 28.78 -34.42 -42.05
CA LEU A 365 27.44 -34.27 -42.60
C LEU A 365 27.39 -33.82 -44.04
N TYR A 366 28.24 -32.86 -44.41
CA TYR A 366 28.28 -32.49 -45.83
C TYR A 366 28.75 -33.69 -46.65
N ARG A 367 29.90 -34.24 -46.26
CA ARG A 367 30.39 -35.53 -46.80
C ARG A 367 29.25 -36.56 -47.02
N THR A 368 28.46 -36.87 -45.99
CA THR A 368 27.38 -37.88 -46.14
C THR A 368 26.15 -37.39 -46.96
N ALA A 369 26.27 -36.31 -47.74
CA ALA A 369 25.09 -35.85 -48.54
C ALA A 369 25.09 -36.35 -50.02
N ARG A 370 23.92 -36.27 -50.68
CA ARG A 370 23.79 -36.63 -52.11
C ARG A 370 22.47 -36.12 -52.71
N LYS A 374 14.36 -31.12 -51.46
CA LYS A 374 13.82 -31.27 -50.12
C LYS A 374 12.32 -30.89 -50.06
N HIS A 375 11.50 -31.83 -49.54
CA HIS A 375 10.02 -31.74 -49.49
C HIS A 375 9.47 -30.31 -49.33
N TYR A 376 10.08 -29.55 -48.41
CA TYR A 376 9.71 -28.18 -48.03
C TYR A 376 10.54 -27.19 -48.82
N ILE A 377 10.35 -25.91 -48.51
CA ILE A 377 11.25 -24.87 -48.97
C ILE A 377 11.35 -23.68 -47.96
N GLU A 378 12.52 -23.62 -47.33
CA GLU A 378 13.23 -22.36 -47.10
C GLU A 378 14.67 -22.65 -47.57
N PHE A 379 15.33 -23.56 -46.84
CA PHE A 379 16.58 -24.17 -47.33
C PHE A 379 16.20 -25.47 -48.07
N TRP A 380 15.95 -25.37 -49.36
CA TRP A 380 15.67 -26.53 -50.19
C TRP A 380 16.95 -26.99 -50.92
N LYS A 381 18.07 -26.31 -50.65
CA LYS A 381 19.37 -26.52 -51.31
C LYS A 381 20.31 -27.39 -50.45
N ARG A 382 21.49 -27.68 -50.98
CA ARG A 382 22.62 -28.06 -50.12
C ARG A 382 23.41 -26.79 -49.68
N ILE A 383 24.20 -26.97 -48.62
CA ILE A 383 24.69 -25.90 -47.77
C ILE A 383 26.21 -26.01 -47.69
N PRO A 384 26.93 -24.90 -47.91
CA PRO A 384 28.39 -25.03 -47.85
C PRO A 384 28.90 -25.23 -46.41
N PRO A 385 29.91 -26.11 -46.21
CA PRO A 385 30.53 -26.19 -44.88
C PRO A 385 31.19 -24.84 -44.46
N ASN A 386 31.38 -23.96 -45.45
CA ASN A 386 31.54 -22.51 -45.28
C ASN A 386 30.69 -21.95 -44.14
N GLN A 387 29.52 -22.53 -43.93
CA GLN A 387 28.66 -22.15 -42.83
C GLN A 387 28.16 -23.37 -42.01
N PRO A 388 28.97 -23.80 -41.05
CA PRO A 388 28.82 -25.08 -40.35
C PRO A 388 27.60 -25.17 -39.40
N TYR A 389 27.34 -24.10 -38.65
CA TYR A 389 26.20 -24.12 -37.77
C TYR A 389 24.95 -24.48 -38.56
N ARG A 390 24.86 -23.98 -39.79
CA ARG A 390 23.71 -24.27 -40.63
C ARG A 390 23.63 -25.75 -41.03
N VAL A 391 24.78 -26.37 -41.18
CA VAL A 391 24.82 -27.75 -41.64
C VAL A 391 24.21 -28.62 -40.59
N ILE A 392 24.56 -28.34 -39.34
CA ILE A 392 24.06 -29.11 -38.19
C ILE A 392 22.55 -28.94 -38.10
N LEU A 393 22.17 -27.70 -38.11
CA LEU A 393 20.78 -27.37 -37.91
C LEU A 393 19.93 -27.88 -39.06
N GLY A 394 20.51 -27.99 -40.26
CA GLY A 394 19.82 -28.66 -41.36
C GLY A 394 19.54 -30.13 -41.09
N ASP A 395 20.56 -30.85 -40.62
CA ASP A 395 20.38 -32.22 -40.19
C ASP A 395 19.23 -32.22 -39.17
N VAL A 396 19.39 -31.41 -38.11
CA VAL A 396 18.36 -31.35 -37.09
C VAL A 396 16.98 -31.16 -37.72
N ARG A 397 16.89 -30.27 -38.68
CA ARG A 397 15.63 -30.04 -39.32
C ARG A 397 15.10 -31.31 -39.93
N ASP A 398 15.90 -31.99 -40.75
CA ASP A 398 15.45 -33.26 -41.37
C ASP A 398 15.00 -34.26 -40.33
N LYS A 399 15.79 -34.37 -39.26
CA LYS A 399 15.41 -35.32 -38.23
C LYS A 399 14.07 -34.92 -37.61
N LEU A 400 13.87 -33.62 -37.40
CA LEU A 400 12.60 -33.13 -36.86
C LEU A 400 11.46 -33.41 -37.82
N TYR A 401 11.68 -33.18 -39.10
CA TYR A 401 10.70 -33.46 -40.14
C TYR A 401 10.34 -34.93 -40.13
N ASN A 402 11.35 -35.78 -40.03
CA ASN A 402 11.11 -37.22 -40.02
C ASN A 402 10.31 -37.60 -38.80
N THR A 403 10.75 -37.09 -37.66
CA THR A 403 10.06 -37.33 -36.41
C THR A 403 8.63 -36.88 -36.54
N ARG A 404 8.41 -35.80 -37.27
CA ARG A 404 7.06 -35.32 -37.50
C ARG A 404 6.33 -36.35 -38.33
N GLU A 405 6.98 -36.81 -39.41
CA GLU A 405 6.32 -37.70 -40.37
C GLU A 405 6.05 -39.11 -39.84
N ARG A 406 7.01 -39.72 -39.16
CA ARG A 406 6.74 -40.98 -38.53
C ARG A 406 5.48 -40.87 -37.64
N SER A 407 5.45 -39.89 -36.75
CA SER A 407 4.27 -39.73 -35.91
C SER A 407 3.00 -39.51 -36.74
N ARG A 408 3.15 -38.99 -37.95
CA ARG A 408 1.99 -38.67 -38.76
C ARG A 408 1.46 -39.93 -39.38
N HIS A 409 2.37 -40.72 -39.95
CA HIS A 409 2.03 -41.99 -40.57
C HIS A 409 1.51 -42.94 -39.48
N LEU A 410 2.28 -43.20 -38.42
CA LEU A 410 1.75 -44.03 -37.33
C LEU A 410 0.32 -43.61 -37.03
N LEU A 411 0.08 -42.33 -36.98
CA LEU A 411 -1.22 -41.83 -36.57
C LEU A 411 -2.31 -42.20 -37.57
N VAL A 412 -2.03 -42.16 -38.85
CA VAL A 412 -3.13 -42.35 -39.80
C VAL A 412 -3.18 -43.77 -40.41
N ASP A 413 -2.03 -44.44 -40.49
CA ASP A 413 -1.89 -45.78 -41.06
C ASP A 413 -1.85 -46.79 -39.93
N GLY A 414 -0.85 -46.71 -39.08
CA GLY A 414 -0.68 -47.71 -38.01
C GLY A 414 0.67 -48.36 -38.11
N LYS A 415 1.26 -48.32 -39.29
CA LYS A 415 2.63 -48.78 -39.47
C LYS A 415 3.36 -47.55 -39.96
N SER A 416 4.68 -47.55 -39.82
CA SER A 416 5.52 -46.59 -40.53
C SER A 416 6.92 -47.12 -40.75
N ASP A 417 7.36 -47.15 -42.00
CA ASP A 417 8.64 -47.77 -42.38
C ASP A 417 9.84 -46.82 -42.18
N ILE A 418 9.99 -46.27 -40.97
CA ILE A 418 10.97 -45.18 -40.71
C ILE A 418 11.88 -45.45 -39.51
N PRO A 419 13.19 -45.63 -39.75
CA PRO A 419 14.13 -46.04 -38.70
C PRO A 419 14.28 -45.06 -37.54
N ASP A 420 14.28 -45.58 -36.31
CA ASP A 420 14.71 -44.83 -35.12
C ASP A 420 15.96 -43.96 -35.35
N GLU A 421 16.88 -44.41 -36.22
CA GLU A 421 18.10 -43.67 -36.56
C GLU A 421 17.77 -42.30 -37.16
N ALA A 422 16.71 -42.25 -37.97
CA ALA A 422 16.33 -41.07 -38.75
C ALA A 422 15.56 -40.00 -37.99
N VAL A 423 15.45 -40.18 -36.67
CA VAL A 423 14.35 -39.60 -35.90
C VAL A 423 14.70 -39.44 -34.44
N TYR A 424 14.11 -38.43 -33.81
CA TYR A 424 14.35 -38.23 -32.40
C TYR A 424 13.35 -39.07 -31.61
N THR A 425 13.87 -40.07 -30.89
CA THR A 425 13.07 -40.83 -29.95
C THR A 425 13.34 -40.36 -28.54
N ASN A 426 14.31 -39.48 -28.39
CA ASN A 426 14.62 -38.99 -27.07
C ASN A 426 15.27 -37.59 -27.10
N VAL A 427 14.77 -36.75 -26.20
CA VAL A 427 15.09 -35.33 -26.20
C VAL A 427 16.61 -35.04 -26.18
N GLU A 428 17.37 -35.90 -25.50
CA GLU A 428 18.84 -35.73 -25.46
C GLU A 428 19.45 -35.67 -26.88
N GLN A 429 18.88 -36.48 -27.76
CA GLN A 429 19.30 -36.55 -29.13
C GLN A 429 19.11 -35.20 -29.79
N LEU A 430 18.07 -34.49 -29.41
CA LEU A 430 17.76 -33.22 -30.07
C LEU A 430 18.54 -32.13 -29.41
N LEU A 431 18.70 -32.16 -28.09
CA LEU A 431 19.56 -31.20 -27.42
C LEU A 431 21.00 -31.27 -27.87
N GLU A 432 21.49 -32.47 -28.11
CA GLU A 432 22.92 -32.59 -28.30
C GLU A 432 23.51 -31.66 -29.38
N PRO A 433 22.98 -31.70 -30.61
CA PRO A 433 23.43 -30.77 -31.63
C PRO A 433 23.25 -29.29 -31.24
N LEU A 434 22.24 -28.96 -30.47
CA LEU A 434 22.04 -27.56 -30.08
C LEU A 434 23.10 -27.14 -29.07
N GLU A 435 23.39 -28.03 -28.12
CA GLU A 435 24.46 -27.81 -27.14
C GLU A 435 25.78 -27.70 -27.90
N LEU A 436 25.90 -28.48 -28.96
CA LEU A 436 27.11 -28.40 -29.74
C LEU A 436 27.35 -26.97 -30.29
N CYS A 437 26.37 -26.51 -31.07
CA CYS A 437 26.35 -25.16 -31.60
C CYS A 437 26.64 -24.19 -30.47
N TYR A 438 25.87 -24.32 -29.39
CA TYR A 438 26.04 -23.41 -28.25
C TYR A 438 27.49 -23.32 -27.76
N ARG A 439 28.07 -24.49 -27.52
CA ARG A 439 29.42 -24.54 -27.00
C ARG A 439 30.35 -23.91 -28.02
N SER A 440 30.29 -24.41 -29.25
CA SER A 440 31.07 -23.84 -30.35
C SER A 440 31.07 -22.31 -30.35
N LEU A 441 29.86 -21.74 -30.24
CA LEU A 441 29.78 -20.29 -30.23
C LEU A 441 30.58 -19.70 -29.09
N CYS A 442 30.40 -20.23 -27.88
CA CYS A 442 31.09 -19.64 -26.75
C CYS A 442 32.57 -19.75 -26.98
N ASP A 443 33.00 -20.94 -27.40
CA ASP A 443 34.41 -21.19 -27.60
C ASP A 443 34.98 -20.23 -28.62
N CYS A 444 34.27 -19.97 -29.71
CA CYS A 444 34.76 -18.96 -30.66
C CYS A 444 34.69 -17.51 -30.17
N GLY A 445 34.18 -17.28 -28.97
CA GLY A 445 34.09 -15.93 -28.40
C GLY A 445 32.75 -15.24 -28.59
N ASP A 446 31.72 -16.03 -28.85
CA ASP A 446 30.43 -15.52 -29.29
C ASP A 446 29.33 -15.96 -28.32
N HIS A 447 29.63 -16.04 -27.02
CA HIS A 447 28.59 -16.50 -26.09
C HIS A 447 27.39 -15.56 -26.21
N VAL A 448 27.67 -14.28 -26.41
CA VAL A 448 26.63 -13.27 -26.47
C VAL A 448 25.58 -13.63 -27.52
N ILE A 449 26.04 -14.17 -28.65
CA ILE A 449 25.15 -14.61 -29.71
C ILE A 449 24.48 -15.92 -29.31
N ALA A 450 25.25 -16.78 -28.68
CA ALA A 450 24.72 -18.04 -28.24
C ALA A 450 23.57 -17.86 -27.30
N ASP A 451 23.55 -16.75 -26.53
CA ASP A 451 22.45 -16.50 -25.58
C ASP A 451 21.25 -15.80 -26.19
N GLY A 452 21.16 -15.79 -27.51
CA GLY A 452 19.96 -15.26 -28.20
C GLY A 452 18.99 -16.37 -28.50
N SER A 453 18.58 -16.50 -29.77
CA SER A 453 17.55 -17.47 -30.14
C SER A 453 17.91 -18.88 -29.87
N LEU A 454 19.20 -19.18 -30.00
CA LEU A 454 19.68 -20.51 -29.74
C LEU A 454 19.30 -20.90 -28.31
N LEU A 455 19.73 -20.10 -27.34
CA LEU A 455 19.31 -20.30 -25.98
C LEU A 455 17.79 -20.45 -25.87
N ASP A 456 17.01 -19.54 -26.46
CA ASP A 456 15.56 -19.68 -26.35
C ASP A 456 15.17 -21.09 -26.79
N PHE A 457 15.81 -21.56 -27.85
CA PHE A 457 15.45 -22.82 -28.48
C PHE A 457 15.81 -24.00 -27.57
N LEU A 458 17.02 -23.96 -27.03
CA LEU A 458 17.42 -24.90 -26.00
C LEU A 458 16.35 -24.89 -24.90
N ARG A 459 15.96 -23.71 -24.43
CA ARG A 459 15.02 -23.68 -23.30
C ARG A 459 13.68 -24.29 -23.66
N GLN A 460 13.26 -24.03 -24.89
CA GLN A 460 12.02 -24.61 -25.36
C GLN A 460 12.15 -26.09 -25.42
N VAL A 461 13.19 -26.57 -26.05
CA VAL A 461 13.39 -28.01 -26.15
C VAL A 461 13.41 -28.63 -24.77
N SER A 462 14.07 -27.96 -23.86
CA SER A 462 14.28 -28.59 -22.59
C SER A 462 12.98 -28.60 -21.79
N THR A 463 12.20 -27.52 -21.91
CA THR A 463 10.89 -27.43 -21.25
C THR A 463 9.84 -28.34 -21.86
N PHE A 464 9.73 -28.33 -23.18
CA PHE A 464 8.66 -29.03 -23.88
C PHE A 464 9.01 -30.43 -24.41
N GLY A 465 10.28 -30.81 -24.43
CA GLY A 465 10.70 -32.11 -24.89
C GLY A 465 10.11 -32.45 -26.25
N LEU A 466 10.07 -33.73 -26.50
CA LEU A 466 9.53 -34.23 -27.75
C LEU A 466 8.00 -34.24 -27.74
N SER A 467 7.40 -34.18 -26.56
CA SER A 467 5.96 -34.13 -26.41
C SER A 467 5.60 -32.96 -25.52
N LEU A 468 5.21 -31.87 -26.19
CA LEU A 468 4.79 -30.63 -25.58
C LEU A 468 4.23 -30.76 -24.14
N VAL A 469 3.31 -31.71 -23.98
CA VAL A 469 2.77 -32.14 -22.72
C VAL A 469 2.96 -33.62 -22.55
N LYS A 470 3.20 -34.03 -21.33
CA LYS A 470 3.08 -35.40 -20.95
C LYS A 470 1.64 -35.67 -20.51
N LEU A 471 1.18 -36.85 -20.83
CA LEU A 471 -0.21 -37.26 -20.56
C LEU A 471 -0.38 -38.01 -19.25
N ASP A 472 -1.26 -37.54 -18.38
CA ASP A 472 -1.58 -38.35 -17.20
C ASP A 472 -2.72 -39.27 -17.55
N ILE A 473 -2.72 -40.45 -16.93
CA ILE A 473 -3.77 -41.45 -17.10
C ILE A 473 -4.54 -41.43 -15.81
N ARG A 474 -5.87 -41.40 -15.88
CA ARG A 474 -6.66 -41.49 -14.65
C ARG A 474 -7.79 -42.46 -14.83
N GLN A 475 -7.98 -43.32 -13.84
CA GLN A 475 -9.08 -44.24 -13.86
C GLN A 475 -9.41 -44.47 -12.41
N GLU A 476 -10.65 -44.88 -12.15
CA GLU A 476 -11.11 -45.04 -10.80
C GLU A 476 -10.76 -46.41 -10.24
N SER A 477 -10.36 -46.42 -8.96
CA SER A 477 -9.96 -47.64 -8.27
C SER A 477 -10.87 -48.86 -8.56
N ASP A 478 -12.17 -48.66 -8.57
CA ASP A 478 -13.07 -49.79 -8.68
C ASP A 478 -12.83 -50.53 -9.96
N ARG A 479 -12.44 -49.77 -10.98
CA ARG A 479 -12.11 -50.43 -12.20
C ARG A 479 -10.94 -51.44 -12.07
N HIS A 480 -9.95 -51.12 -11.26
CA HIS A 480 -8.78 -52.01 -11.18
C HIS A 480 -9.20 -53.21 -10.42
N THR A 481 -10.09 -52.98 -9.47
CA THR A 481 -10.69 -54.06 -8.73
C THR A 481 -11.43 -54.99 -9.63
N GLU A 482 -12.25 -54.44 -10.54
CA GLU A 482 -13.04 -55.27 -11.46
C GLU A 482 -12.10 -56.12 -12.27
N VAL A 483 -11.00 -55.54 -12.69
CA VAL A 483 -10.05 -56.28 -13.50
C VAL A 483 -9.44 -57.41 -12.67
N LEU A 484 -8.87 -57.06 -11.53
CA LEU A 484 -8.27 -58.09 -10.70
C LEU A 484 -9.27 -59.19 -10.34
N ASP A 485 -10.52 -58.83 -10.14
CA ASP A 485 -11.49 -59.82 -9.76
C ASP A 485 -11.66 -60.87 -10.88
N ALA A 486 -11.82 -60.39 -12.11
CA ALA A 486 -11.83 -61.26 -13.30
C ALA A 486 -10.67 -62.24 -13.33
N ILE A 487 -9.50 -61.69 -13.01
CA ILE A 487 -8.28 -62.48 -13.00
C ILE A 487 -8.33 -63.54 -11.91
N THR A 488 -8.61 -63.13 -10.69
CA THR A 488 -8.62 -64.11 -9.61
C THR A 488 -9.67 -65.16 -9.87
N GLN A 489 -10.86 -64.73 -10.23
CA GLN A 489 -11.86 -65.73 -10.48
C GLN A 489 -11.46 -66.69 -11.62
N HIS A 490 -10.98 -66.13 -12.74
CA HIS A 490 -10.53 -66.98 -13.85
C HIS A 490 -9.43 -67.92 -13.41
N LEU A 491 -8.58 -67.51 -12.47
CA LEU A 491 -7.54 -68.43 -11.94
C LEU A 491 -8.06 -69.50 -10.98
N GLY A 492 -9.34 -69.43 -10.65
CA GLY A 492 -9.93 -70.35 -9.71
C GLY A 492 -9.57 -70.13 -8.26
N ILE A 493 -9.04 -68.98 -7.87
CA ILE A 493 -8.60 -68.76 -6.47
C ILE A 493 -9.54 -67.88 -5.59
N GLY A 494 -10.72 -67.58 -6.11
CA GLY A 494 -11.68 -66.74 -5.41
C GLY A 494 -11.79 -65.36 -6.03
N SER A 495 -12.35 -64.43 -5.25
CA SER A 495 -12.77 -63.11 -5.75
C SER A 495 -12.05 -61.99 -5.02
N TYR A 496 -11.15 -61.34 -5.74
CA TYR A 496 -10.42 -60.17 -5.23
C TYR A 496 -11.37 -59.16 -4.60
N ARG A 497 -12.54 -59.00 -5.20
CA ARG A 497 -13.52 -58.07 -4.66
C ARG A 497 -13.89 -58.48 -3.25
N GLU A 498 -14.10 -59.79 -3.01
CA GLU A 498 -14.52 -60.33 -1.70
C GLU A 498 -13.42 -60.29 -0.65
N TRP A 499 -12.19 -60.04 -1.05
CA TRP A 499 -11.11 -60.10 -0.10
C TRP A 499 -10.95 -58.83 0.71
N SER A 500 -10.50 -59.04 1.93
CA SER A 500 -10.20 -57.96 2.85
C SER A 500 -8.96 -57.26 2.38
N GLU A 501 -8.83 -56.01 2.80
CA GLU A 501 -7.61 -55.25 2.54
C GLU A 501 -6.30 -55.96 2.83
N GLU A 502 -6.22 -56.57 4.01
CA GLU A 502 -4.99 -57.27 4.37
C GLU A 502 -4.75 -58.37 3.35
N LYS A 503 -5.82 -59.02 2.91
CA LYS A 503 -5.65 -60.12 1.95
C LYS A 503 -5.18 -59.58 0.61
N ARG A 504 -5.89 -58.60 0.08
CA ARG A 504 -5.45 -57.95 -1.14
C ARG A 504 -3.98 -57.55 -1.11
N GLN A 505 -3.53 -57.01 0.00
CA GLN A 505 -2.15 -56.63 0.07
C GLN A 505 -1.27 -57.81 0.05
N GLU A 506 -1.69 -58.86 0.76
CA GLU A 506 -0.82 -60.03 0.86
C GLU A 506 -0.66 -60.63 -0.54
N TRP A 507 -1.79 -60.71 -1.27
CA TRP A 507 -1.79 -61.30 -2.60
C TRP A 507 -1.04 -60.45 -3.60
N LEU A 508 -1.34 -59.16 -3.60
CA LEU A 508 -0.67 -58.25 -4.50
C LEU A 508 0.84 -58.32 -4.36
N LEU A 509 1.38 -58.34 -3.14
CA LEU A 509 2.83 -58.34 -2.99
C LEU A 509 3.41 -59.64 -3.47
N ALA A 510 2.71 -60.72 -3.18
CA ALA A 510 3.15 -62.03 -3.65
C ALA A 510 3.27 -62.00 -5.18
N GLU A 511 2.21 -61.59 -5.87
CA GLU A 511 2.24 -61.55 -7.30
C GLU A 511 3.17 -60.47 -7.85
N LEU A 512 3.44 -59.40 -7.11
CA LEU A 512 4.42 -58.41 -7.57
C LEU A 512 5.83 -58.97 -7.67
N SER A 513 6.08 -60.07 -6.99
CA SER A 513 7.31 -60.83 -7.16
C SER A 513 7.03 -62.20 -7.77
N GLY A 514 5.86 -62.34 -8.39
CA GLY A 514 5.51 -63.62 -8.96
C GLY A 514 6.53 -64.02 -10.01
N LYS A 515 6.68 -65.32 -10.22
CA LYS A 515 7.64 -65.84 -11.17
C LYS A 515 7.01 -66.28 -12.52
N ARG A 516 5.74 -65.94 -12.73
CA ARG A 516 5.05 -66.25 -13.98
C ARG A 516 3.84 -65.36 -14.15
N PRO A 517 3.52 -64.98 -15.38
CA PRO A 517 2.43 -64.05 -15.66
C PRO A 517 1.10 -64.39 -15.01
N LEU A 518 0.29 -63.39 -14.78
CA LEU A 518 -1.08 -63.58 -14.32
C LEU A 518 -2.08 -63.83 -15.42
N ILE A 519 -1.86 -63.14 -16.53
CA ILE A 519 -2.85 -62.98 -17.56
C ILE A 519 -2.57 -63.74 -18.84
N GLY A 520 -3.53 -64.58 -19.21
CA GLY A 520 -3.51 -65.18 -20.53
C GLY A 520 -4.23 -64.31 -21.53
N PRO A 521 -3.84 -64.41 -22.81
CA PRO A 521 -4.75 -64.03 -23.89
C PRO A 521 -6.17 -64.59 -23.77
N ASP A 522 -6.35 -65.78 -23.17
CA ASP A 522 -7.72 -66.34 -23.14
C ASP A 522 -8.57 -66.07 -21.89
N LEU A 523 -8.25 -64.97 -21.20
CA LEU A 523 -8.99 -64.52 -20.03
C LEU A 523 -10.35 -63.88 -20.37
N PRO A 524 -11.42 -64.36 -19.75
CA PRO A 524 -12.71 -63.74 -19.98
C PRO A 524 -12.78 -62.29 -19.50
N LYS A 525 -13.13 -61.38 -20.44
CA LYS A 525 -13.10 -59.96 -20.21
C LYS A 525 -14.42 -59.30 -20.64
N THR A 526 -15.04 -58.55 -19.73
CA THR A 526 -16.07 -57.59 -20.10
C THR A 526 -15.45 -56.47 -20.90
N GLU A 527 -16.27 -55.74 -21.65
CA GLU A 527 -15.76 -54.58 -22.36
C GLU A 527 -14.97 -53.61 -21.44
N GLU A 528 -15.42 -53.41 -20.21
CA GLU A 528 -14.71 -52.50 -19.34
C GLU A 528 -13.35 -53.02 -18.93
N VAL A 529 -13.32 -54.29 -18.56
CA VAL A 529 -12.08 -54.90 -18.19
C VAL A 529 -11.13 -54.89 -19.39
N LYS A 530 -11.63 -55.23 -20.58
CA LYS A 530 -10.76 -55.17 -21.75
C LYS A 530 -10.26 -53.76 -21.96
N ASP A 531 -11.16 -52.80 -21.91
CA ASP A 531 -10.77 -51.39 -22.04
C ASP A 531 -9.64 -51.04 -21.06
N CYS A 532 -9.78 -51.47 -19.81
CA CYS A 532 -8.80 -51.12 -18.81
C CYS A 532 -7.49 -51.81 -19.08
N LEU A 533 -7.54 -53.11 -19.32
CA LEU A 533 -6.32 -53.85 -19.66
C LEU A 533 -5.61 -53.32 -20.89
N ASP A 534 -6.36 -52.95 -21.92
CA ASP A 534 -5.80 -52.43 -23.16
C ASP A 534 -5.07 -51.10 -22.95
N THR A 535 -5.54 -50.31 -22.00
CA THR A 535 -4.86 -49.07 -21.66
C THR A 535 -3.40 -49.29 -21.23
N PHE A 536 -3.20 -50.27 -20.35
CA PHE A 536 -1.85 -50.76 -20.10
C PHE A 536 -1.12 -51.30 -21.35
N LYS A 537 -1.80 -51.93 -22.34
CA LYS A 537 -1.07 -52.41 -23.55
C LYS A 537 -0.59 -51.16 -24.28
N VAL A 538 -1.43 -50.15 -24.32
CA VAL A 538 -1.02 -48.90 -24.90
C VAL A 538 0.16 -48.25 -24.16
N LEU A 539 0.10 -48.23 -22.83
CA LEU A 539 1.22 -47.65 -22.06
C LEU A 539 2.55 -48.37 -22.30
N ALA A 540 2.48 -49.66 -22.60
CA ALA A 540 3.69 -50.46 -22.80
C ALA A 540 4.26 -50.20 -24.16
N GLU A 541 3.40 -50.01 -25.17
CA GLU A 541 3.82 -49.83 -26.55
C GLU A 541 4.40 -48.47 -26.82
N LEU A 542 4.02 -47.48 -26.06
CA LEU A 542 4.43 -46.12 -26.43
C LEU A 542 5.62 -45.63 -25.64
N PRO A 543 6.33 -44.65 -26.18
CA PRO A 543 7.53 -44.20 -25.47
C PRO A 543 7.18 -43.54 -24.17
N SER A 544 7.99 -43.77 -23.16
CA SER A 544 7.62 -43.33 -21.86
C SER A 544 7.65 -41.82 -21.67
N ASP A 545 8.35 -41.10 -22.54
CA ASP A 545 8.38 -39.65 -22.43
C ASP A 545 7.05 -39.03 -22.89
N CYS A 546 6.05 -39.86 -23.18
CA CYS A 546 4.72 -39.38 -23.45
C CYS A 546 3.90 -39.22 -22.21
N PHE A 547 4.27 -39.87 -21.12
CA PHE A 547 3.34 -40.05 -20.01
C PHE A 547 3.82 -39.42 -18.73
N GLY A 548 2.87 -39.11 -17.86
CA GLY A 548 3.20 -38.60 -16.58
C GLY A 548 2.82 -39.62 -15.54
N ALA A 549 1.73 -39.35 -14.83
CA ALA A 549 1.28 -40.17 -13.73
C ALA A 549 0.06 -40.96 -14.10
N TYR A 550 -0.17 -42.04 -13.33
CA TYR A 550 -1.40 -42.81 -13.37
C TYR A 550 -2.03 -42.41 -12.10
N ILE A 551 -3.14 -41.68 -12.22
CA ILE A 551 -3.89 -41.20 -11.09
C ILE A 551 -5.00 -42.19 -10.81
N ILE A 552 -5.19 -42.55 -9.56
CA ILE A 552 -6.31 -43.40 -9.22
C ILE A 552 -7.38 -42.55 -8.62
N SER A 553 -8.44 -42.29 -9.37
CA SER A 553 -9.66 -41.69 -8.80
C SER A 553 -10.29 -42.61 -7.76
N MET A 554 -10.96 -41.97 -6.79
CA MET A 554 -11.61 -42.64 -5.71
C MET A 554 -10.69 -43.60 -5.00
N ALA A 555 -9.40 -43.27 -4.92
CA ALA A 555 -8.51 -44.03 -4.05
C ALA A 555 -9.05 -44.03 -2.65
N THR A 556 -8.75 -45.12 -1.97
CA THR A 556 -8.95 -45.26 -0.53
C THR A 556 -7.91 -46.16 0.19
N SER A 557 -7.12 -46.96 -0.49
CA SER A 557 -6.26 -47.85 0.25
C SER A 557 -4.96 -48.20 -0.41
N THR A 558 -4.11 -48.85 0.38
CA THR A 558 -2.82 -49.33 -0.04
C THR A 558 -2.98 -50.26 -1.22
N SER A 559 -3.99 -51.14 -1.14
CA SER A 559 -4.20 -52.09 -2.18
C SER A 559 -4.51 -51.38 -3.50
N ASP A 560 -5.21 -50.24 -3.42
CA ASP A 560 -5.63 -49.55 -4.63
C ASP A 560 -4.42 -49.21 -5.50
N VAL A 561 -3.33 -48.80 -4.84
CA VAL A 561 -2.10 -48.40 -5.54
C VAL A 561 -1.33 -49.62 -6.00
N LEU A 562 -1.27 -50.66 -5.18
CA LEU A 562 -0.51 -51.85 -5.55
C LEU A 562 -1.14 -52.46 -6.76
N ALA A 563 -2.46 -52.41 -6.78
CA ALA A 563 -3.17 -53.02 -7.89
C ALA A 563 -2.64 -52.47 -9.18
N VAL A 564 -2.52 -51.16 -9.26
CA VAL A 564 -2.04 -50.57 -10.49
C VAL A 564 -0.61 -50.94 -10.73
N GLU A 565 0.18 -51.07 -9.68
CA GLU A 565 1.57 -51.43 -9.89
C GLU A 565 1.67 -52.79 -10.53
N LEU A 566 0.82 -53.69 -10.09
CA LEU A 566 0.86 -55.07 -10.57
C LEU A 566 0.54 -55.18 -12.07
N LEU A 567 -0.56 -54.56 -12.47
CA LEU A 567 -0.96 -54.52 -13.85
C LEU A 567 0.14 -53.88 -14.70
N GLN A 568 0.80 -52.84 -14.23
CA GLN A 568 1.96 -52.33 -14.97
C GLN A 568 3.02 -53.38 -15.11
N ARG A 569 3.22 -54.22 -14.12
CA ARG A 569 4.28 -55.23 -14.22
C ARG A 569 3.87 -56.31 -15.19
N GLU A 570 2.63 -56.74 -15.09
CA GLU A 570 2.07 -57.66 -16.05
C GLU A 570 2.27 -57.26 -17.48
N TYR A 571 2.10 -55.98 -17.80
CA TYR A 571 2.30 -55.53 -19.17
C TYR A 571 3.76 -55.16 -19.48
N HIS A 572 4.66 -55.48 -18.56
CA HIS A 572 6.08 -55.32 -18.73
C HIS A 572 6.42 -53.91 -19.22
N ILE A 573 5.73 -52.91 -18.69
CA ILE A 573 6.04 -51.55 -19.00
C ILE A 573 7.40 -51.28 -18.44
N LYS A 574 8.30 -50.90 -19.32
CA LYS A 574 9.71 -50.79 -18.96
C LYS A 574 9.93 -49.66 -17.92
N HIS A 575 9.28 -48.51 -18.13
CA HIS A 575 9.38 -47.40 -17.20
C HIS A 575 7.98 -47.11 -16.70
N PRO A 576 7.58 -47.83 -15.65
CA PRO A 576 6.20 -47.67 -15.20
C PRO A 576 5.90 -46.26 -14.77
N LEU A 577 4.69 -45.81 -15.01
CA LEU A 577 4.27 -44.52 -14.53
C LEU A 577 4.10 -44.59 -12.99
N ARG A 578 4.35 -43.47 -12.34
CA ARG A 578 4.21 -43.41 -10.91
C ARG A 578 2.74 -43.45 -10.59
N VAL A 579 2.40 -44.12 -9.52
CA VAL A 579 1.00 -44.24 -9.18
C VAL A 579 0.61 -43.17 -8.17
N VAL A 580 -0.49 -42.50 -8.43
CA VAL A 580 -0.87 -41.35 -7.59
C VAL A 580 -2.30 -41.53 -7.10
N PRO A 581 -2.46 -41.83 -5.83
CA PRO A 581 -3.83 -41.91 -5.35
C PRO A 581 -4.45 -40.51 -5.23
N LEU A 582 -5.71 -40.43 -5.64
CA LEU A 582 -6.52 -39.28 -5.42
C LEU A 582 -7.55 -39.65 -4.38
N PHE A 583 -7.40 -39.08 -3.16
CA PHE A 583 -8.34 -39.33 -2.07
C PHE A 583 -9.37 -38.26 -2.08
N GLU A 584 -10.62 -38.66 -2.24
CA GLU A 584 -11.69 -37.70 -2.47
C GLU A 584 -12.57 -37.42 -1.22
N LYS A 585 -13.29 -38.41 -0.74
CA LYS A 585 -14.20 -38.20 0.36
C LYS A 585 -13.44 -37.96 1.64
N LEU A 586 -14.09 -37.28 2.57
CA LEU A 586 -13.47 -36.94 3.85
C LEU A 586 -12.92 -38.16 4.55
N ALA A 587 -13.70 -39.23 4.56
CA ALA A 587 -13.27 -40.47 5.19
C ALA A 587 -11.97 -40.95 4.52
N ASP A 588 -11.97 -40.83 3.17
CA ASP A 588 -10.84 -41.33 2.39
C ASP A 588 -9.61 -40.49 2.74
N LEU A 589 -9.80 -39.19 2.90
CA LEU A 589 -8.74 -38.33 3.40
C LEU A 589 -8.29 -38.74 4.82
N GLU A 590 -9.22 -39.01 5.72
CA GLU A 590 -8.84 -39.41 7.09
C GLU A 590 -8.04 -40.72 7.10
N ALA A 591 -8.37 -41.61 6.15
CA ALA A 591 -7.64 -42.88 6.03
C ALA A 591 -6.32 -42.79 5.25
N ALA A 592 -6.10 -41.71 4.52
CA ALA A 592 -4.94 -41.66 3.66
C ALA A 592 -3.60 -41.87 4.38
N PRO A 593 -3.40 -41.17 5.51
CA PRO A 593 -2.11 -41.35 6.20
C PRO A 593 -1.75 -42.83 6.48
N ALA A 594 -2.69 -43.59 7.03
CA ALA A 594 -2.49 -45.01 7.28
C ALA A 594 -2.09 -45.78 6.01
N ALA A 595 -2.79 -45.48 4.91
CA ALA A 595 -2.48 -46.04 3.62
C ALA A 595 -1.08 -45.67 3.12
N MET A 596 -0.70 -44.41 3.23
CA MET A 596 0.61 -44.07 2.79
C MET A 596 1.68 -44.69 3.69
N THR A 597 1.41 -44.73 4.98
CA THR A 597 2.37 -45.31 5.89
C THR A 597 2.54 -46.75 5.51
N ARG A 598 1.44 -47.43 5.27
CA ARG A 598 1.58 -48.83 4.98
C ARG A 598 2.43 -49.01 3.71
N LEU A 599 2.08 -48.30 2.62
CA LEU A 599 2.89 -48.31 1.41
C LEU A 599 4.35 -48.10 1.72
N PHE A 600 4.67 -47.02 2.38
CA PHE A 600 6.07 -46.76 2.65
C PHE A 600 6.71 -47.87 3.48
N SER A 601 5.92 -48.65 4.20
CA SER A 601 6.46 -49.77 4.96
C SER A 601 6.85 -50.94 4.11
N MET A 602 6.37 -51.01 2.88
CA MET A 602 6.64 -52.18 2.03
C MET A 602 7.92 -52.02 1.23
N ASP A 603 8.85 -52.96 1.35
CA ASP A 603 10.15 -52.83 0.68
C ASP A 603 9.96 -52.87 -0.81
N TRP A 604 9.05 -53.72 -1.26
CA TRP A 604 8.80 -53.78 -2.67
C TRP A 604 8.51 -52.38 -3.17
N TYR A 605 7.63 -51.67 -2.45
CA TYR A 605 7.16 -50.40 -2.92
C TYR A 605 8.21 -49.33 -2.70
N ARG A 606 8.79 -49.26 -1.50
CA ARG A 606 9.82 -48.25 -1.21
C ARG A 606 10.88 -48.24 -2.26
N ASN A 607 11.27 -49.42 -2.69
CA ASN A 607 12.31 -49.50 -3.68
C ASN A 607 11.84 -49.15 -5.12
N ARG A 608 10.58 -49.38 -5.45
CA ARG A 608 10.11 -49.03 -6.78
C ARG A 608 10.03 -47.52 -6.93
N ILE A 609 9.56 -46.82 -5.91
CA ILE A 609 9.30 -45.40 -6.07
C ILE A 609 10.53 -44.55 -5.95
N ASP A 610 11.59 -45.13 -5.41
CA ASP A 610 12.92 -44.52 -5.49
C ASP A 610 12.97 -43.15 -4.82
N GLY A 611 12.43 -43.06 -3.62
CA GLY A 611 12.48 -41.83 -2.86
C GLY A 611 11.40 -40.81 -3.16
N LYS A 612 10.54 -41.06 -4.15
CA LYS A 612 9.52 -40.07 -4.56
C LYS A 612 8.07 -40.63 -4.57
N GLN A 613 7.14 -39.90 -3.92
CA GLN A 613 5.70 -40.20 -3.98
C GLN A 613 4.92 -38.93 -4.28
N GLU A 614 3.96 -39.04 -5.19
CA GLU A 614 3.04 -37.95 -5.43
C GLU A 614 1.64 -38.38 -4.97
N VAL A 615 0.94 -37.49 -4.27
CA VAL A 615 -0.44 -37.76 -3.86
C VAL A 615 -1.33 -36.67 -4.41
N MET A 616 -2.52 -37.02 -4.89
CA MET A 616 -3.41 -36.00 -5.43
C MET A 616 -4.49 -35.67 -4.43
N ILE A 617 -4.94 -34.40 -4.42
CA ILE A 617 -6.12 -33.97 -3.71
C ILE A 617 -7.06 -33.14 -4.59
N GLY A 618 -8.36 -33.11 -4.27
CA GLY A 618 -9.34 -32.38 -5.07
C GLY A 618 -10.38 -31.66 -4.23
N TYR A 619 -10.08 -30.42 -3.91
CA TYR A 619 -10.98 -29.49 -3.30
C TYR A 619 -12.43 -29.63 -3.75
N SER A 620 -12.77 -29.51 -5.03
CA SER A 620 -14.16 -29.70 -5.40
C SER A 620 -14.70 -31.02 -5.00
N ASP A 621 -13.92 -32.07 -5.25
CA ASP A 621 -14.36 -33.43 -4.94
C ASP A 621 -14.68 -33.54 -3.47
N SER A 622 -13.69 -33.26 -2.62
CA SER A 622 -13.86 -33.37 -1.17
C SER A 622 -14.94 -32.45 -0.65
N GLY A 623 -15.03 -31.25 -1.22
CA GLY A 623 -16.09 -30.32 -0.84
C GLY A 623 -17.47 -30.76 -1.29
N LYS A 624 -17.56 -31.68 -2.26
CA LYS A 624 -18.87 -32.18 -2.63
C LYS A 624 -19.35 -33.12 -1.56
N ASP A 625 -18.38 -33.77 -0.90
CA ASP A 625 -18.66 -34.70 0.21
C ASP A 625 -19.06 -34.00 1.50
N ALA A 626 -18.36 -32.93 1.88
CA ALA A 626 -18.47 -32.40 3.22
C ALA A 626 -18.59 -30.90 3.35
N GLY A 627 -18.79 -30.19 2.25
CA GLY A 627 -18.82 -28.75 2.25
C GLY A 627 -17.44 -28.19 1.94
N ARG A 628 -17.43 -26.97 1.41
CA ARG A 628 -16.17 -26.39 1.01
C ARG A 628 -15.29 -26.12 2.25
N PHE A 629 -15.87 -25.50 3.28
CA PHE A 629 -15.15 -25.21 4.54
C PHE A 629 -14.45 -26.44 5.16
N SER A 630 -15.22 -27.46 5.53
CA SER A 630 -14.58 -28.64 6.16
C SER A 630 -13.54 -29.31 5.22
N ALA A 631 -13.85 -29.34 3.95
CA ALA A 631 -12.87 -29.86 2.99
C ALA A 631 -11.56 -29.02 2.99
N ALA A 632 -11.69 -27.70 3.04
CA ALA A 632 -10.50 -26.83 3.00
C ALA A 632 -9.62 -27.23 4.19
N TRP A 633 -10.24 -27.27 5.38
CA TRP A 633 -9.48 -27.46 6.58
C TRP A 633 -8.89 -28.84 6.63
N GLN A 634 -9.70 -29.84 6.29
CA GLN A 634 -9.21 -31.19 6.28
C GLN A 634 -8.00 -31.35 5.36
N LEU A 635 -8.04 -30.67 4.23
CA LEU A 635 -6.96 -30.82 3.28
C LEU A 635 -5.68 -30.18 3.82
N TYR A 636 -5.81 -29.10 4.58
CA TYR A 636 -4.66 -28.52 5.21
C TYR A 636 -4.01 -29.59 6.10
N LYS A 637 -4.82 -30.26 6.92
CA LYS A 637 -4.27 -31.16 7.91
C LYS A 637 -3.69 -32.39 7.24
N THR A 638 -4.47 -32.98 6.33
CA THR A 638 -4.01 -34.17 5.58
C THR A 638 -2.64 -33.95 4.94
N GLN A 639 -2.47 -32.83 4.26
CA GLN A 639 -1.17 -32.50 3.74
C GLN A 639 -0.10 -32.46 4.83
N GLU A 640 -0.41 -31.80 5.93
CA GLU A 640 0.55 -31.75 7.01
C GLU A 640 0.94 -33.17 7.43
N GLN A 641 -0.04 -34.06 7.57
CA GLN A 641 0.24 -35.38 8.14
C GLN A 641 1.03 -36.20 7.13
N ILE A 642 0.60 -36.13 5.88
CA ILE A 642 1.29 -36.88 4.86
C ILE A 642 2.70 -36.39 4.65
N VAL A 643 2.89 -35.08 4.68
CA VAL A 643 4.26 -34.54 4.69
C VAL A 643 5.09 -35.18 5.81
N LYS A 644 4.56 -35.13 7.02
CA LYS A 644 5.28 -35.67 8.20
C LYS A 644 5.62 -37.11 7.96
N ILE A 645 4.64 -37.87 7.49
CA ILE A 645 4.87 -39.26 7.21
C ILE A 645 5.93 -39.50 6.13
N ALA A 646 5.87 -38.79 5.02
CA ALA A 646 6.94 -38.93 4.03
C ALA A 646 8.30 -38.57 4.63
N LYS A 647 8.34 -37.50 5.41
CA LYS A 647 9.63 -37.09 5.99
C LYS A 647 10.21 -38.27 6.78
N GLU A 648 9.37 -38.96 7.57
CA GLU A 648 9.83 -40.02 8.46
C GLU A 648 10.40 -41.19 7.71
N PHE A 649 9.87 -41.45 6.53
CA PHE A 649 10.31 -42.58 5.72
C PHE A 649 11.33 -42.18 4.65
N GLY A 650 11.84 -40.97 4.67
CA GLY A 650 12.79 -40.55 3.68
C GLY A 650 12.17 -40.41 2.31
N VAL A 651 10.91 -40.00 2.22
CA VAL A 651 10.29 -39.87 0.93
C VAL A 651 9.97 -38.42 0.59
N LYS A 652 10.38 -37.97 -0.61
CA LYS A 652 10.06 -36.64 -1.13
C LYS A 652 8.63 -36.72 -1.65
N LEU A 653 7.76 -35.88 -1.13
CA LEU A 653 6.35 -36.03 -1.36
C LEU A 653 5.96 -34.86 -2.23
N VAL A 654 5.24 -35.10 -3.32
CA VAL A 654 4.70 -34.03 -4.10
C VAL A 654 3.16 -34.09 -4.00
N ILE A 655 2.54 -32.94 -3.81
CA ILE A 655 1.10 -32.89 -3.67
C ILE A 655 0.56 -32.33 -4.97
N PHE A 656 -0.28 -33.09 -5.65
CA PHE A 656 -0.77 -32.64 -6.94
C PHE A 656 -2.09 -31.98 -6.66
N HIS A 657 -2.16 -30.67 -6.89
CA HIS A 657 -3.40 -29.95 -6.65
C HIS A 657 -4.39 -30.10 -7.77
N GLY A 658 -5.40 -30.90 -7.48
CA GLY A 658 -6.51 -31.06 -8.40
C GLY A 658 -7.33 -29.81 -8.42
N ARG A 659 -8.42 -29.82 -9.17
CA ARG A 659 -9.27 -28.64 -9.28
C ARG A 659 -10.09 -28.25 -8.05
N GLY A 660 -10.33 -26.96 -7.98
CA GLY A 660 -11.17 -26.36 -6.97
C GLY A 660 -10.43 -25.47 -6.02
N GLY A 661 -9.11 -25.55 -5.98
CA GLY A 661 -8.37 -24.79 -4.99
C GLY A 661 -8.48 -23.27 -5.10
N THR A 662 -8.04 -22.64 -4.03
CA THR A 662 -7.71 -21.22 -4.09
C THR A 662 -6.54 -21.04 -5.05
N VAL A 663 -5.82 -22.14 -5.22
CA VAL A 663 -4.55 -22.18 -5.89
C VAL A 663 -4.75 -22.34 -7.38
N GLY A 664 -5.99 -22.59 -7.80
CA GLY A 664 -6.33 -22.67 -9.22
C GLY A 664 -7.16 -21.50 -9.67
N ARG A 665 -7.04 -20.39 -8.95
CA ARG A 665 -7.81 -19.21 -9.27
C ARG A 665 -7.22 -18.47 -10.49
N GLY A 666 -5.91 -18.54 -10.69
CA GLY A 666 -5.29 -17.65 -11.67
C GLY A 666 -5.26 -16.18 -11.23
N GLY A 667 -4.23 -15.48 -11.66
CA GLY A 667 -3.95 -14.17 -11.15
C GLY A 667 -3.23 -14.22 -9.82
N GLY A 668 -3.10 -13.02 -9.26
CA GLY A 668 -2.43 -12.81 -7.99
C GLY A 668 -2.93 -13.79 -6.95
N PRO A 669 -4.25 -14.00 -6.89
CA PRO A 669 -4.70 -14.80 -5.79
C PRO A 669 -4.00 -16.16 -5.75
N THR A 670 -3.56 -16.61 -6.92
CA THR A 670 -2.84 -17.87 -6.98
C THR A 670 -1.54 -17.67 -6.23
N HIS A 671 -0.93 -16.50 -6.43
CA HIS A 671 0.34 -16.19 -5.77
C HIS A 671 0.24 -16.44 -4.25
N LEU A 672 -0.69 -15.75 -3.59
CA LEU A 672 -0.85 -15.89 -2.15
C LEU A 672 -1.30 -17.28 -1.83
N ALA A 673 -2.28 -17.80 -2.58
CA ALA A 673 -2.69 -19.19 -2.31
C ALA A 673 -1.50 -20.13 -2.20
N LEU A 674 -0.57 -20.04 -3.14
CA LEU A 674 0.58 -20.94 -3.05
C LEU A 674 1.42 -20.69 -1.79
N LEU A 675 1.60 -19.41 -1.44
CA LEU A 675 2.41 -19.09 -0.26
C LEU A 675 1.67 -19.50 1.04
N SER A 676 0.35 -19.68 0.95
CA SER A 676 -0.50 -19.99 2.07
C SER A 676 -0.49 -21.47 2.44
N GLN A 677 0.02 -22.32 1.53
CA GLN A 677 0.12 -23.76 1.74
C GLN A 677 0.82 -24.13 3.02
N PRO A 678 0.45 -25.28 3.61
CA PRO A 678 1.11 -25.76 4.81
C PRO A 678 2.59 -25.92 4.61
N PRO A 679 3.39 -25.67 5.64
CA PRO A 679 4.84 -25.71 5.51
C PRO A 679 5.33 -27.00 4.95
N ASP A 680 6.35 -26.97 4.11
CA ASP A 680 7.00 -28.18 3.55
C ASP A 680 6.15 -29.01 2.58
N THR A 681 4.94 -28.56 2.24
CA THR A 681 4.12 -29.26 1.25
C THR A 681 4.54 -29.06 -0.22
N ILE A 682 5.31 -28.03 -0.51
CA ILE A 682 5.78 -27.84 -1.89
C ILE A 682 7.19 -28.35 -2.01
N ASN A 683 8.03 -27.96 -1.08
CA ASN A 683 9.37 -28.46 -1.06
C ASN A 683 10.02 -28.59 -2.45
N GLY A 684 10.04 -27.49 -3.18
CA GLY A 684 10.70 -27.46 -4.46
C GLY A 684 9.95 -28.07 -5.64
N SER A 685 8.77 -28.63 -5.41
CA SER A 685 8.01 -29.29 -6.50
C SER A 685 6.52 -29.01 -6.39
N LEU A 686 6.05 -28.18 -7.30
CA LEU A 686 4.67 -27.82 -7.42
C LEU A 686 4.12 -28.59 -8.60
N ARG A 687 2.91 -29.09 -8.38
CA ARG A 687 2.14 -29.66 -9.43
C ARG A 687 0.72 -29.20 -9.24
N VAL A 688 0.21 -28.43 -10.20
CA VAL A 688 -1.19 -28.01 -10.10
C VAL A 688 -1.97 -28.08 -11.40
N THR A 689 -3.25 -28.41 -11.27
CA THR A 689 -4.23 -28.38 -12.33
C THR A 689 -4.44 -26.96 -12.76
N VAL A 690 -4.46 -26.68 -14.04
CA VAL A 690 -4.91 -25.38 -14.56
C VAL A 690 -6.24 -25.65 -15.17
N GLN A 691 -7.29 -25.26 -14.46
CA GLN A 691 -8.64 -25.58 -14.88
C GLN A 691 -8.90 -24.95 -16.23
N GLY A 692 -9.49 -25.72 -17.11
CA GLY A 692 -9.89 -25.24 -18.43
C GLY A 692 -10.57 -23.89 -18.43
N GLU A 693 -11.49 -23.67 -17.49
CA GLU A 693 -12.25 -22.41 -17.46
C GLU A 693 -11.38 -21.23 -17.02
N VAL A 694 -10.07 -21.45 -16.90
CA VAL A 694 -9.13 -20.42 -16.46
C VAL A 694 -7.92 -20.26 -17.41
N ILE A 695 -7.80 -21.16 -18.39
CA ILE A 695 -6.65 -21.21 -19.29
C ILE A 695 -6.58 -19.93 -20.10
N GLU A 696 -7.69 -19.44 -20.63
CA GLU A 696 -7.67 -18.13 -21.29
C GLU A 696 -7.13 -16.98 -20.41
N GLN A 697 -7.70 -16.79 -19.22
CA GLN A 697 -7.20 -15.72 -18.35
C GLN A 697 -5.73 -15.93 -18.06
N SER A 698 -5.36 -17.17 -17.78
CA SER A 698 -4.00 -17.38 -17.35
C SER A 698 -2.99 -17.21 -18.46
N PHE A 699 -3.34 -17.65 -19.68
CA PHE A 699 -2.35 -17.76 -20.74
C PHE A 699 -2.63 -17.02 -22.03
N GLY A 700 -3.86 -16.62 -22.30
CA GLY A 700 -4.19 -16.14 -23.64
C GLY A 700 -3.59 -14.83 -24.12
N GLU A 701 -2.90 -14.12 -23.25
CA GLU A 701 -2.37 -12.82 -23.58
C GLU A 701 -0.92 -12.80 -23.10
N GLU A 702 0.01 -12.32 -23.93
CA GLU A 702 1.39 -12.59 -23.58
C GLU A 702 1.82 -12.12 -22.19
N HIS A 703 1.37 -10.94 -21.76
CA HIS A 703 1.72 -10.42 -20.43
C HIS A 703 1.14 -11.28 -19.32
N LEU A 704 -0.14 -11.63 -19.41
CA LEU A 704 -0.72 -12.49 -18.38
C LEU A 704 -0.06 -13.86 -18.37
N CYS A 705 0.23 -14.36 -19.56
CA CYS A 705 0.94 -15.64 -19.70
C CYS A 705 2.22 -15.60 -18.91
N PHE A 706 2.97 -14.54 -19.13
CA PHE A 706 4.24 -14.34 -18.48
C PHE A 706 4.12 -14.24 -16.95
N ARG A 707 3.15 -13.48 -16.49
CA ARG A 707 3.00 -13.32 -15.06
C ARG A 707 2.45 -14.57 -14.36
N THR A 708 1.60 -15.32 -15.08
CA THR A 708 1.18 -16.63 -14.57
C THR A 708 2.40 -17.48 -14.31
N LEU A 709 3.28 -17.57 -15.31
CA LEU A 709 4.44 -18.43 -15.18
C LEU A 709 5.27 -17.90 -14.07
N GLN A 710 5.34 -16.58 -14.01
CA GLN A 710 6.17 -15.91 -13.05
C GLN A 710 5.78 -16.23 -11.61
N ARG A 711 4.50 -16.09 -11.29
CA ARG A 711 4.09 -16.30 -9.91
C ARG A 711 4.16 -17.73 -9.45
N PHE A 712 3.79 -18.65 -10.33
CA PHE A 712 3.99 -20.06 -10.04
C PHE A 712 5.45 -20.27 -9.66
N CYS A 713 6.39 -19.70 -10.39
CA CYS A 713 7.80 -19.98 -10.10
C CYS A 713 8.26 -19.26 -8.84
N ALA A 714 7.86 -18.01 -8.70
CA ALA A 714 8.25 -17.24 -7.54
C ALA A 714 7.70 -17.82 -6.21
N ALA A 715 6.40 -18.13 -6.21
CA ALA A 715 5.76 -18.55 -4.98
C ALA A 715 6.38 -19.88 -4.52
N THR A 716 6.53 -20.79 -5.47
CA THR A 716 7.07 -22.08 -5.22
C THR A 716 8.41 -21.89 -4.55
N LEU A 717 9.28 -21.14 -5.20
CA LEU A 717 10.60 -20.82 -4.64
C LEU A 717 10.54 -20.23 -3.23
N GLU A 718 9.71 -19.22 -3.03
CA GLU A 718 9.69 -18.54 -1.74
C GLU A 718 9.29 -19.49 -0.60
N HIS A 719 8.26 -20.28 -0.86
CA HIS A 719 7.61 -21.09 0.15
C HIS A 719 8.55 -22.01 0.85
N GLY A 720 9.40 -22.69 0.09
CA GLY A 720 10.35 -23.61 0.70
C GLY A 720 11.32 -22.94 1.62
N MET A 721 11.43 -21.62 1.53
CA MET A 721 12.37 -20.89 2.36
C MET A 721 11.69 -19.92 3.27
N ASN A 722 10.35 -19.87 3.22
CA ASN A 722 9.59 -18.87 3.93
C ASN A 722 8.15 -19.30 4.07
N PRO A 723 7.94 -20.37 4.82
CA PRO A 723 6.57 -20.85 5.02
C PRO A 723 5.70 -19.84 5.71
N PRO A 724 4.39 -19.99 5.57
CA PRO A 724 3.50 -19.19 6.35
C PRO A 724 3.56 -19.61 7.81
N ILE A 725 3.08 -18.75 8.70
CA ILE A 725 3.02 -19.13 10.10
C ILE A 725 2.11 -20.30 10.29
N SER A 726 2.38 -21.04 11.35
CA SER A 726 1.56 -22.19 11.67
C SER A 726 0.38 -21.74 12.51
N PRO A 727 -0.74 -22.40 12.32
CA PRO A 727 -1.89 -21.92 13.03
C PRO A 727 -1.68 -22.06 14.53
N ARG A 728 -2.12 -21.06 15.28
CA ARG A 728 -2.20 -21.15 16.73
C ARG A 728 -3.14 -22.27 17.16
N PRO A 729 -2.84 -22.90 18.30
CA PRO A 729 -3.64 -24.09 18.66
C PRO A 729 -5.14 -23.77 18.87
N GLU A 730 -5.42 -22.61 19.47
CA GLU A 730 -6.80 -22.08 19.53
C GLU A 730 -7.45 -22.15 18.15
N TRP A 731 -6.72 -21.69 17.13
CA TRP A 731 -7.24 -21.71 15.76
C TRP A 731 -7.53 -23.13 15.28
N ARG A 732 -6.54 -24.03 15.34
CA ARG A 732 -6.85 -25.43 15.03
C ARG A 732 -8.11 -25.85 15.73
N GLU A 733 -8.22 -25.49 17.01
CA GLU A 733 -9.30 -26.04 17.84
C GLU A 733 -10.63 -25.49 17.34
N LEU A 734 -10.66 -24.22 16.99
CA LEU A 734 -11.91 -23.64 16.61
C LEU A 734 -12.29 -24.15 15.22
N MET A 735 -11.25 -24.39 14.42
CA MET A 735 -11.41 -24.83 13.02
C MET A 735 -11.99 -26.26 13.05
N ASP A 736 -11.42 -27.12 13.88
CA ASP A 736 -12.01 -28.45 14.13
C ASP A 736 -13.48 -28.34 14.54
N GLN A 737 -13.80 -27.43 15.46
CA GLN A 737 -15.19 -27.30 15.97
C GLN A 737 -16.12 -26.85 14.83
N MET A 738 -15.67 -25.87 14.04
CA MET A 738 -16.48 -25.33 12.94
C MET A 738 -16.67 -26.34 11.81
N ALA A 739 -15.64 -27.15 11.60
CA ALA A 739 -15.72 -28.16 10.57
C ALA A 739 -16.91 -29.14 10.76
N VAL A 740 -17.08 -29.61 11.98
CA VAL A 740 -18.18 -30.50 12.30
C VAL A 740 -19.54 -29.86 12.01
N VAL A 741 -19.70 -28.63 12.47
CA VAL A 741 -20.96 -27.94 12.29
C VAL A 741 -21.23 -27.71 10.80
N ALA A 742 -20.18 -27.25 10.09
CA ALA A 742 -20.32 -26.97 8.67
C ALA A 742 -20.68 -28.23 7.91
N THR A 743 -19.95 -29.31 8.19
CA THR A 743 -20.21 -30.58 7.50
C THR A 743 -21.66 -31.02 7.83
N GLU A 744 -22.05 -30.89 9.11
CA GLU A 744 -23.43 -31.20 9.53
C GLU A 744 -24.42 -30.39 8.70
N GLU A 745 -24.23 -29.09 8.61
CA GLU A 745 -25.18 -28.30 7.85
C GLU A 745 -25.20 -28.73 6.41
N TYR A 746 -24.00 -28.83 5.80
CA TYR A 746 -23.91 -29.19 4.38
C TYR A 746 -24.59 -30.50 4.09
N ARG A 747 -24.37 -31.49 4.94
CA ARG A 747 -24.91 -32.81 4.67
C ARG A 747 -26.41 -32.84 4.95
N SER A 748 -26.82 -32.08 5.97
CA SER A 748 -28.26 -31.95 6.33
C SER A 748 -29.08 -31.57 5.14
N VAL A 749 -28.57 -30.58 4.41
CA VAL A 749 -29.26 -30.00 3.30
C VAL A 749 -29.14 -30.82 2.02
N VAL A 750 -27.95 -31.30 1.74
CA VAL A 750 -27.68 -31.96 0.47
C VAL A 750 -28.03 -33.43 0.48
N PHE A 751 -27.65 -34.14 1.54
CA PHE A 751 -27.89 -35.59 1.56
C PHE A 751 -29.07 -35.98 2.41
N LYS A 752 -29.20 -35.37 3.58
CA LYS A 752 -30.25 -35.81 4.53
C LYS A 752 -31.63 -35.34 4.12
N GLU A 753 -31.78 -34.10 3.70
CA GLU A 753 -33.10 -33.58 3.28
C GLU A 753 -33.64 -34.22 2.00
N PRO A 754 -34.78 -34.94 2.07
CA PRO A 754 -35.24 -35.72 0.90
C PRO A 754 -35.85 -34.86 -0.17
N ARG A 755 -36.13 -33.62 0.15
CA ARG A 755 -36.68 -32.70 -0.83
C ARG A 755 -35.59 -32.14 -1.79
N PHE A 756 -34.32 -32.30 -1.41
CA PHE A 756 -33.27 -31.55 -2.04
C PHE A 756 -33.06 -31.85 -3.52
N VAL A 757 -32.99 -33.12 -3.85
CA VAL A 757 -32.76 -33.50 -5.23
C VAL A 757 -33.88 -33.03 -6.14
N GLU A 758 -35.15 -33.20 -5.76
CA GLU A 758 -36.23 -32.58 -6.58
C GLU A 758 -36.01 -31.06 -6.72
N TYR A 759 -35.42 -30.42 -5.71
CA TYR A 759 -35.26 -28.99 -5.79
C TYR A 759 -34.20 -28.69 -6.84
N PHE A 760 -33.02 -29.23 -6.59
CA PHE A 760 -31.93 -29.20 -7.51
C PHE A 760 -32.38 -29.46 -8.96
N ARG A 761 -33.10 -30.55 -9.17
CA ARG A 761 -33.51 -30.92 -10.52
C ARG A 761 -34.37 -29.86 -11.18
N LEU A 762 -35.03 -29.03 -10.38
CA LEU A 762 -35.96 -28.04 -10.90
C LEU A 762 -35.37 -26.67 -11.00
N ALA A 763 -34.48 -26.31 -10.08
CA ALA A 763 -34.08 -24.91 -9.90
C ALA A 763 -32.84 -24.54 -10.67
N THR A 764 -32.46 -25.43 -11.57
CA THR A 764 -31.09 -25.62 -12.00
C THR A 764 -31.18 -26.37 -13.30
N PRO A 765 -30.35 -26.00 -14.27
CA PRO A 765 -30.28 -26.69 -15.57
C PRO A 765 -29.51 -28.05 -15.56
N GLU A 766 -29.18 -28.54 -14.38
CA GLU A 766 -28.40 -29.73 -14.15
C GLU A 766 -28.85 -30.91 -14.99
N LEU A 767 -30.15 -31.22 -15.02
CA LEU A 767 -30.61 -32.31 -15.85
C LEU A 767 -30.27 -32.02 -17.31
N GLU A 768 -30.60 -30.84 -17.80
CA GLU A 768 -30.38 -30.52 -19.21
C GLU A 768 -28.89 -30.49 -19.61
N PHE A 769 -28.03 -29.99 -18.74
CA PHE A 769 -26.58 -30.15 -18.88
C PHE A 769 -26.27 -31.61 -19.13
N GLY A 770 -26.92 -32.50 -18.35
CA GLY A 770 -26.72 -33.98 -18.38
C GLY A 770 -27.07 -34.71 -19.68
N ARG A 771 -27.79 -34.05 -20.59
CA ARG A 771 -27.77 -34.34 -22.03
C ARG A 771 -26.73 -33.35 -22.72
N MET A 772 -25.46 -33.54 -22.36
CA MET A 772 -24.30 -32.79 -22.89
C MET A 772 -24.47 -32.26 -24.33
N SER A 776 -20.44 -32.99 -22.11
CA SER A 776 -19.01 -33.33 -22.15
C SER A 776 -18.80 -34.83 -21.95
N ARG A 777 -19.36 -35.36 -20.86
CA ARG A 777 -19.20 -36.76 -20.45
C ARG A 777 -20.29 -37.09 -19.42
N PRO A 778 -20.72 -38.37 -19.33
CA PRO A 778 -21.74 -38.76 -18.33
C PRO A 778 -21.53 -38.19 -16.89
N SER A 779 -22.35 -37.19 -16.52
CA SER A 779 -22.19 -36.47 -15.23
C SER A 779 -22.66 -37.26 -13.98
N LYS A 780 -23.27 -38.43 -14.22
CA LYS A 780 -23.60 -39.40 -13.19
C LYS A 780 -22.84 -40.73 -13.41
N ARG A 781 -21.81 -40.95 -12.58
CA ARG A 781 -21.03 -42.21 -12.57
C ARG A 781 -21.76 -43.35 -11.86
N PRO A 783 -25.86 -43.81 -14.22
CA PRO A 783 -27.28 -43.89 -13.90
C PRO A 783 -27.64 -44.30 -12.44
N SER A 784 -26.67 -44.28 -11.53
CA SER A 784 -26.84 -44.81 -10.13
C SER A 784 -27.88 -44.03 -9.29
N GLY A 785 -27.91 -42.71 -9.44
CA GLY A 785 -28.90 -41.85 -8.78
C GLY A 785 -28.35 -41.22 -7.52
N GLY A 786 -28.61 -39.91 -7.36
CA GLY A 786 -28.30 -39.17 -6.14
C GLY A 786 -27.14 -38.21 -6.31
N ILE A 787 -26.89 -37.36 -5.31
CA ILE A 787 -25.79 -36.39 -5.41
C ILE A 787 -24.41 -37.03 -5.24
N GLU A 788 -24.29 -37.92 -4.26
CA GLU A 788 -23.05 -38.68 -4.06
C GLU A 788 -22.60 -39.33 -5.40
N SER A 789 -23.56 -39.65 -6.25
CA SER A 789 -23.26 -40.24 -7.53
C SER A 789 -22.86 -39.17 -8.52
N LEU A 790 -23.44 -38.00 -8.41
CA LEU A 790 -23.18 -36.94 -9.39
C LEU A 790 -21.75 -36.49 -9.29
N ARG A 791 -21.10 -36.24 -10.42
CA ARG A 791 -19.72 -35.77 -10.40
C ARG A 791 -19.63 -34.31 -10.03
N ALA A 792 -18.43 -33.89 -9.62
CA ALA A 792 -18.27 -32.57 -9.03
C ALA A 792 -18.42 -31.35 -10.02
N ILE A 793 -17.83 -31.45 -11.21
CA ILE A 793 -17.95 -30.39 -12.19
C ILE A 793 -19.41 -30.00 -12.40
N PRO A 794 -20.27 -30.97 -12.71
CA PRO A 794 -21.71 -30.73 -12.86
C PRO A 794 -22.35 -30.07 -11.65
N TRP A 795 -22.00 -30.59 -10.50
CA TRP A 795 -22.46 -30.07 -9.25
C TRP A 795 -22.15 -28.60 -9.19
N ILE A 796 -20.87 -28.24 -9.36
CA ILE A 796 -20.47 -26.84 -9.30
C ILE A 796 -21.15 -26.00 -10.38
N PHE A 797 -21.20 -26.55 -11.57
CA PHE A 797 -21.62 -25.85 -12.73
C PHE A 797 -23.10 -25.52 -12.70
N SER A 798 -23.91 -26.49 -12.32
CA SER A 798 -25.35 -26.25 -12.21
C SER A 798 -25.71 -25.03 -11.36
N TRP A 799 -25.11 -24.91 -10.19
CA TRP A 799 -25.42 -23.82 -9.31
C TRP A 799 -24.70 -22.53 -9.67
N THR A 800 -23.75 -22.61 -10.61
CA THR A 800 -23.07 -21.43 -11.07
C THR A 800 -23.93 -20.78 -12.13
N GLN A 801 -24.44 -21.59 -13.02
CA GLN A 801 -25.37 -21.11 -14.01
C GLN A 801 -26.38 -20.21 -13.35
N THR A 802 -26.88 -20.71 -12.23
CA THR A 802 -27.99 -20.10 -11.52
C THR A 802 -27.63 -18.89 -10.66
N ARG A 803 -26.34 -18.53 -10.64
CA ARG A 803 -25.83 -17.39 -9.80
C ARG A 803 -25.97 -17.55 -8.29
N PHE A 804 -26.22 -18.77 -7.82
CA PHE A 804 -26.54 -19.02 -6.44
C PHE A 804 -25.36 -19.66 -5.75
N HIS A 805 -24.63 -20.52 -6.45
CA HIS A 805 -23.35 -21.02 -5.94
C HIS A 805 -23.31 -21.82 -4.66
N LEU A 806 -24.43 -22.42 -4.32
CA LEU A 806 -24.55 -23.26 -3.13
C LEU A 806 -23.32 -24.13 -2.83
N PRO A 807 -22.73 -24.77 -3.85
CA PRO A 807 -21.68 -25.68 -3.44
C PRO A 807 -20.51 -25.00 -2.81
N VAL A 808 -20.37 -23.71 -2.99
CA VAL A 808 -19.15 -23.07 -2.55
C VAL A 808 -19.22 -22.55 -1.11
N TRP A 809 -20.38 -22.04 -0.68
CA TRP A 809 -20.53 -21.43 0.65
C TRP A 809 -21.29 -22.23 1.71
N LEU A 810 -22.19 -23.10 1.27
CA LEU A 810 -23.02 -23.80 2.21
C LEU A 810 -22.21 -24.49 3.30
N GLY A 811 -22.51 -24.09 4.52
CA GLY A 811 -21.90 -24.67 5.72
C GLY A 811 -21.01 -23.63 6.36
N PHE A 812 -20.56 -22.64 5.60
CA PHE A 812 -19.75 -21.58 6.21
C PHE A 812 -20.60 -20.81 7.24
N GLY A 813 -21.89 -20.63 6.93
CA GLY A 813 -22.76 -19.83 7.76
C GLY A 813 -23.04 -20.46 9.12
N ALA A 814 -23.35 -21.75 9.10
CA ALA A 814 -23.57 -22.49 10.35
C ALA A 814 -22.29 -22.47 11.18
N ALA A 815 -21.19 -22.76 10.51
CA ALA A 815 -19.92 -22.74 11.19
C ALA A 815 -19.63 -21.38 11.85
N PHE A 816 -19.81 -20.29 11.10
CA PHE A 816 -19.54 -18.98 11.66
C PHE A 816 -20.50 -18.62 12.77
N LYS A 817 -21.79 -18.80 12.50
CA LYS A 817 -22.83 -18.48 13.48
C LYS A 817 -22.64 -19.23 14.79
N HIS A 818 -22.47 -20.54 14.68
CA HIS A 818 -22.27 -21.32 15.87
C HIS A 818 -21.00 -20.87 16.62
N ALA A 819 -19.91 -20.60 15.94
CA ALA A 819 -18.71 -20.21 16.67
C ALA A 819 -18.85 -18.87 17.41
N ILE A 820 -19.56 -17.92 16.81
CA ILE A 820 -19.79 -16.63 17.44
C ILE A 820 -20.80 -16.74 18.57
N GLN A 821 -21.92 -17.42 18.32
CA GLN A 821 -22.90 -17.64 19.40
C GLN A 821 -22.41 -18.46 20.60
N LYS A 822 -21.50 -19.38 20.38
CA LYS A 822 -20.87 -20.04 21.50
C LYS A 822 -20.05 -19.04 22.28
N ASP A 823 -19.54 -18.00 21.65
CA ASP A 823 -18.60 -17.14 22.37
C ASP A 823 -18.18 -15.97 21.52
N SER A 824 -18.62 -14.76 21.90
CA SER A 824 -18.47 -13.59 21.04
C SER A 824 -17.00 -13.26 20.76
N LYS A 825 -16.12 -13.57 21.72
CA LYS A 825 -14.66 -13.49 21.49
C LYS A 825 -14.15 -14.26 20.22
N ASN A 826 -14.95 -15.16 19.68
CA ASN A 826 -14.53 -15.92 18.50
C ASN A 826 -14.47 -15.03 17.28
N LEU A 827 -15.41 -14.09 17.20
CA LEU A 827 -15.39 -13.12 16.13
C LEU A 827 -14.00 -12.50 16.03
N GLN A 828 -13.45 -12.12 17.18
CA GLN A 828 -12.14 -11.51 17.20
C GLN A 828 -11.13 -12.49 16.71
N MET A 829 -11.23 -13.71 17.20
CA MET A 829 -10.30 -14.73 16.77
C MET A 829 -10.39 -14.93 15.24
N LEU A 830 -11.60 -15.16 14.73
CA LEU A 830 -11.81 -15.29 13.29
C LEU A 830 -11.20 -14.13 12.51
N GLN A 831 -11.41 -12.91 13.00
CA GLN A 831 -10.84 -11.79 12.32
C GLN A 831 -9.31 -11.81 12.37
N GLU A 832 -8.75 -12.23 13.50
CA GLU A 832 -7.29 -12.27 13.61
C GLU A 832 -6.78 -13.32 12.61
N MET A 833 -7.59 -14.36 12.44
CA MET A 833 -7.25 -15.39 11.52
C MET A 833 -7.27 -14.87 10.07
N TYR A 834 -8.33 -14.16 9.73
CA TYR A 834 -8.37 -13.50 8.44
C TYR A 834 -7.24 -12.53 8.27
N LYS A 835 -6.84 -11.82 9.31
CA LYS A 835 -5.73 -10.88 9.13
C LYS A 835 -4.34 -11.52 9.06
N THR A 836 -4.18 -12.64 9.70
CA THR A 836 -2.83 -13.10 10.02
C THR A 836 -2.50 -14.48 9.48
N TRP A 837 -3.52 -15.27 9.15
CA TRP A 837 -3.30 -16.65 8.73
C TRP A 837 -3.59 -16.82 7.23
N PRO A 838 -2.54 -16.87 6.41
CA PRO A 838 -2.77 -16.89 4.98
C PRO A 838 -3.83 -17.89 4.52
N PHE A 839 -3.69 -19.15 4.92
CA PHE A 839 -4.69 -20.17 4.60
C PHE A 839 -6.09 -19.64 4.79
N PHE A 840 -6.33 -19.08 5.97
CA PHE A 840 -7.66 -18.63 6.30
C PHE A 840 -8.07 -17.50 5.40
N ARG A 841 -7.13 -16.61 5.16
CA ARG A 841 -7.45 -15.43 4.37
C ARG A 841 -7.89 -15.91 2.97
N VAL A 842 -6.94 -16.56 2.31
CA VAL A 842 -7.17 -17.16 1.02
C VAL A 842 -8.45 -17.99 0.95
N THR A 843 -8.77 -18.73 2.01
CA THR A 843 -10.00 -19.46 2.01
C THR A 843 -11.23 -18.56 2.00
N ILE A 844 -11.20 -17.48 2.75
CA ILE A 844 -12.35 -16.57 2.80
C ILE A 844 -12.49 -15.68 1.55
N ASP A 845 -11.35 -15.26 0.99
CA ASP A 845 -11.34 -14.46 -0.23
C ASP A 845 -12.02 -15.16 -1.39
N LEU A 846 -11.79 -16.45 -1.53
CA LEU A 846 -12.40 -17.19 -2.61
C LEU A 846 -13.89 -17.20 -2.45
N VAL A 847 -14.37 -17.55 -1.28
CA VAL A 847 -15.80 -17.55 -1.09
C VAL A 847 -16.34 -16.14 -1.30
N GLU A 848 -15.55 -15.12 -0.93
CA GLU A 848 -16.06 -13.74 -1.07
C GLU A 848 -16.24 -13.45 -2.53
N MET A 849 -15.21 -13.78 -3.33
CA MET A 849 -15.26 -13.57 -4.77
C MET A 849 -16.52 -14.20 -5.36
N VAL A 850 -16.86 -15.41 -4.93
CA VAL A 850 -18.06 -16.06 -5.44
C VAL A 850 -19.34 -15.30 -5.09
N PHE A 851 -19.49 -14.87 -3.85
CA PHE A 851 -20.66 -14.08 -3.51
C PHE A 851 -20.76 -12.85 -4.42
N ALA A 852 -19.63 -12.22 -4.73
CA ALA A 852 -19.64 -11.11 -5.72
C ALA A 852 -20.13 -11.50 -7.10
N LYS A 853 -19.96 -12.74 -7.49
CA LYS A 853 -20.54 -13.20 -8.74
C LYS A 853 -21.94 -13.81 -8.53
N GLY A 854 -22.53 -13.63 -7.36
CA GLY A 854 -23.77 -14.33 -7.05
C GLY A 854 -24.90 -13.36 -7.16
N ASN A 855 -26.11 -13.81 -7.42
CA ASN A 855 -27.25 -12.93 -7.28
C ASN A 855 -28.51 -13.72 -6.97
N PRO A 856 -28.99 -13.58 -5.75
CA PRO A 856 -30.07 -14.50 -5.35
C PRO A 856 -31.38 -14.22 -6.04
N GLY A 857 -31.52 -13.05 -6.61
CA GLY A 857 -32.71 -12.74 -7.37
C GLY A 857 -32.93 -13.71 -8.52
N ILE A 858 -31.84 -14.18 -9.11
CA ILE A 858 -31.91 -15.08 -10.26
C ILE A 858 -32.42 -16.38 -9.72
N ALA A 859 -31.75 -16.86 -8.68
CA ALA A 859 -32.25 -18.00 -7.95
C ALA A 859 -33.74 -17.87 -7.63
N ALA A 860 -34.18 -16.69 -7.23
CA ALA A 860 -35.61 -16.45 -6.87
C ALA A 860 -36.53 -16.52 -8.08
N LEU A 861 -36.10 -15.91 -9.17
CA LEU A 861 -36.83 -15.98 -10.41
C LEU A 861 -36.98 -17.42 -10.85
N ASN A 862 -35.86 -18.12 -10.91
CA ASN A 862 -35.90 -19.54 -11.17
C ASN A 862 -36.98 -20.25 -10.32
N ASP A 863 -36.99 -20.03 -9.02
CA ASP A 863 -37.98 -20.73 -8.20
C ASP A 863 -39.35 -20.47 -8.77
N LYS A 864 -39.64 -19.19 -8.96
CA LYS A 864 -40.94 -18.73 -9.43
C LYS A 864 -41.33 -19.28 -10.79
N LEU A 865 -40.36 -19.47 -11.70
CA LEU A 865 -40.69 -19.99 -13.04
C LEU A 865 -40.70 -21.49 -13.14
N LEU A 866 -39.82 -22.15 -12.40
CA LEU A 866 -39.49 -23.54 -12.65
C LEU A 866 -39.80 -24.46 -11.52
N VAL A 867 -39.98 -23.93 -10.32
CA VAL A 867 -40.14 -24.78 -9.15
C VAL A 867 -41.60 -24.75 -8.67
N SER A 868 -42.09 -25.91 -8.27
CA SER A 868 -43.46 -26.05 -7.80
C SER A 868 -43.69 -25.35 -6.46
N GLU A 869 -44.96 -25.00 -6.26
CA GLU A 869 -45.38 -24.19 -5.11
C GLU A 869 -44.90 -24.80 -3.78
N ASP A 870 -44.98 -26.13 -3.65
CA ASP A 870 -44.55 -26.77 -2.42
C ASP A 870 -43.05 -26.63 -2.17
N LEU A 871 -42.21 -26.37 -3.16
CA LEU A 871 -40.79 -26.30 -2.85
C LEU A 871 -40.24 -24.88 -2.69
N ARG A 872 -41.04 -23.88 -2.99
CA ARG A 872 -40.58 -22.49 -2.85
C ARG A 872 -40.06 -22.07 -1.45
N PRO A 873 -40.77 -22.41 -0.39
CA PRO A 873 -40.22 -22.11 0.93
C PRO A 873 -38.88 -22.77 1.18
N PHE A 874 -38.67 -23.94 0.59
CA PHE A 874 -37.36 -24.55 0.69
C PHE A 874 -36.33 -23.65 0.02
N GLY A 875 -36.68 -23.06 -1.13
CA GLY A 875 -35.77 -22.14 -1.80
C GLY A 875 -35.51 -20.91 -0.97
N GLU A 876 -36.60 -20.26 -0.54
CA GLU A 876 -36.54 -19.09 0.35
C GLU A 876 -35.54 -19.44 1.42
N SER A 877 -35.69 -20.62 2.03
CA SER A 877 -34.81 -20.98 3.15
C SER A 877 -33.34 -20.93 2.76
N LEU A 878 -33.01 -21.45 1.59
CA LEU A 878 -31.65 -21.43 1.09
C LEU A 878 -31.16 -20.01 0.80
N ARG A 879 -32.00 -19.24 0.15
CA ARG A 879 -31.64 -17.83 -0.02
C ARG A 879 -31.37 -17.14 1.32
N ALA A 880 -32.22 -17.35 2.30
CA ALA A 880 -31.94 -16.87 3.65
C ALA A 880 -30.54 -17.29 4.13
N ASN A 881 -30.15 -18.52 3.82
CA ASN A 881 -28.85 -19.01 4.30
C ASN A 881 -27.71 -18.32 3.53
N TYR A 882 -27.87 -18.18 2.22
CA TYR A 882 -27.01 -17.31 1.41
C TYR A 882 -26.69 -15.99 2.11
N GLU A 883 -27.74 -15.26 2.42
CA GLU A 883 -27.60 -13.93 2.96
C GLU A 883 -26.83 -13.96 4.26
N GLU A 884 -27.29 -14.81 5.17
CA GLU A 884 -26.69 -14.93 6.49
C GLU A 884 -25.22 -15.36 6.42
N THR A 885 -24.93 -16.31 5.55
CA THR A 885 -23.56 -16.71 5.33
C THR A 885 -22.73 -15.52 4.82
N LYS A 886 -23.25 -14.86 3.80
CA LYS A 886 -22.53 -13.72 3.24
C LYS A 886 -22.24 -12.70 4.35
N ASN A 887 -23.25 -12.34 5.11
CA ASN A 887 -23.06 -11.33 6.15
C ASN A 887 -22.00 -11.71 7.22
N TYR A 888 -21.99 -12.96 7.66
CA TYR A 888 -20.95 -13.38 8.57
C TYR A 888 -19.63 -13.25 7.85
N LEU A 889 -19.57 -13.78 6.64
CA LEU A 889 -18.30 -13.70 5.93
C LEU A 889 -17.81 -12.24 5.93
N LEU A 890 -18.70 -11.30 5.64
CA LEU A 890 -18.29 -9.88 5.65
C LEU A 890 -17.76 -9.52 7.00
N LYS A 891 -18.59 -9.74 8.02
CA LYS A 891 -18.19 -9.36 9.35
C LYS A 891 -16.79 -9.89 9.67
N ILE A 892 -16.48 -11.09 9.20
CA ILE A 892 -15.18 -11.64 9.50
C ILE A 892 -14.05 -10.97 8.73
N ALA A 893 -14.27 -10.64 7.46
CA ALA A 893 -13.20 -10.01 6.71
C ALA A 893 -13.10 -8.53 7.06
N GLY A 894 -14.08 -8.01 7.77
CA GLY A 894 -14.05 -6.61 8.17
C GLY A 894 -14.38 -5.72 6.98
N HIS A 895 -15.25 -6.18 6.08
CA HIS A 895 -15.70 -5.41 4.95
C HIS A 895 -17.17 -5.04 5.08
N LYS A 896 -17.52 -3.85 4.59
CA LYS A 896 -18.92 -3.46 4.52
C LYS A 896 -19.55 -4.14 3.35
N ASP A 897 -18.84 -4.13 2.22
CA ASP A 897 -19.34 -4.66 0.94
C ASP A 897 -18.40 -5.70 0.42
N LEU A 898 -18.89 -6.55 -0.47
CA LEU A 898 -18.05 -7.60 -1.01
C LEU A 898 -16.90 -6.96 -1.78
N LEU A 899 -15.73 -7.57 -1.68
CA LEU A 899 -14.54 -7.11 -2.39
C LEU A 899 -14.04 -5.68 -2.14
N GLU A 900 -14.31 -5.11 -0.98
CA GLU A 900 -13.64 -3.83 -0.62
C GLU A 900 -12.14 -3.92 -0.85
N GLY A 901 -11.55 -5.06 -0.47
CA GLY A 901 -10.13 -5.26 -0.71
C GLY A 901 -9.67 -5.26 -2.17
N ASP A 902 -10.58 -5.11 -3.14
CA ASP A 902 -10.21 -5.50 -4.50
C ASP A 902 -11.09 -4.83 -5.54
N PRO A 903 -11.04 -3.52 -5.59
CA PRO A 903 -11.96 -2.76 -6.41
C PRO A 903 -11.88 -3.14 -7.87
N TYR A 904 -10.68 -3.51 -8.32
CA TYR A 904 -10.47 -3.81 -9.73
C TYR A 904 -11.21 -5.08 -10.09
N LEU A 905 -11.07 -6.11 -9.31
CA LEU A 905 -11.87 -7.28 -9.53
C LEU A 905 -13.36 -6.96 -9.52
N LYS A 906 -13.80 -6.13 -8.60
CA LYS A 906 -15.21 -5.83 -8.45
C LYS A 906 -15.67 -5.12 -9.70
N GLN A 907 -14.84 -4.24 -10.21
CA GLN A 907 -15.22 -3.51 -11.41
C GLN A 907 -15.42 -4.45 -12.58
N GLY A 908 -14.53 -5.43 -12.70
CA GLY A 908 -14.62 -6.45 -13.75
C GLY A 908 -15.94 -7.18 -13.70
N ILE A 909 -16.27 -7.69 -12.54
CA ILE A 909 -17.56 -8.30 -12.31
C ILE A 909 -18.77 -7.38 -12.57
N ARG A 910 -18.75 -6.17 -12.03
CA ARG A 910 -19.91 -5.31 -12.24
C ARG A 910 -20.17 -5.11 -13.74
N LEU A 911 -19.10 -5.01 -14.51
CA LEU A 911 -19.25 -4.76 -15.92
C LEU A 911 -19.82 -5.97 -16.68
N ARG A 912 -19.34 -7.16 -16.39
CA ARG A 912 -19.86 -8.36 -17.02
C ARG A 912 -21.36 -8.55 -16.72
N ASP A 913 -21.79 -8.17 -15.52
CA ASP A 913 -23.08 -8.65 -15.02
C ASP A 913 -24.31 -8.44 -15.90
N PRO A 914 -24.51 -7.24 -16.39
CA PRO A 914 -25.73 -7.05 -17.14
C PRO A 914 -25.86 -8.09 -18.23
N TYR A 915 -24.76 -8.42 -18.89
CA TYR A 915 -24.76 -9.42 -19.95
C TYR A 915 -25.17 -10.78 -19.39
N ILE A 916 -24.59 -11.13 -18.26
CA ILE A 916 -24.87 -12.43 -17.67
C ILE A 916 -26.36 -12.50 -17.29
N THR A 917 -26.82 -11.48 -16.56
CA THR A 917 -28.22 -11.37 -16.15
C THR A 917 -29.15 -11.63 -17.33
N THR A 918 -28.86 -11.03 -18.49
CA THR A 918 -29.72 -11.24 -19.64
C THR A 918 -29.72 -12.71 -19.99
N LEU A 919 -28.54 -13.31 -20.02
CA LEU A 919 -28.49 -14.77 -20.25
C LEU A 919 -29.26 -15.58 -19.19
N ASN A 920 -29.14 -15.26 -17.90
CA ASN A 920 -29.86 -16.00 -16.86
C ASN A 920 -31.35 -15.98 -17.19
N VAL A 921 -31.86 -14.81 -17.48
CA VAL A 921 -33.28 -14.67 -17.67
C VAL A 921 -33.72 -15.45 -18.89
N CYS A 922 -33.02 -15.23 -20.00
CA CYS A 922 -33.28 -15.95 -21.24
C CYS A 922 -33.30 -17.45 -21.02
N GLN A 923 -32.26 -17.90 -20.32
CA GLN A 923 -32.10 -19.30 -19.89
C GLN A 923 -33.31 -19.78 -19.14
N ALA A 924 -33.67 -19.08 -18.08
CA ALA A 924 -34.81 -19.48 -17.24
C ALA A 924 -36.06 -19.74 -18.05
N TYR A 925 -36.44 -18.82 -18.94
CA TYR A 925 -37.68 -19.02 -19.70
C TYR A 925 -37.52 -20.16 -20.71
N THR A 926 -36.34 -20.26 -21.28
CA THR A 926 -36.08 -21.34 -22.18
C THR A 926 -36.26 -22.68 -21.49
N LEU A 927 -35.68 -22.80 -20.30
CA LEU A 927 -35.89 -23.99 -19.50
C LEU A 927 -37.36 -24.23 -19.28
N LYS A 928 -38.16 -23.16 -19.23
CA LYS A 928 -39.57 -23.33 -18.99
C LYS A 928 -40.16 -23.95 -20.23
N ARG A 929 -39.95 -23.29 -21.37
CA ARG A 929 -40.51 -23.77 -22.61
C ARG A 929 -40.10 -25.18 -22.94
N ILE A 930 -38.87 -25.55 -22.60
CA ILE A 930 -38.45 -26.94 -22.81
C ILE A 930 -39.20 -27.87 -21.90
N ARG A 931 -39.39 -27.50 -20.64
CA ARG A 931 -39.94 -28.44 -19.67
C ARG A 931 -41.45 -28.53 -19.76
N ASP A 932 -42.07 -27.52 -20.35
CA ASP A 932 -43.52 -27.40 -20.33
C ASP A 932 -44.00 -27.14 -21.72
N PRO A 933 -44.27 -28.22 -22.45
CA PRO A 933 -44.80 -28.16 -23.81
C PRO A 933 -46.01 -27.24 -23.97
N ASN A 934 -46.74 -27.02 -22.87
CA ASN A 934 -48.00 -26.21 -22.87
C ASN A 934 -47.93 -24.77 -22.31
N TYR A 935 -46.74 -24.32 -21.89
CA TYR A 935 -46.51 -22.92 -21.56
C TYR A 935 -46.27 -22.24 -22.89
N HIS A 936 -47.03 -21.17 -23.15
CA HIS A 936 -46.93 -20.38 -24.36
C HIS A 936 -47.32 -18.96 -24.04
N VAL A 937 -46.72 -18.00 -24.74
CA VAL A 937 -47.13 -16.62 -24.62
C VAL A 937 -47.09 -16.03 -25.98
N THR A 938 -47.74 -14.89 -26.15
CA THR A 938 -47.82 -14.28 -27.47
C THR A 938 -46.43 -13.89 -27.88
N LEU A 939 -46.02 -14.38 -29.06
CA LEU A 939 -44.72 -14.10 -29.63
C LEU A 939 -44.82 -12.82 -30.42
N ARG A 940 -43.82 -11.98 -30.26
CA ARG A 940 -43.68 -10.79 -31.07
C ARG A 940 -43.43 -11.22 -32.50
N PRO A 941 -44.00 -10.47 -33.45
CA PRO A 941 -43.58 -10.75 -34.82
C PRO A 941 -42.03 -10.70 -34.99
N HIS A 942 -41.48 -11.66 -35.75
CA HIS A 942 -40.01 -11.86 -35.94
C HIS A 942 -39.29 -10.54 -36.23
N ILE A 943 -38.13 -10.34 -35.60
CA ILE A 943 -37.47 -9.04 -35.56
C ILE A 943 -36.22 -9.00 -36.42
N SER A 944 -35.42 -10.07 -36.41
CA SER A 944 -34.20 -10.14 -37.22
C SER A 944 -34.47 -10.17 -38.71
N LYS A 945 -33.67 -9.42 -39.46
CA LYS A 945 -33.68 -9.58 -40.89
C LYS A 945 -32.56 -10.55 -41.23
N GLU A 946 -32.25 -10.67 -42.52
CA GLU A 946 -31.02 -11.33 -42.97
C GLU A 946 -30.38 -10.59 -44.15
N TYR A 947 -29.78 -11.32 -45.09
CA TYR A 947 -29.20 -10.75 -46.28
C TYR A 947 -27.93 -10.02 -45.90
N ALA A 968 -32.75 -27.56 -38.36
CA ALA A 968 -32.93 -26.14 -38.07
C ALA A 968 -33.06 -25.89 -36.54
N PRO A 969 -32.77 -24.64 -36.07
CA PRO A 969 -32.46 -24.35 -34.66
C PRO A 969 -33.71 -24.34 -33.76
N GLY A 970 -33.56 -24.80 -32.50
CA GLY A 970 -34.64 -24.74 -31.53
C GLY A 970 -34.19 -24.39 -30.12
N LEU A 971 -35.09 -24.62 -29.18
CA LEU A 971 -34.85 -24.22 -27.79
C LEU A 971 -33.56 -24.79 -27.24
N GLU A 972 -33.39 -26.09 -27.40
CA GLU A 972 -32.15 -26.72 -27.00
C GLU A 972 -30.93 -25.90 -27.46
N ASP A 973 -30.97 -25.33 -28.68
CA ASP A 973 -29.80 -24.57 -29.16
C ASP A 973 -29.67 -23.28 -28.39
N THR A 974 -30.79 -22.62 -28.15
CA THR A 974 -30.76 -21.41 -27.36
C THR A 974 -30.24 -21.64 -25.98
N LEU A 975 -30.62 -22.77 -25.38
CA LEU A 975 -30.16 -23.12 -24.04
C LEU A 975 -28.65 -23.30 -23.95
N ILE A 976 -28.06 -23.98 -24.94
CA ILE A 976 -26.61 -24.18 -24.99
C ILE A 976 -25.87 -22.85 -25.01
N LEU A 977 -26.30 -21.96 -25.91
CA LEU A 977 -25.72 -20.61 -26.03
C LEU A 977 -25.64 -19.89 -24.70
N THR A 978 -26.76 -20.00 -24.03
CA THR A 978 -27.02 -19.47 -22.73
C THR A 978 -26.10 -20.11 -21.68
N MET A 979 -26.05 -21.46 -21.63
CA MET A 979 -25.16 -22.19 -20.71
C MET A 979 -23.71 -21.78 -20.94
N LYS A 980 -23.28 -21.66 -22.18
CA LYS A 980 -21.90 -21.24 -22.45
C LYS A 980 -21.58 -19.76 -22.20
N GLY A 981 -22.50 -18.83 -22.54
CA GLY A 981 -22.31 -17.43 -22.15
C GLY A 981 -22.12 -17.27 -20.63
N ILE A 982 -23.05 -17.84 -19.88
CA ILE A 982 -22.99 -17.72 -18.45
C ILE A 982 -21.68 -18.27 -17.94
N ALA A 983 -21.32 -19.45 -18.41
CA ALA A 983 -20.11 -20.14 -17.95
C ALA A 983 -18.86 -19.32 -18.21
N ALA A 984 -18.79 -18.65 -19.36
CA ALA A 984 -17.66 -17.78 -19.72
C ALA A 984 -17.68 -16.44 -19.00
N GLY A 985 -18.88 -15.97 -18.63
CA GLY A 985 -18.99 -14.80 -17.78
C GLY A 985 -18.61 -15.08 -16.34
N MET A 986 -18.85 -16.31 -15.89
CA MET A 986 -18.57 -16.67 -14.49
C MET A 986 -17.12 -17.14 -14.25
N GLN A 987 -16.41 -17.54 -15.30
CA GLN A 987 -15.07 -18.11 -15.15
C GLN A 987 -15.03 -19.11 -13.97
N ASN A 988 -13.98 -19.11 -13.16
CA ASN A 988 -13.84 -20.07 -12.06
C ASN A 988 -14.61 -19.63 -10.81
N THR A 989 -15.17 -20.59 -10.09
CA THR A 989 -15.77 -20.33 -8.77
C THR A 989 -15.34 -21.42 -7.81
N GLY A 990 -16.01 -22.56 -7.84
CA GLY A 990 -15.57 -23.71 -7.04
C GLY A 990 -14.58 -24.52 -7.82
N GLU B 31 26.78 18.04 -19.31
CA GLU B 31 27.78 18.93 -18.64
C GLU B 31 28.57 18.14 -17.54
N LYS B 32 29.19 18.87 -16.60
CA LYS B 32 29.72 18.30 -15.33
C LYS B 32 28.63 18.11 -14.27
N LEU B 33 27.38 18.51 -14.58
CA LEU B 33 26.15 18.16 -13.81
C LEU B 33 25.90 16.64 -13.77
N ALA B 34 25.84 16.00 -14.94
CA ALA B 34 25.65 14.54 -15.06
C ALA B 34 26.62 13.76 -14.16
N SER B 35 27.83 14.28 -14.01
CA SER B 35 28.83 13.70 -13.11
C SER B 35 28.48 13.89 -11.63
N ILE B 36 28.00 15.10 -11.32
CA ILE B 36 27.56 15.46 -9.97
C ILE B 36 26.26 14.71 -9.59
N ASP B 37 25.37 14.57 -10.57
CA ASP B 37 24.21 13.65 -10.51
C ASP B 37 24.68 12.19 -10.25
N ALA B 38 25.54 11.68 -11.11
CA ALA B 38 26.14 10.34 -10.95
C ALA B 38 26.70 10.14 -9.54
N GLN B 39 27.51 11.08 -9.05
CA GLN B 39 28.09 10.93 -7.71
C GLN B 39 27.08 11.17 -6.56
N LEU B 40 26.01 11.94 -6.83
CA LEU B 40 24.88 12.03 -5.88
C LEU B 40 23.99 10.76 -5.83
N ARG B 41 23.85 10.05 -6.95
CA ARG B 41 23.02 8.82 -6.98
C ARG B 41 23.58 7.74 -6.04
N LEU B 42 24.90 7.61 -6.03
CA LEU B 42 25.59 6.66 -5.17
C LEU B 42 25.05 6.70 -3.73
N LEU B 43 24.79 7.92 -3.23
CA LEU B 43 24.23 8.13 -1.88
C LEU B 43 22.83 7.55 -1.64
N VAL B 44 22.03 7.42 -2.70
CA VAL B 44 20.70 6.82 -2.59
C VAL B 44 20.20 6.36 -3.97
N PRO B 45 20.38 5.05 -4.28
CA PRO B 45 20.31 4.47 -5.66
C PRO B 45 19.27 5.05 -6.64
N SER B 49 13.77 5.78 -11.05
CA SER B 49 12.47 6.02 -10.45
C SER B 49 11.72 7.20 -11.15
N GLU B 50 10.41 7.32 -10.88
CA GLU B 50 9.46 8.10 -11.71
C GLU B 50 9.45 9.65 -11.58
N ASP B 51 8.72 10.13 -10.57
CA ASP B 51 8.61 11.55 -10.18
C ASP B 51 9.65 11.88 -9.10
N ASP B 52 10.74 11.12 -9.06
CA ASP B 52 11.77 11.29 -8.05
C ASP B 52 12.87 12.18 -8.64
N LYS B 53 12.69 13.48 -8.49
CA LYS B 53 13.62 14.45 -9.05
C LYS B 53 14.66 14.95 -8.02
N LEU B 54 14.51 14.54 -6.77
CA LEU B 54 15.31 15.11 -5.70
C LEU B 54 16.79 15.14 -6.02
N VAL B 55 17.32 14.05 -6.52
CA VAL B 55 18.73 13.98 -6.81
C VAL B 55 19.08 14.97 -7.91
N GLU B 56 18.26 15.05 -8.96
CA GLU B 56 18.50 16.07 -10.01
C GLU B 56 18.50 17.48 -9.43
N TYR B 57 17.43 17.79 -8.69
CA TYR B 57 17.27 19.07 -8.02
C TYR B 57 18.53 19.39 -7.24
N ASP B 58 18.92 18.47 -6.35
CA ASP B 58 20.11 18.70 -5.53
C ASP B 58 21.36 18.87 -6.39
N ALA B 59 21.49 18.04 -7.42
CA ALA B 59 22.65 18.11 -8.31
C ALA B 59 22.77 19.47 -8.97
N LEU B 60 21.70 19.92 -9.60
CA LEU B 60 21.70 21.22 -10.25
C LEU B 60 22.08 22.34 -9.28
N LEU B 61 21.30 22.47 -8.21
CA LEU B 61 21.59 23.44 -7.15
C LEU B 61 23.04 23.39 -6.72
N LEU B 62 23.57 22.20 -6.45
CA LEU B 62 24.96 22.09 -6.03
C LEU B 62 25.91 22.59 -7.16
N ASP B 63 25.72 22.11 -8.39
CA ASP B 63 26.56 22.53 -9.54
C ASP B 63 26.51 24.06 -9.76
N LYS B 64 25.33 24.66 -9.65
CA LYS B 64 25.22 26.10 -9.76
C LYS B 64 25.96 26.73 -8.60
N PHE B 65 25.71 26.25 -7.38
CA PHE B 65 26.38 26.82 -6.21
C PHE B 65 27.91 26.77 -6.28
N LEU B 66 28.46 25.69 -6.81
CA LEU B 66 29.93 25.63 -6.97
C LEU B 66 30.46 26.75 -7.89
N ASP B 67 29.84 26.92 -9.07
CA ASP B 67 30.25 27.99 -10.00
C ASP B 67 30.33 29.31 -9.28
N ILE B 68 29.30 29.56 -8.49
CA ILE B 68 29.26 30.76 -7.72
C ILE B 68 30.44 30.88 -6.78
N LEU B 69 30.79 29.79 -6.11
CA LEU B 69 31.93 29.85 -5.21
C LEU B 69 33.16 30.14 -6.02
N GLN B 70 33.26 29.55 -7.21
CA GLN B 70 34.40 29.83 -8.07
C GLN B 70 34.46 31.34 -8.41
N ASP B 71 33.41 31.89 -9.02
CA ASP B 71 33.41 33.32 -9.36
C ASP B 71 33.86 34.17 -8.17
N LEU B 72 33.22 33.98 -7.04
CA LEU B 72 33.44 34.84 -5.90
C LEU B 72 34.74 34.62 -5.13
N HIS B 73 35.23 33.38 -5.06
CA HIS B 73 36.34 33.05 -4.14
C HIS B 73 37.51 32.29 -4.78
N GLY B 74 37.31 31.77 -6.00
CA GLY B 74 38.40 31.24 -6.83
C GLY B 74 38.45 29.73 -6.91
N GLU B 75 38.86 29.22 -8.07
CA GLU B 75 39.05 27.80 -8.31
C GLU B 75 39.52 27.09 -7.03
N ASP B 76 40.67 27.57 -6.53
CA ASP B 76 41.32 27.00 -5.36
C ASP B 76 40.30 26.66 -4.29
N LEU B 77 39.46 27.63 -3.91
CA LEU B 77 38.47 27.38 -2.86
C LEU B 77 37.38 26.40 -3.32
N LYS B 78 36.89 26.59 -4.52
CA LYS B 78 35.88 25.70 -5.03
C LYS B 78 36.36 24.30 -4.82
N GLU B 79 37.58 23.98 -5.27
CA GLU B 79 38.07 22.61 -5.09
C GLU B 79 38.05 22.21 -3.64
N ALA B 80 38.54 23.11 -2.79
CA ALA B 80 38.55 22.81 -1.37
C ALA B 80 37.16 22.36 -0.91
N VAL B 81 36.14 23.11 -1.32
CA VAL B 81 34.77 22.72 -1.00
C VAL B 81 34.37 21.35 -1.58
N GLN B 82 34.81 21.06 -2.78
CA GLN B 82 34.42 19.82 -3.41
C GLN B 82 35.05 18.70 -2.69
N GLN B 83 36.28 18.91 -2.25
CA GLN B 83 37.07 17.88 -1.63
C GLN B 83 36.31 17.46 -0.38
N CYS B 84 35.91 18.45 0.41
CA CYS B 84 35.16 18.17 1.61
C CYS B 84 33.91 17.37 1.29
N TYR B 85 33.15 17.83 0.30
CA TYR B 85 31.97 17.10 -0.13
C TYR B 85 32.28 15.64 -0.52
N GLU B 86 33.32 15.44 -1.33
CA GLU B 86 33.69 14.12 -1.87
C GLU B 86 34.00 13.25 -0.70
N LEU B 87 34.77 13.79 0.24
CA LEU B 87 35.17 13.02 1.41
C LEU B 87 33.97 12.66 2.23
N SER B 88 33.11 13.63 2.50
CA SER B 88 31.93 13.35 3.30
C SER B 88 31.06 12.31 2.65
N ALA B 89 30.93 12.38 1.33
CA ALA B 89 30.08 11.45 0.58
C ALA B 89 30.70 10.06 0.61
N GLU B 90 31.95 9.95 0.19
CA GLU B 90 32.68 8.71 0.34
C GLU B 90 32.46 8.15 1.75
N TYR B 91 32.51 9.02 2.77
CA TYR B 91 32.29 8.55 4.14
C TYR B 91 30.89 8.04 4.32
N GLU B 92 29.91 8.76 3.82
CA GLU B 92 28.53 8.37 4.04
C GLU B 92 28.17 7.03 3.39
N GLY B 93 28.99 6.56 2.45
CA GLY B 93 28.72 5.31 1.74
C GLY B 93 29.30 4.13 2.46
N LYS B 94 30.62 4.15 2.61
CA LYS B 94 31.37 3.06 3.24
C LYS B 94 31.38 3.19 4.77
N HIS B 95 31.70 4.38 5.27
CA HIS B 95 31.86 4.69 6.71
C HIS B 95 33.26 4.34 7.16
N ASP B 96 34.23 4.70 6.33
CA ASP B 96 35.63 4.50 6.64
C ASP B 96 36.14 5.64 7.51
N PRO B 97 36.49 5.36 8.77
CA PRO B 97 36.99 6.42 9.65
C PRO B 97 38.17 7.19 9.08
N LYS B 98 38.89 6.56 8.17
CA LYS B 98 40.00 7.20 7.47
C LYS B 98 39.46 8.45 6.79
N LYS B 99 38.36 8.31 6.06
CA LYS B 99 37.80 9.46 5.35
C LYS B 99 37.55 10.66 6.26
N LEU B 100 36.92 10.40 7.38
CA LEU B 100 36.70 11.39 8.44
C LEU B 100 37.99 12.08 8.85
N GLU B 101 39.07 11.32 8.96
CA GLU B 101 40.35 11.90 9.36
C GLU B 101 40.89 12.73 8.24
N GLU B 102 40.88 12.19 7.01
CA GLU B 102 41.35 12.97 5.85
C GLU B 102 40.64 14.30 5.86
N LEU B 103 39.32 14.25 6.08
CA LEU B 103 38.50 15.47 6.21
C LEU B 103 38.99 16.39 7.33
N GLY B 104 39.28 15.79 8.49
CA GLY B 104 39.84 16.51 9.62
C GLY B 104 41.09 17.25 9.19
N SER B 105 42.01 16.55 8.53
CA SER B 105 43.29 17.14 8.15
C SER B 105 43.07 18.36 7.32
N LEU B 106 42.11 18.25 6.42
CA LEU B 106 41.79 19.34 5.54
C LEU B 106 41.20 20.49 6.33
N LEU B 107 40.09 20.24 7.00
CA LEU B 107 39.37 21.32 7.69
C LEU B 107 40.20 22.01 8.77
N THR B 108 40.89 21.22 9.59
CA THR B 108 41.68 21.74 10.68
C THR B 108 42.88 22.52 10.18
N SER B 109 43.27 22.35 8.91
CA SER B 109 44.40 23.09 8.33
C SER B 109 44.02 24.42 7.71
N LEU B 110 42.82 24.93 7.98
CA LEU B 110 42.33 26.15 7.31
C LEU B 110 42.36 27.29 8.28
N ASP B 111 42.85 28.43 7.81
CA ASP B 111 42.87 29.62 8.64
C ASP B 111 41.45 30.04 8.94
N THR B 112 41.33 30.98 9.87
CA THR B 112 40.03 31.43 10.29
C THR B 112 39.22 31.93 9.09
N GLY B 113 39.88 32.61 8.17
CA GLY B 113 39.20 33.19 7.02
C GLY B 113 38.52 32.19 6.12
N ASP B 114 39.29 31.15 5.74
CA ASP B 114 38.81 30.12 4.83
C ASP B 114 37.79 29.21 5.49
N SER B 115 37.98 28.94 6.77
CA SER B 115 37.07 28.00 7.44
C SER B 115 35.69 28.66 7.54
N ILE B 116 35.64 29.96 7.85
CA ILE B 116 34.39 30.71 7.77
C ILE B 116 33.67 30.46 6.43
N VAL B 117 34.41 30.54 5.32
CA VAL B 117 33.83 30.39 4.00
C VAL B 117 33.27 29.00 3.79
N ILE B 118 34.05 27.99 4.14
CA ILE B 118 33.57 26.63 4.00
C ILE B 118 32.31 26.44 4.85
N ALA B 119 32.39 26.92 6.09
CA ALA B 119 31.25 26.82 6.99
C ALA B 119 30.03 27.48 6.42
N LYS B 120 30.16 28.68 5.86
CA LYS B 120 29.06 29.31 5.11
C LYS B 120 28.58 28.46 3.92
N ALA B 121 29.53 27.97 3.13
CA ALA B 121 29.19 27.20 1.96
C ALA B 121 28.33 26.01 2.38
N PHE B 122 28.84 25.14 3.24
CA PHE B 122 28.09 23.92 3.49
C PHE B 122 26.77 24.24 4.17
N SER B 123 26.79 25.28 4.97
CA SER B 123 25.63 25.66 5.74
C SER B 123 24.59 26.15 4.76
N HIS B 124 25.06 26.68 3.63
CA HIS B 124 24.15 27.16 2.60
C HIS B 124 23.71 26.03 1.65
N MET B 125 24.57 25.07 1.32
CA MET B 125 24.13 23.94 0.48
C MET B 125 23.01 23.15 1.15
N LEU B 126 23.05 23.06 2.47
CA LEU B 126 21.97 22.47 3.22
C LEU B 126 20.64 23.14 2.97
N ASN B 127 20.59 24.45 3.13
CA ASN B 127 19.33 25.16 2.89
C ASN B 127 18.85 24.87 1.50
N LEU B 128 19.77 24.71 0.57
CA LEU B 128 19.36 24.40 -0.78
C LEU B 128 18.74 23.02 -0.77
N ALA B 129 19.47 22.06 -0.21
CA ALA B 129 18.96 20.69 -0.20
C ALA B 129 17.58 20.62 0.42
N ASN B 130 17.33 21.43 1.46
CA ASN B 130 16.00 21.46 2.07
C ASN B 130 14.92 22.02 1.15
N LEU B 131 15.27 23.02 0.31
CA LEU B 131 14.29 23.60 -0.63
C LEU B 131 13.89 22.57 -1.68
N ALA B 132 14.90 21.91 -2.23
CA ALA B 132 14.69 20.81 -3.14
C ALA B 132 13.80 19.73 -2.52
N GLU B 133 14.02 19.40 -1.25
CA GLU B 133 13.22 18.39 -0.64
C GLU B 133 11.81 18.91 -0.46
N GLU B 134 11.68 20.17 -0.06
CA GLU B 134 10.34 20.74 0.08
C GLU B 134 9.62 20.53 -1.24
N LEU B 135 10.29 20.95 -2.30
CA LEU B 135 9.73 20.82 -3.64
C LEU B 135 9.39 19.36 -4.01
N GLN B 136 10.31 18.45 -3.76
CA GLN B 136 10.03 17.05 -4.02
C GLN B 136 8.82 16.54 -3.24
N ILE B 137 8.78 16.84 -1.96
CA ILE B 137 7.65 16.45 -1.13
C ILE B 137 6.36 17.03 -1.70
N ALA B 138 6.41 18.31 -2.12
CA ALA B 138 5.23 19.00 -2.60
C ALA B 138 4.61 18.30 -3.79
N TYR B 139 5.45 17.85 -4.73
CA TYR B 139 4.98 17.27 -5.98
C TYR B 139 5.06 15.74 -6.03
N ARG B 140 5.34 15.06 -4.93
CA ARG B 140 5.34 13.59 -4.98
C ARG B 140 3.90 13.07 -5.16
N ARG B 141 3.72 11.98 -5.91
CA ARG B 141 2.39 11.49 -6.24
C ARG B 141 1.74 10.74 -5.09
N ARG B 142 0.46 11.04 -4.85
CA ARG B 142 -0.35 10.34 -3.84
C ARG B 142 -0.56 8.90 -4.27
N ILE B 143 -0.56 7.95 -3.35
CA ILE B 143 -1.04 6.61 -3.70
C ILE B 143 -2.57 6.70 -3.83
N LYS B 144 -3.08 6.08 -4.89
CA LYS B 144 -4.50 6.08 -5.30
C LYS B 144 -5.40 5.09 -4.48
N LEU B 145 -5.02 3.81 -4.35
CA LEU B 145 -5.68 2.85 -3.44
C LEU B 145 -4.85 2.57 -2.19
N LYS B 146 -5.44 2.79 -1.03
CA LYS B 146 -4.69 2.77 0.20
C LYS B 146 -5.19 1.55 0.96
N SER B 147 -4.30 0.92 1.73
CA SER B 147 -4.68 -0.25 2.53
C SER B 147 -5.88 0.01 3.46
N GLY B 148 -6.05 1.25 3.97
CA GLY B 148 -7.06 1.52 5.00
C GLY B 148 -6.50 1.40 6.43
N ASP B 149 -5.38 0.68 6.59
CA ASP B 149 -4.61 0.69 7.86
C ASP B 149 -4.30 2.13 8.32
N PHE B 150 -4.18 2.30 9.63
CA PHE B 150 -3.86 3.59 10.22
C PHE B 150 -2.42 4.02 9.93
N ALA B 151 -1.54 3.05 9.70
CA ALA B 151 -0.19 3.35 9.18
C ALA B 151 -0.18 4.27 7.94
N ASP B 152 -1.20 4.18 7.10
CA ASP B 152 -1.29 5.01 5.90
C ASP B 152 -1.25 6.49 6.19
N GLU B 153 -1.73 6.83 7.39
CA GLU B 153 -1.83 8.21 7.86
C GLU B 153 -0.54 8.76 8.41
N ALA B 154 0.53 7.98 8.37
CA ALA B 154 1.83 8.44 8.83
C ALA B 154 2.71 8.97 7.71
N ASN B 155 2.18 8.98 6.49
CA ASN B 155 2.96 9.32 5.32
C ASN B 155 2.16 10.21 4.37
N ALA B 156 2.74 11.34 3.94
CA ALA B 156 2.00 12.26 3.03
C ALA B 156 1.41 11.60 1.78
N THR B 157 2.09 10.61 1.19
CA THR B 157 1.60 10.01 -0.05
C THR B 157 0.33 9.16 0.16
N THR B 158 0.20 8.59 1.36
CA THR B 158 -0.93 7.70 1.68
C THR B 158 -1.95 8.27 2.64
N GLU B 159 -1.64 9.35 3.32
CA GLU B 159 -2.55 9.85 4.35
C GLU B 159 -3.82 10.35 3.68
N SER B 160 -4.85 10.58 4.48
CA SER B 160 -6.15 11.00 4.00
C SER B 160 -6.30 12.52 3.94
N ASP B 161 -6.82 13.02 2.83
CA ASP B 161 -7.13 14.43 2.74
C ASP B 161 -8.49 14.60 3.43
N ILE B 162 -8.98 15.83 3.49
CA ILE B 162 -10.22 16.08 4.18
C ILE B 162 -11.42 15.27 3.60
N GLU B 163 -11.51 15.11 2.29
CA GLU B 163 -12.67 14.46 1.68
C GLU B 163 -12.71 12.99 2.07
N GLU B 164 -11.55 12.34 1.92
CA GLU B 164 -11.38 10.94 2.30
C GLU B 164 -11.72 10.71 3.76
N THR B 165 -11.39 11.68 4.60
CA THR B 165 -11.69 11.60 6.02
C THR B 165 -13.22 11.63 6.25
N PHE B 166 -13.87 12.72 5.80
CA PHE B 166 -15.34 12.76 5.70
C PHE B 166 -15.90 11.39 5.24
N LYS B 167 -15.37 10.85 4.15
CA LYS B 167 -15.96 9.61 3.56
C LYS B 167 -15.75 8.40 4.46
N ARG B 168 -14.57 8.30 5.06
CA ARG B 168 -14.34 7.24 6.02
C ARG B 168 -15.36 7.38 7.12
N LEU B 169 -15.52 8.60 7.64
CA LEU B 169 -16.44 8.79 8.74
C LEU B 169 -17.88 8.44 8.37
N VAL B 170 -18.29 8.85 7.18
CA VAL B 170 -19.64 8.59 6.74
C VAL B 170 -19.87 7.13 6.49
N HIS B 171 -18.95 6.46 5.79
CA HIS B 171 -19.22 5.10 5.28
C HIS B 171 -18.70 4.00 6.19
N LYS B 172 -17.51 4.19 6.73
CA LYS B 172 -16.92 3.20 7.60
C LYS B 172 -17.41 3.40 9.05
N LEU B 173 -18.16 4.46 9.33
CA LEU B 173 -18.50 4.80 10.70
C LEU B 173 -19.92 5.28 10.95
N ASN B 174 -20.75 5.22 9.91
CA ASN B 174 -22.19 5.51 9.97
C ASN B 174 -22.54 6.87 10.51
N LYS B 175 -21.74 7.87 10.17
CA LYS B 175 -22.09 9.24 10.50
C LYS B 175 -22.74 9.89 9.29
N SER B 176 -23.76 10.70 9.50
CA SER B 176 -24.38 11.39 8.39
C SER B 176 -23.48 12.54 8.02
N PRO B 177 -23.46 12.88 6.73
CA PRO B 177 -22.86 14.11 6.33
C PRO B 177 -23.17 15.24 7.29
N GLU B 178 -24.43 15.36 7.71
CA GLU B 178 -24.84 16.47 8.56
C GLU B 178 -24.08 16.42 9.87
N GLU B 179 -23.83 15.21 10.39
CA GLU B 179 -23.12 15.05 11.66
C GLU B 179 -21.65 15.44 11.57
N VAL B 180 -21.04 15.04 10.47
CA VAL B 180 -19.68 15.45 10.15
C VAL B 180 -19.57 16.97 9.99
N PHE B 181 -20.39 17.51 9.10
CA PHE B 181 -20.45 18.93 8.88
C PHE B 181 -20.60 19.60 10.22
N ASP B 182 -21.48 19.05 11.06
CA ASP B 182 -21.71 19.66 12.36
C ASP B 182 -20.50 19.61 13.26
N ALA B 183 -19.86 18.46 13.33
CA ALA B 183 -18.63 18.33 14.11
C ALA B 183 -17.67 19.36 13.66
N LEU B 184 -17.46 19.42 12.35
CA LEU B 184 -16.51 20.38 11.80
C LEU B 184 -16.86 21.80 12.16
N LYS B 185 -18.11 22.21 11.94
CA LYS B 185 -18.53 23.59 12.31
C LYS B 185 -18.13 24.01 13.71
N ASN B 186 -18.12 23.08 14.64
CA ASN B 186 -17.76 23.40 16.02
C ASN B 186 -16.33 23.09 16.39
N GLN B 187 -15.51 22.69 15.43
CA GLN B 187 -14.15 22.32 15.71
C GLN B 187 -13.23 23.55 15.67
N THR B 188 -12.20 23.53 16.52
CA THR B 188 -11.20 24.57 16.55
C THR B 188 -9.84 23.86 16.55
N VAL B 189 -8.91 24.47 15.81
CA VAL B 189 -7.54 24.00 15.71
C VAL B 189 -6.68 25.24 15.92
N GLU B 190 -5.89 25.22 16.99
CA GLU B 190 -5.09 26.38 17.31
C GLU B 190 -3.63 25.98 17.17
N LEU B 191 -2.88 26.71 16.33
CA LEU B 191 -1.47 26.42 16.16
C LEU B 191 -0.69 27.47 16.85
N VAL B 192 0.10 27.08 17.84
CA VAL B 192 0.85 28.08 18.59
C VAL B 192 2.25 28.16 18.09
N LEU B 193 2.68 29.30 17.59
CA LEU B 193 3.99 29.42 16.98
C LEU B 193 5.02 29.83 17.98
N THR B 194 6.10 29.07 18.09
CA THR B 194 7.19 29.43 18.99
C THR B 194 8.33 29.90 18.14
N ALA B 195 9.27 30.59 18.81
CA ALA B 195 10.44 31.10 18.14
C ALA B 195 11.45 29.98 17.91
N HIS B 196 12.07 30.06 16.72
CA HIS B 196 13.19 29.21 16.33
C HIS B 196 14.24 29.21 17.46
N PRO B 197 14.59 28.02 17.97
CA PRO B 197 15.58 27.97 19.07
C PRO B 197 17.06 28.36 18.75
N THR B 198 17.38 28.80 17.52
CA THR B 198 18.77 29.15 17.12
C THR B 198 18.87 30.62 16.69
N SER B 200 16.69 31.84 14.03
CA SER B 200 15.52 32.09 13.23
C SER B 200 15.82 33.05 12.08
N VAL B 201 15.17 32.83 10.94
CA VAL B 201 15.65 33.43 9.66
C VAL B 201 14.92 34.69 9.18
N ARG B 202 15.64 35.43 8.33
CA ARG B 202 15.26 36.76 7.84
C ARG B 202 14.22 36.77 6.72
N ARG B 203 13.26 37.68 6.87
CA ARG B 203 12.20 37.87 5.88
C ARG B 203 12.70 38.02 4.43
N SER B 204 13.82 38.76 4.24
CA SER B 204 14.46 38.84 2.92
C SER B 204 14.85 37.45 2.48
N LEU B 205 15.62 36.78 3.32
CA LEU B 205 16.22 35.49 2.96
C LEU B 205 15.16 34.43 2.66
N LEU B 206 14.06 34.49 3.40
CA LEU B 206 12.93 33.62 3.10
C LEU B 206 12.55 33.77 1.65
N GLN B 207 12.35 35.00 1.23
CA GLN B 207 11.83 35.26 -0.09
C GLN B 207 12.78 34.80 -1.16
N LYS B 208 14.09 34.94 -0.90
CA LYS B 208 15.07 34.36 -1.80
C LYS B 208 14.88 32.84 -1.84
N HIS B 209 14.72 32.21 -0.68
CA HIS B 209 14.48 30.79 -0.66
C HIS B 209 13.29 30.46 -1.57
N GLY B 210 12.20 31.21 -1.40
CA GLY B 210 11.04 31.08 -2.29
C GLY B 210 11.36 31.23 -3.78
N ARG B 211 12.09 32.29 -4.14
CA ARG B 211 12.41 32.56 -5.54
C ARG B 211 13.24 31.43 -6.13
N ILE B 212 14.21 30.97 -5.34
CA ILE B 212 15.04 29.85 -5.75
C ILE B 212 14.15 28.63 -5.92
N ARG B 213 13.25 28.40 -4.99
CA ARG B 213 12.44 27.20 -5.09
C ARG B 213 11.51 27.28 -6.30
N ASN B 214 11.03 28.47 -6.62
CA ASN B 214 10.20 28.60 -7.82
C ASN B 214 11.03 28.43 -9.10
N CYS B 215 12.23 29.03 -9.16
CA CYS B 215 13.02 28.90 -10.38
C CYS B 215 13.23 27.46 -10.71
N LEU B 216 13.49 26.73 -9.65
CA LEU B 216 13.78 25.32 -9.75
C LEU B 216 12.54 24.59 -10.21
N ALA B 217 11.43 24.81 -9.51
CA ALA B 217 10.15 24.26 -9.96
C ALA B 217 9.87 24.53 -11.44
N GLN B 218 10.24 25.71 -11.92
CA GLN B 218 9.94 26.07 -13.30
C GLN B 218 10.87 25.45 -14.32
N LEU B 219 12.11 25.22 -13.95
CA LEU B 219 13.05 24.64 -14.88
C LEU B 219 12.57 23.25 -15.31
N TYR B 220 11.76 22.62 -14.46
CA TYR B 220 11.18 21.31 -14.76
C TYR B 220 9.73 21.42 -15.20
N ALA B 221 9.53 21.81 -16.45
CA ALA B 221 8.19 21.86 -17.05
C ALA B 221 8.41 21.65 -18.53
N LYS B 222 7.62 20.78 -19.15
CA LYS B 222 7.75 20.56 -20.60
C LYS B 222 7.07 21.73 -21.24
N ASP B 223 7.22 21.84 -22.55
CA ASP B 223 6.77 23.03 -23.29
C ASP B 223 7.51 24.26 -22.73
N ILE B 224 8.85 24.16 -22.69
CA ILE B 224 9.73 25.19 -22.17
C ILE B 224 10.85 25.49 -23.17
N THR B 225 11.05 26.75 -23.47
CA THR B 225 11.97 27.13 -24.53
C THR B 225 13.42 27.06 -24.13
N PRO B 226 14.32 26.87 -25.10
CA PRO B 226 15.75 27.00 -24.83
C PRO B 226 16.09 28.30 -24.12
N ASP B 227 15.49 29.39 -24.62
CA ASP B 227 15.61 30.74 -24.07
C ASP B 227 15.07 30.87 -22.62
N ASP B 228 13.82 30.47 -22.40
CA ASP B 228 13.26 30.50 -21.03
C ASP B 228 14.09 29.65 -20.11
N LYS B 229 14.59 28.52 -20.63
CA LYS B 229 15.45 27.67 -19.79
C LYS B 229 16.72 28.48 -19.47
N GLN B 230 17.38 29.00 -20.51
CA GLN B 230 18.59 29.80 -20.31
C GLN B 230 18.38 30.92 -19.29
N GLU B 231 17.20 31.56 -19.35
CA GLU B 231 16.96 32.74 -18.55
C GLU B 231 16.61 32.36 -17.13
N LEU B 232 15.85 31.27 -16.99
CA LEU B 232 15.58 30.68 -15.67
C LEU B 232 16.85 30.17 -14.99
N ASP B 233 17.80 29.72 -15.81
CA ASP B 233 19.04 29.27 -15.29
C ASP B 233 19.78 30.38 -14.60
N GLU B 234 19.96 31.48 -15.33
CA GLU B 234 20.64 32.64 -14.76
C GLU B 234 19.77 33.20 -13.64
N ALA B 235 18.45 33.12 -13.76
CA ALA B 235 17.67 33.57 -12.63
C ALA B 235 18.05 32.76 -11.41
N LEU B 236 18.14 31.45 -11.57
CA LEU B 236 18.42 30.58 -10.46
C LEU B 236 19.79 30.89 -9.89
N HIS B 237 20.78 30.78 -10.76
CA HIS B 237 22.15 31.11 -10.42
C HIS B 237 22.22 32.43 -9.64
N ARG B 238 21.50 33.41 -10.13
CA ARG B 238 21.55 34.72 -9.52
C ARG B 238 20.99 34.68 -8.10
N GLU B 239 19.90 33.93 -7.89
CA GLU B 239 19.18 34.07 -6.62
C GLU B 239 19.88 33.29 -5.52
N ILE B 240 20.66 32.30 -5.91
CA ILE B 240 21.45 31.56 -4.97
C ILE B 240 22.54 32.49 -4.45
N GLN B 241 23.29 33.08 -5.37
CA GLN B 241 24.28 34.10 -5.01
C GLN B 241 23.71 35.21 -4.11
N ALA B 242 22.57 35.75 -4.49
CA ALA B 242 21.97 36.78 -3.66
C ALA B 242 21.74 36.25 -2.24
N ALA B 243 21.44 34.97 -2.09
CA ALA B 243 21.23 34.43 -0.74
C ALA B 243 22.59 34.29 -0.05
N PHE B 244 23.52 33.66 -0.74
CA PHE B 244 24.85 33.47 -0.23
C PHE B 244 25.46 34.77 0.24
N ARG B 245 25.18 35.87 -0.43
CA ARG B 245 25.80 37.13 -0.03
C ARG B 245 24.96 37.93 0.95
N THR B 246 24.02 37.28 1.61
CA THR B 246 23.22 37.93 2.63
C THR B 246 23.56 37.26 3.94
N ASP B 247 24.69 37.65 4.52
CA ASP B 247 25.27 36.83 5.55
C ASP B 247 25.93 37.63 6.66
N GLU B 248 25.43 38.82 6.95
CA GLU B 248 26.09 39.70 7.93
C GLU B 248 26.13 39.06 9.33
N ILE B 249 27.11 39.49 10.11
CA ILE B 249 27.39 38.94 11.44
C ILE B 249 26.62 39.77 12.50
N ARG B 250 25.44 39.30 12.90
CA ARG B 250 24.64 39.95 13.95
C ARG B 250 24.42 41.46 13.74
N PRO B 253 23.20 40.19 18.19
CA PRO B 253 21.89 39.75 18.74
C PRO B 253 20.75 40.59 18.18
N PRO B 254 19.50 40.06 18.10
CA PRO B 254 18.33 40.87 17.70
C PRO B 254 17.13 40.88 18.71
N THR B 255 16.40 41.99 18.75
CA THR B 255 15.38 42.19 19.79
C THR B 255 14.15 41.32 19.53
N PRO B 256 13.45 40.90 20.61
CA PRO B 256 12.18 40.19 20.53
C PRO B 256 11.24 40.79 19.51
N GLN B 257 11.18 42.10 19.48
CA GLN B 257 10.40 42.83 18.48
C GLN B 257 10.77 42.41 17.06
N ASP B 258 12.04 42.45 16.69
CA ASP B 258 12.45 42.03 15.34
C ASP B 258 12.17 40.53 15.22
N GLU B 259 12.65 39.73 16.18
CA GLU B 259 12.47 38.28 16.13
C GLU B 259 11.01 37.93 15.82
N MET B 260 10.08 38.74 16.34
CA MET B 260 8.65 38.55 16.11
C MET B 260 8.20 39.16 14.77
N ARG B 261 8.53 40.41 14.50
CA ARG B 261 8.38 41.00 13.16
C ARG B 261 8.82 40.01 12.07
N ALA B 262 9.69 39.04 12.43
CA ALA B 262 10.00 37.90 11.56
C ALA B 262 8.70 37.21 11.19
N GLY B 263 8.11 36.46 12.13
CA GLY B 263 6.77 35.84 12.00
C GLY B 263 5.87 36.52 10.97
N MET B 264 5.51 37.78 11.18
CA MET B 264 4.58 38.51 10.25
C MET B 264 4.88 38.38 8.72
N SER B 265 6.12 38.05 8.38
CA SER B 265 6.55 37.43 7.11
C SER B 265 5.88 36.09 6.75
N TYR B 266 6.24 34.97 7.40
CA TYR B 266 5.64 33.64 7.10
C TYR B 266 4.11 33.60 6.86
N PHE B 267 3.42 34.53 7.48
CA PHE B 267 2.02 34.60 7.35
C PHE B 267 1.72 35.23 6.02
N HIS B 268 2.30 36.40 5.77
CA HIS B 268 2.30 37.04 4.44
C HIS B 268 2.62 35.99 3.37
N GLU B 269 3.82 35.44 3.46
CA GLU B 269 4.34 34.46 2.57
C GLU B 269 3.39 33.32 2.36
N THR B 270 2.88 32.70 3.43
CA THR B 270 2.13 31.51 3.13
C THR B 270 0.77 31.26 3.79
N ILE B 271 0.66 31.52 5.07
CA ILE B 271 -0.54 31.14 5.80
C ILE B 271 -1.75 32.03 5.44
N TRP B 272 -1.49 33.32 5.25
CA TRP B 272 -2.51 34.28 4.92
C TRP B 272 -3.26 33.87 3.70
N LYS B 273 -2.56 33.47 2.64
CA LYS B 273 -3.22 32.89 1.48
C LYS B 273 -3.67 31.42 1.70
N GLY B 274 -2.88 30.64 2.45
CA GLY B 274 -3.18 29.23 2.68
C GLY B 274 -4.57 28.92 3.23
N VAL B 275 -4.97 29.73 4.20
CA VAL B 275 -6.16 29.43 4.94
C VAL B 275 -7.44 29.42 4.06
N PRO B 276 -7.64 30.49 3.28
CA PRO B 276 -8.75 30.49 2.35
C PRO B 276 -8.69 29.34 1.38
N LYS B 277 -7.50 29.07 0.85
CA LYS B 277 -7.35 27.93 -0.08
C LYS B 277 -7.84 26.68 0.59
N PHE B 278 -7.34 26.38 1.77
CA PHE B 278 -7.83 25.19 2.43
C PHE B 278 -9.35 25.21 2.71
N LEU B 279 -9.85 26.31 3.26
CA LEU B 279 -11.30 26.35 3.59
C LEU B 279 -12.13 26.17 2.32
N ARG B 280 -11.59 26.61 1.18
CA ARG B 280 -12.35 26.42 -0.04
C ARG B 280 -12.36 24.92 -0.37
N ARG B 281 -11.26 24.26 -0.10
CA ARG B 281 -11.22 22.81 -0.25
C ARG B 281 -12.20 22.12 0.65
N VAL B 282 -12.26 22.54 1.90
CA VAL B 282 -13.30 22.01 2.74
C VAL B 282 -14.62 22.13 1.99
N ASP B 283 -14.93 23.33 1.46
CA ASP B 283 -16.21 23.53 0.73
C ASP B 283 -16.45 22.52 -0.37
N THR B 284 -15.42 22.27 -1.17
CA THR B 284 -15.48 21.34 -2.26
C THR B 284 -15.71 19.92 -1.72
N ALA B 285 -14.91 19.52 -0.72
CA ALA B 285 -15.11 18.25 -0.01
C ALA B 285 -16.52 18.09 0.55
N LEU B 286 -17.11 19.14 1.09
CA LEU B 286 -18.49 19.02 1.55
C LEU B 286 -19.49 18.78 0.39
N LYS B 287 -19.22 19.35 -0.80
CA LYS B 287 -20.08 19.12 -1.97
C LYS B 287 -20.12 17.65 -2.23
N ASN B 288 -18.93 17.06 -2.27
CA ASN B 288 -18.77 15.72 -2.74
C ASN B 288 -19.28 14.64 -1.76
N ILE B 289 -19.75 15.02 -0.58
CA ILE B 289 -20.44 14.06 0.27
C ILE B 289 -21.89 14.49 0.45
N GLY B 290 -22.29 15.47 -0.35
CA GLY B 290 -23.69 15.85 -0.46
C GLY B 290 -24.16 16.93 0.48
N ILE B 291 -23.25 17.74 1.01
CA ILE B 291 -23.68 18.91 1.76
C ILE B 291 -23.68 20.08 0.78
N ASN B 292 -24.84 20.72 0.64
CA ASN B 292 -24.99 21.70 -0.39
C ASN B 292 -24.87 23.11 0.16
N GLU B 293 -23.86 23.33 1.00
CA GLU B 293 -23.55 24.66 1.47
C GLU B 293 -22.09 24.73 1.86
N ARG B 294 -21.55 25.95 1.92
CA ARG B 294 -20.16 26.14 2.22
C ARG B 294 -19.95 26.22 3.73
N PHE B 295 -18.73 25.89 4.14
CA PHE B 295 -18.36 25.97 5.52
C PHE B 295 -18.57 27.42 5.93
N PRO B 296 -19.32 27.67 7.03
CA PRO B 296 -19.56 29.06 7.47
C PRO B 296 -18.25 29.82 7.59
N TYR B 297 -18.23 31.01 7.02
CA TYR B 297 -17.03 31.80 6.97
C TYR B 297 -16.54 32.30 8.30
N ASN B 298 -17.43 32.30 9.30
CA ASN B 298 -17.08 32.75 10.67
C ASN B 298 -16.89 31.64 11.63
N ALA B 299 -17.00 30.39 11.17
CA ALA B 299 -16.73 29.26 12.05
C ALA B 299 -15.26 29.32 12.31
N PRO B 300 -14.85 29.44 13.56
CA PRO B 300 -13.43 29.52 13.94
C PRO B 300 -12.67 28.18 13.88
N LEU B 301 -12.67 27.54 12.74
CA LEU B 301 -11.93 26.31 12.55
C LEU B 301 -10.45 26.42 12.82
N ILE B 302 -9.82 27.47 12.37
CA ILE B 302 -8.35 27.59 12.43
C ILE B 302 -7.99 28.88 13.11
N GLN B 303 -7.11 28.79 14.11
CA GLN B 303 -6.73 29.96 14.87
C GLN B 303 -5.22 29.87 15.04
N PHE B 304 -4.52 30.99 15.05
CA PHE B 304 -3.10 31.01 15.32
C PHE B 304 -2.74 31.85 16.54
N SER B 305 -1.61 31.51 17.14
CA SER B 305 -1.20 32.11 18.38
C SER B 305 0.31 32.12 18.40
N SER B 306 0.87 32.83 19.37
CA SER B 306 2.30 32.98 19.44
C SER B 306 2.82 33.11 20.87
N TRP B 307 4.10 32.77 21.04
CA TRP B 307 4.82 32.92 22.28
C TRP B 307 5.76 34.15 22.23
N MET B 308 5.87 34.74 21.04
CA MET B 308 6.92 35.71 20.78
C MET B 308 6.59 37.05 21.41
N GLY B 309 7.38 37.41 22.41
CA GLY B 309 7.10 38.58 23.25
C GLY B 309 6.17 38.25 24.41
N GLY B 310 5.90 36.96 24.61
CA GLY B 310 4.89 36.48 25.53
C GLY B 310 5.51 35.56 26.56
N ASP B 311 6.29 34.61 26.05
CA ASP B 311 7.03 33.70 26.92
C ASP B 311 8.21 34.36 27.58
N ARG B 312 8.18 34.58 28.89
CA ARG B 312 9.31 35.15 29.63
C ARG B 312 9.97 34.17 30.63
N ASP B 313 9.58 32.90 30.53
CA ASP B 313 10.08 31.83 31.39
C ASP B 313 11.56 31.62 31.24
N GLY B 314 12.28 31.84 32.35
CA GLY B 314 13.71 31.90 32.35
C GLY B 314 14.24 32.84 31.27
N ASN B 315 13.52 33.92 30.98
CA ASN B 315 14.01 34.82 29.95
C ASN B 315 13.74 36.31 30.21
N PRO B 316 14.61 36.94 31.02
CA PRO B 316 14.29 38.33 31.40
C PRO B 316 14.32 39.37 30.28
N ARG B 317 14.81 39.02 29.09
CA ARG B 317 14.71 39.95 27.96
C ARG B 317 13.26 40.28 27.58
N VAL B 318 12.34 39.42 28.00
CA VAL B 318 10.94 39.58 27.56
C VAL B 318 10.24 40.36 28.64
N THR B 319 10.34 41.66 28.49
CA THR B 319 9.85 42.61 29.43
C THR B 319 8.40 42.92 29.12
N PRO B 320 7.75 43.70 30.00
CA PRO B 320 6.41 44.18 29.74
C PRO B 320 6.35 45.06 28.54
N GLU B 321 7.38 45.86 28.32
CA GLU B 321 7.39 46.79 27.22
C GLU B 321 7.51 46.00 25.93
N VAL B 322 8.28 44.93 25.98
CA VAL B 322 8.34 44.04 24.84
C VAL B 322 6.92 43.58 24.48
N THR B 323 6.21 43.09 25.50
CA THR B 323 4.92 42.49 25.27
C THR B 323 3.99 43.56 24.78
N ARG B 324 4.10 44.76 25.32
CA ARG B 324 3.25 45.78 24.77
C ARG B 324 3.56 45.91 23.28
N ASP B 325 4.84 45.90 22.95
CA ASP B 325 5.20 46.15 21.56
C ASP B 325 4.76 45.05 20.59
N VAL B 326 4.89 43.79 20.99
CA VAL B 326 4.44 42.76 20.06
C VAL B 326 2.92 42.80 19.85
N CYS B 327 2.13 43.32 20.79
CA CYS B 327 0.69 43.43 20.54
C CYS B 327 0.42 44.48 19.52
N LEU B 328 1.06 45.63 19.71
CA LEU B 328 0.85 46.73 18.82
C LEU B 328 1.37 46.40 17.42
N LEU B 329 2.54 45.78 17.31
CA LEU B 329 2.99 45.31 15.98
C LEU B 329 1.98 44.40 15.30
N ALA B 330 1.63 43.31 15.99
CA ALA B 330 0.58 42.40 15.53
C ALA B 330 -0.63 43.19 15.05
N ARG B 331 -1.19 44.03 15.92
CA ARG B 331 -2.33 44.85 15.48
C ARG B 331 -2.03 45.66 14.20
N MET B 332 -0.83 46.21 14.13
CA MET B 332 -0.50 47.10 13.04
C MET B 332 -0.46 46.32 11.76
N MET B 333 0.45 45.37 11.69
CA MET B 333 0.71 44.59 10.49
C MET B 333 -0.55 43.89 9.95
N THR B 334 -1.27 43.20 10.83
CA THR B 334 -2.57 42.68 10.46
C THR B 334 -3.46 43.72 9.77
N SER B 335 -3.56 44.93 10.30
CA SER B 335 -4.38 45.97 9.66
C SER B 335 -3.80 46.28 8.27
N ASN B 336 -2.49 46.29 8.19
CA ASN B 336 -1.81 46.55 6.95
C ASN B 336 -2.08 45.50 5.89
N MET B 337 -2.25 44.26 6.32
CA MET B 337 -2.46 43.19 5.38
C MET B 337 -3.83 43.31 4.81
N TYR B 338 -4.82 43.39 5.70
CA TYR B 338 -6.16 43.69 5.24
C TYR B 338 -6.13 44.93 4.31
N PHE B 339 -5.37 45.94 4.69
CA PHE B 339 -5.33 47.17 3.93
C PHE B 339 -4.73 47.01 2.52
N SER B 340 -3.65 46.25 2.37
CA SER B 340 -3.02 46.12 1.06
C SER B 340 -3.83 45.27 0.11
N GLN B 341 -4.78 44.49 0.62
CA GLN B 341 -5.59 43.71 -0.28
C GLN B 341 -6.96 44.28 -0.53
N ILE B 342 -7.47 45.06 0.41
CA ILE B 342 -8.76 45.72 0.21
C ILE B 342 -8.83 46.42 -1.16
N GLU B 343 -7.73 47.04 -1.57
CA GLU B 343 -7.75 47.82 -2.81
C GLU B 343 -8.01 46.90 -4.00
N ASP B 344 -7.53 45.66 -3.91
CA ASP B 344 -7.78 44.68 -4.97
C ASP B 344 -9.22 44.17 -4.96
N LEU B 345 -9.82 44.07 -3.79
CA LEU B 345 -11.21 43.64 -3.71
C LEU B 345 -12.10 44.75 -4.23
N MET B 346 -11.75 45.98 -3.88
CA MET B 346 -12.49 47.15 -4.35
C MET B 346 -12.58 47.25 -5.89
N ILE B 347 -11.45 47.01 -6.55
CA ILE B 347 -11.40 46.95 -8.02
C ILE B 347 -12.28 45.82 -8.54
N GLU B 348 -12.24 44.68 -7.90
CA GLU B 348 -13.02 43.52 -8.31
C GLU B 348 -14.49 43.79 -8.11
N MET B 349 -14.85 44.59 -7.11
CA MET B 349 -16.26 44.77 -6.77
C MET B 349 -16.92 45.92 -7.55
N SER B 350 -16.85 45.80 -8.86
CA SER B 350 -17.36 46.81 -9.79
C SER B 350 -18.88 46.79 -9.95
N MET B 351 -19.56 45.80 -9.35
CA MET B 351 -21.03 45.63 -9.44
C MET B 351 -21.75 46.87 -8.96
N TRP B 352 -22.94 47.11 -9.55
CA TRP B 352 -23.80 48.24 -9.17
C TRP B 352 -25.17 47.83 -8.58
N ARG B 353 -25.62 46.60 -8.85
CA ARG B 353 -26.87 46.10 -8.28
C ARG B 353 -26.67 45.59 -6.85
N CYS B 354 -27.36 46.24 -5.90
CA CYS B 354 -27.32 45.85 -4.48
C CYS B 354 -28.70 45.87 -3.84
N ASN B 355 -28.84 45.22 -2.69
CA ASN B 355 -30.06 45.34 -1.90
C ASN B 355 -30.13 46.70 -1.23
N SER B 356 -31.30 47.02 -0.67
CA SER B 356 -31.55 48.35 -0.13
C SER B 356 -30.71 48.59 1.12
N GLU B 357 -30.61 47.56 1.96
CA GLU B 357 -29.86 47.67 3.18
C GLU B 357 -28.52 48.35 2.90
N LEU B 358 -27.85 47.82 1.89
CA LEU B 358 -26.57 48.37 1.43
C LEU B 358 -26.73 49.75 0.80
N ARG B 359 -27.69 49.88 -0.11
CA ARG B 359 -27.85 51.13 -0.88
C ARG B 359 -28.01 52.31 0.06
N VAL B 360 -28.83 52.15 1.09
CA VAL B 360 -28.87 53.15 2.15
C VAL B 360 -27.44 53.50 2.59
N ARG B 361 -26.75 52.49 3.15
CA ARG B 361 -25.51 52.79 3.87
C ARG B 361 -24.49 53.41 2.95
N ALA B 362 -24.56 53.07 1.67
CA ALA B 362 -23.71 53.71 0.68
C ALA B 362 -24.05 55.20 0.55
N GLU B 363 -25.31 55.48 0.26
CA GLU B 363 -25.81 56.86 0.17
C GLU B 363 -25.30 57.61 1.40
N GLU B 364 -25.62 57.11 2.59
CA GLU B 364 -25.10 57.74 3.81
C GLU B 364 -23.64 58.16 3.67
N LEU B 365 -22.80 57.20 3.29
CA LEU B 365 -21.35 57.42 3.23
C LEU B 365 -20.92 58.40 2.14
N TYR B 366 -21.53 58.34 0.96
CA TYR B 366 -21.18 59.34 -0.03
C TYR B 366 -21.63 60.73 0.46
N ARG B 367 -22.90 60.81 0.84
CA ARG B 367 -23.45 62.00 1.50
C ARG B 367 -22.46 62.59 2.51
N THR B 368 -21.94 61.78 3.46
CA THR B 368 -20.99 62.32 4.46
C THR B 368 -19.60 62.78 3.89
N ALA B 369 -19.59 63.09 2.57
CA ALA B 369 -18.76 64.12 1.87
C ALA B 369 -17.22 64.02 1.91
N LYS B 374 -6.05 61.73 -0.41
CA LYS B 374 -5.83 60.47 0.30
C LYS B 374 -4.34 60.00 0.31
N HIS B 375 -3.77 59.89 1.53
CA HIS B 375 -2.35 59.53 1.77
C HIS B 375 -1.75 58.51 0.77
N TYR B 376 -2.53 57.48 0.44
CA TYR B 376 -2.16 56.39 -0.48
C TYR B 376 -2.70 56.68 -1.86
N ILE B 377 -2.42 55.78 -2.79
CA ILE B 377 -3.07 55.86 -4.11
C ILE B 377 -3.24 54.46 -4.73
N GLU B 378 -4.49 54.01 -4.72
CA GLU B 378 -5.07 53.30 -5.84
C GLU B 378 -6.39 54.04 -6.10
N PHE B 379 -7.30 53.96 -5.13
CA PHE B 379 -8.46 54.84 -5.09
C PHE B 379 -8.09 56.05 -4.24
N TRP B 380 -7.54 57.08 -4.88
CA TRP B 380 -7.23 58.34 -4.19
C TRP B 380 -8.35 59.39 -4.42
N LYS B 381 -9.41 58.98 -5.14
CA LYS B 381 -10.54 59.84 -5.52
C LYS B 381 -11.76 59.65 -4.61
N ARG B 382 -12.82 60.41 -4.87
CA ARG B 382 -14.15 60.01 -4.43
C ARG B 382 -14.83 59.10 -5.48
N ILE B 383 -15.87 58.40 -5.02
CA ILE B 383 -16.40 57.21 -5.67
C ILE B 383 -17.89 57.39 -5.86
N PRO B 384 -18.40 57.12 -7.07
CA PRO B 384 -19.83 57.33 -7.27
C PRO B 384 -20.69 56.27 -6.57
N PRO B 385 -21.84 56.69 -5.98
CA PRO B 385 -22.75 55.66 -5.41
C PRO B 385 -23.29 54.71 -6.51
N ASN B 386 -23.12 55.14 -7.77
CA ASN B 386 -23.13 54.31 -8.95
C ASN B 386 -22.53 52.94 -8.69
N GLN B 387 -21.52 52.90 -7.83
CA GLN B 387 -20.88 51.64 -7.45
C GLN B 387 -20.75 51.49 -5.93
N PRO B 388 -21.81 51.02 -5.29
CA PRO B 388 -21.98 51.04 -3.85
C PRO B 388 -21.04 50.10 -3.07
N TYR B 389 -20.83 48.88 -3.56
CA TYR B 389 -19.94 47.97 -2.86
C TYR B 389 -18.59 48.66 -2.65
N ARG B 390 -18.16 49.44 -3.64
CA ARG B 390 -16.89 50.16 -3.52
C ARG B 390 -16.90 51.24 -2.46
N VAL B 391 -18.07 51.86 -2.27
CA VAL B 391 -18.20 52.93 -1.29
C VAL B 391 -17.97 52.37 0.09
N ILE B 392 -18.54 51.20 0.36
CA ILE B 392 -18.43 50.55 1.69
C ILE B 392 -16.99 50.20 1.93
N LEU B 393 -16.44 49.54 0.93
CA LEU B 393 -15.11 49.00 1.07
C LEU B 393 -14.08 50.13 1.16
N GLY B 394 -14.38 51.28 0.56
CA GLY B 394 -13.55 52.48 0.77
C GLY B 394 -13.53 52.96 2.23
N ASP B 395 -14.71 53.05 2.83
CA ASP B 395 -14.80 53.31 4.26
C ASP B 395 -13.94 52.28 4.99
N VAL B 396 -14.24 50.99 4.75
CA VAL B 396 -13.46 49.94 5.41
C VAL B 396 -11.96 50.17 5.26
N ARG B 397 -11.52 50.53 4.07
CA ARG B 397 -10.13 50.78 3.86
C ARG B 397 -9.65 51.88 4.79
N ASP B 398 -10.33 53.03 4.80
CA ASP B 398 -9.91 54.13 5.69
C ASP B 398 -9.85 53.69 7.13
N LYS B 399 -10.87 52.94 7.56
CA LYS B 399 -10.85 52.45 8.93
C LYS B 399 -9.66 51.53 9.19
N LEU B 400 -9.36 50.65 8.24
CA LEU B 400 -8.19 49.79 8.35
C LEU B 400 -6.91 50.60 8.41
N TYR B 401 -6.81 51.62 7.57
CA TYR B 401 -5.64 52.50 7.54
C TYR B 401 -5.46 53.20 8.85
N ASN B 402 -6.56 53.70 9.39
CA ASN B 402 -6.51 54.39 10.67
C ASN B 402 -6.08 53.42 11.76
N THR B 403 -6.70 52.24 11.76
CA THR B 403 -6.35 51.20 12.71
C THR B 403 -4.89 50.87 12.59
N ARG B 404 -4.38 50.89 11.37
CA ARG B 404 -2.95 50.66 11.16
C ARG B 404 -2.18 51.80 11.83
N GLU B 405 -2.62 53.04 11.60
CA GLU B 405 -1.86 54.22 12.04
C GLU B 405 -1.88 54.45 13.55
N ARG B 406 -3.05 54.31 14.17
CA ARG B 406 -3.08 54.33 15.62
C ARG B 406 -2.08 53.36 16.23
N SER B 407 -2.15 52.10 15.82
CA SER B 407 -1.19 51.13 16.34
C SER B 407 0.26 51.57 16.05
N ARG B 408 0.47 52.35 14.98
CA ARG B 408 1.82 52.71 14.59
C ARG B 408 2.33 53.81 15.50
N HIS B 409 1.48 54.83 15.69
CA HIS B 409 1.80 55.93 16.57
C HIS B 409 1.93 55.41 18.00
N LEU B 410 0.89 54.76 18.55
CA LEU B 410 1.04 54.18 19.89
C LEU B 410 2.42 53.50 20.01
N LEU B 411 2.79 52.75 19.00
CA LEU B 411 4.01 51.99 19.05
C LEU B 411 5.26 52.86 19.12
N VAL B 412 5.31 53.99 18.42
CA VAL B 412 6.56 54.75 18.36
C VAL B 412 6.57 56.00 19.27
N ASP B 413 5.41 56.56 19.56
CA ASP B 413 5.23 57.72 20.43
C ASP B 413 4.82 57.28 21.82
N GLY B 414 3.66 56.64 21.95
CA GLY B 414 3.14 56.24 23.26
C GLY B 414 1.77 56.84 23.48
N LYS B 415 1.48 57.92 22.76
CA LYS B 415 0.16 58.49 22.74
C LYS B 415 -0.29 58.37 21.29
N SER B 416 -1.60 58.43 21.07
CA SER B 416 -2.12 58.69 19.72
C SER B 416 -3.47 59.36 19.73
N ASP B 417 -3.55 60.48 19.01
CA ASP B 417 -4.75 61.34 19.00
C ASP B 417 -5.88 60.84 18.05
N ILE B 418 -6.29 59.56 18.19
CA ILE B 418 -7.16 58.92 17.19
C ILE B 418 -8.36 58.16 17.77
N PRO B 419 -9.58 58.64 17.51
CA PRO B 419 -10.78 58.09 18.15
C PRO B 419 -11.09 56.65 17.81
N ASP B 420 -11.45 55.87 18.82
CA ASP B 420 -12.05 54.54 18.64
C ASP B 420 -13.09 54.50 17.50
N GLU B 421 -13.81 55.59 17.27
CA GLU B 421 -14.84 55.69 16.21
C GLU B 421 -14.22 55.45 14.85
N ALA B 422 -13.01 55.97 14.67
CA ALA B 422 -12.32 55.98 13.36
C ALA B 422 -11.64 54.67 12.96
N VAL B 423 -11.86 53.62 13.76
CA VAL B 423 -10.91 52.53 13.88
C VAL B 423 -11.58 51.24 14.35
N TYR B 424 -11.05 50.11 13.90
CA TYR B 424 -11.55 48.82 14.34
C TYR B 424 -10.88 48.43 15.68
N THR B 425 -11.67 48.41 16.75
CA THR B 425 -11.22 47.90 18.04
C THR B 425 -11.74 46.48 18.23
N ASN B 426 -12.59 46.02 17.33
CA ASN B 426 -13.15 44.71 17.45
C ASN B 426 -13.58 44.10 16.12
N VAL B 427 -13.19 42.85 15.93
CA VAL B 427 -13.32 42.17 14.66
C VAL B 427 -14.75 42.23 14.05
N GLU B 428 -15.77 42.18 14.90
CA GLU B 428 -17.16 42.26 14.44
C GLU B 428 -17.37 43.52 13.59
N GLN B 429 -16.72 44.61 14.00
CA GLN B 429 -16.84 45.89 13.33
C GLN B 429 -16.31 45.75 11.92
N LEU B 430 -15.31 44.91 11.74
CA LEU B 430 -14.71 44.76 10.41
C LEU B 430 -15.47 43.77 9.60
N LEU B 431 -15.91 42.67 10.20
CA LEU B 431 -16.80 41.76 9.49
C LEU B 431 -18.09 42.40 9.00
N GLU B 432 -18.66 43.28 9.82
CA GLU B 432 -20.05 43.70 9.53
C GLU B 432 -20.27 44.23 8.10
N PRO B 433 -19.48 45.24 7.69
CA PRO B 433 -19.54 45.69 6.30
C PRO B 433 -19.26 44.61 5.25
N LEU B 434 -18.43 43.63 5.57
CA LEU B 434 -18.17 42.56 4.60
C LEU B 434 -19.37 41.64 4.47
N GLU B 435 -19.97 41.30 5.61
CA GLU B 435 -21.17 40.49 5.63
C GLU B 435 -22.25 41.27 4.89
N LEU B 436 -22.22 42.59 5.03
CA LEU B 436 -23.20 43.39 4.32
C LEU B 436 -23.12 43.19 2.80
N CYS B 437 -21.94 43.47 2.26
CA CYS B 437 -21.62 43.23 0.87
C CYS B 437 -22.04 41.82 0.50
N TYR B 438 -21.58 40.85 1.28
CA TYR B 438 -21.90 39.43 1.00
C TYR B 438 -23.37 39.15 0.85
N ARG B 439 -24.13 39.60 1.82
CA ARG B 439 -25.56 39.38 1.79
C ARG B 439 -26.12 40.08 0.54
N SER B 440 -25.82 41.37 0.41
CA SER B 440 -26.27 42.14 -0.75
C SER B 440 -26.08 41.38 -2.04
N LEU B 441 -24.88 40.85 -2.22
CA LEU B 441 -24.62 40.10 -3.44
C LEU B 441 -25.57 38.92 -3.58
N CYS B 442 -25.75 38.11 -2.53
CA CYS B 442 -26.61 36.95 -2.64
C CYS B 442 -28.01 37.40 -2.97
N ASP B 443 -28.48 38.41 -2.26
CA ASP B 443 -29.81 38.94 -2.47
C ASP B 443 -30.00 39.43 -3.90
N CYS B 444 -29.02 40.14 -4.46
CA CYS B 444 -29.14 40.50 -5.89
C CYS B 444 -28.99 39.32 -6.89
N GLY B 445 -28.76 38.10 -6.42
CA GLY B 445 -28.65 36.92 -7.29
C GLY B 445 -27.22 36.58 -7.67
N ASP B 446 -26.26 37.05 -6.88
CA ASP B 446 -24.86 37.00 -7.23
C ASP B 446 -24.10 36.26 -6.16
N HIS B 447 -24.69 35.22 -5.56
CA HIS B 447 -23.97 34.51 -4.50
C HIS B 447 -22.65 33.94 -5.08
N VAL B 448 -22.70 33.49 -6.32
CA VAL B 448 -21.56 32.92 -6.99
C VAL B 448 -20.34 33.85 -6.97
N ILE B 449 -20.58 35.15 -7.15
CA ILE B 449 -19.54 36.16 -7.06
C ILE B 449 -19.16 36.39 -5.61
N ALA B 450 -20.17 36.38 -4.73
CA ALA B 450 -19.93 36.56 -3.30
C ALA B 450 -19.04 35.49 -2.73
N ASP B 451 -19.06 34.28 -3.31
CA ASP B 451 -18.17 33.21 -2.84
C ASP B 451 -16.77 33.23 -3.49
N GLY B 452 -16.38 34.35 -4.09
CA GLY B 452 -15.01 34.51 -4.58
C GLY B 452 -14.12 35.19 -3.57
N SER B 453 -13.45 36.26 -3.94
CA SER B 453 -12.48 36.93 -3.07
C SER B 453 -13.09 37.44 -1.82
N LEU B 454 -14.34 37.86 -1.91
CA LEU B 454 -15.05 38.37 -0.75
C LEU B 454 -15.08 37.30 0.35
N LEU B 455 -15.60 36.15 0.01
CA LEU B 455 -15.51 35.01 0.87
C LEU B 455 -14.11 34.75 1.40
N ASP B 456 -13.10 34.71 0.54
CA ASP B 456 -11.74 34.53 1.04
C ASP B 456 -11.47 35.54 2.17
N PHE B 457 -11.92 36.77 1.95
CA PHE B 457 -11.57 37.88 2.81
C PHE B 457 -12.29 37.72 4.13
N LEU B 458 -13.56 37.41 4.07
CA LEU B 458 -14.29 37.07 5.25
C LEU B 458 -13.53 35.99 5.99
N ARG B 459 -13.11 34.94 5.30
CA ARG B 459 -12.48 33.84 6.02
C ARG B 459 -11.18 34.29 6.70
N GLN B 460 -10.43 35.12 5.98
CA GLN B 460 -9.21 35.66 6.54
C GLN B 460 -9.51 36.47 7.76
N VAL B 461 -10.44 37.40 7.64
CA VAL B 461 -10.76 38.23 8.77
C VAL B 461 -11.19 37.35 9.93
N SER B 462 -11.96 36.32 9.63
CA SER B 462 -12.52 35.57 10.71
C SER B 462 -11.45 34.70 11.38
N THR B 463 -10.54 34.19 10.60
CA THR B 463 -9.46 33.39 11.12
C THR B 463 -8.42 34.24 11.87
N PHE B 464 -8.00 35.35 11.27
CA PHE B 464 -6.88 36.14 11.78
C PHE B 464 -7.27 37.30 12.68
N GLY B 465 -8.55 37.66 12.70
CA GLY B 465 -8.99 38.83 13.47
C GLY B 465 -8.20 40.10 13.25
N LEU B 466 -8.24 40.96 14.24
CA LEU B 466 -7.47 42.17 14.22
C LEU B 466 -5.99 41.94 14.59
N SER B 467 -5.69 40.81 15.21
CA SER B 467 -4.32 40.47 15.56
C SER B 467 -4.01 39.08 15.06
N LEU B 468 -3.34 39.06 13.91
CA LEU B 468 -2.93 37.85 13.25
C LEU B 468 -2.77 36.64 14.16
N VAL B 469 -2.04 36.83 15.23
CA VAL B 469 -1.84 35.86 16.30
C VAL B 469 -2.20 36.46 17.64
N LYS B 470 -2.77 35.64 18.49
CA LYS B 470 -2.92 36.01 19.85
C LYS B 470 -1.72 35.56 20.62
N LEU B 471 -1.33 36.38 21.59
CA LEU B 471 -0.10 36.15 22.33
C LEU B 471 -0.37 35.39 23.63
N ASP B 472 0.32 34.28 23.84
CA ASP B 472 0.26 33.65 25.15
C ASP B 472 1.34 34.29 26.04
N ILE B 473 1.06 34.36 27.34
CA ILE B 473 2.00 34.81 28.35
C ILE B 473 2.46 33.56 29.11
N ARG B 474 3.76 33.42 29.35
CA ARG B 474 4.20 32.31 30.16
C ARG B 474 5.21 32.77 31.14
N GLN B 475 5.07 32.30 32.38
CA GLN B 475 6.01 32.64 33.43
C GLN B 475 5.95 31.47 34.38
N GLU B 476 7.03 31.28 35.13
CA GLU B 476 7.15 30.12 36.00
C GLU B 476 6.52 30.36 37.34
N SER B 477 5.84 29.33 37.83
CA SER B 477 5.12 29.40 39.12
C SER B 477 5.91 30.11 40.23
N ASP B 478 7.21 29.83 40.32
CA ASP B 478 7.95 30.35 41.44
C ASP B 478 7.92 31.87 41.44
N ARG B 479 7.87 32.43 40.26
CA ARG B 479 7.79 33.86 40.20
C ARG B 479 6.52 34.43 40.86
N HIS B 480 5.40 33.73 40.74
CA HIS B 480 4.17 34.28 41.28
C HIS B 480 4.24 34.15 42.76
N THR B 481 4.85 33.05 43.20
CA THR B 481 5.13 32.86 44.61
C THR B 481 5.97 33.99 45.15
N GLU B 482 7.05 34.36 44.45
CA GLU B 482 7.93 35.43 44.90
C GLU B 482 7.10 36.68 45.06
N VAL B 483 6.22 36.93 44.12
CA VAL B 483 5.42 38.13 44.18
C VAL B 483 4.51 38.07 45.39
N LEU B 484 3.72 37.02 45.51
CA LEU B 484 2.82 36.93 46.64
C LEU B 484 3.57 36.99 47.99
N ASP B 485 4.78 36.45 48.03
CA ASP B 485 5.54 36.47 49.28
C ASP B 485 5.87 37.90 49.70
N ALA B 486 6.37 38.69 48.76
CA ALA B 486 6.56 40.14 48.97
C ALA B 486 5.31 40.83 49.56
N ILE B 487 4.17 40.48 48.98
CA ILE B 487 2.91 41.05 49.38
C ILE B 487 2.60 40.63 50.81
N THR B 488 2.61 39.34 51.08
CA THR B 488 2.20 38.88 52.42
C THR B 488 3.13 39.44 53.43
N GLN B 489 4.43 39.35 53.15
CA GLN B 489 5.36 39.92 54.13
C GLN B 489 5.13 41.41 54.34
N HIS B 490 5.01 42.18 53.25
CA HIS B 490 4.72 43.60 53.37
C HIS B 490 3.45 43.87 54.16
N LEU B 491 2.44 43.01 54.02
CA LEU B 491 1.19 43.15 54.82
C LEU B 491 1.34 42.74 56.27
N GLY B 492 2.49 42.25 56.65
CA GLY B 492 2.72 41.81 58.01
C GLY B 492 2.05 40.51 58.40
N ILE B 493 1.58 39.70 57.46
CA ILE B 493 0.87 38.45 57.80
C ILE B 493 1.64 37.14 57.60
N GLY B 494 2.95 37.25 57.41
CA GLY B 494 3.81 36.08 57.22
C GLY B 494 4.25 35.91 55.77
N SER B 495 4.73 34.72 55.46
CA SER B 495 5.39 34.43 54.19
C SER B 495 4.64 33.38 53.40
N TYR B 496 4.01 33.83 52.32
CA TYR B 496 3.35 32.93 51.41
C TYR B 496 4.24 31.74 51.04
N ARG B 497 5.52 31.98 50.86
CA ARG B 497 6.40 30.90 50.50
C ARG B 497 6.34 29.81 51.56
N GLU B 498 6.39 30.19 52.83
CA GLU B 498 6.44 29.22 53.93
C GLU B 498 5.13 28.49 54.12
N TRP B 499 4.05 29.00 53.58
CA TRP B 499 2.79 28.42 53.89
C TRP B 499 2.60 27.13 53.15
N SER B 500 1.86 26.25 53.81
CA SER B 500 1.41 25.01 53.22
C SER B 500 0.39 25.30 52.13
N GLU B 501 0.33 24.38 51.19
CA GLU B 501 -0.64 24.44 50.14
C GLU B 501 -2.07 24.73 50.64
N GLU B 502 -2.50 24.03 51.68
CA GLU B 502 -3.86 24.25 52.21
C GLU B 502 -3.98 25.67 52.67
N LYS B 503 -2.93 26.20 53.27
CA LYS B 503 -2.96 27.57 53.73
C LYS B 503 -3.04 28.54 52.53
N ARG B 504 -2.12 28.37 51.59
CA ARG B 504 -2.17 29.16 50.37
C ARG B 504 -3.58 29.14 49.76
N GLN B 505 -4.20 27.97 49.72
CA GLN B 505 -5.50 27.93 49.09
C GLN B 505 -6.47 28.70 49.88
N GLU B 506 -6.35 28.60 51.18
CA GLU B 506 -7.34 29.21 52.03
C GLU B 506 -7.23 30.72 51.88
N TRP B 507 -6.00 31.21 51.86
CA TRP B 507 -5.74 32.64 51.73
C TRP B 507 -6.12 33.18 50.36
N LEU B 508 -5.67 32.50 49.32
CA LEU B 508 -5.99 32.87 47.96
C LEU B 508 -7.48 32.97 47.74
N LEU B 509 -8.29 32.04 48.21
CA LEU B 509 -9.75 32.12 47.99
C LEU B 509 -10.35 33.27 48.77
N ALA B 510 -9.87 33.47 49.99
CA ALA B 510 -10.32 34.60 50.78
C ALA B 510 -10.05 35.89 50.01
N GLU B 511 -8.79 36.07 49.56
CA GLU B 511 -8.49 37.29 48.80
C GLU B 511 -9.13 37.37 47.43
N LEU B 512 -9.46 36.25 46.80
CA LEU B 512 -10.14 36.28 45.52
C LEU B 512 -11.54 36.82 45.63
N SER B 513 -12.07 36.81 46.84
CA SER B 513 -13.33 37.52 47.11
C SER B 513 -13.10 38.74 48.01
N GLY B 514 -11.85 39.20 48.09
CA GLY B 514 -11.53 40.29 48.99
C GLY B 514 -12.30 41.51 48.60
N LYS B 515 -12.57 42.37 49.57
CA LYS B 515 -13.37 43.57 49.33
C LYS B 515 -12.49 44.83 49.25
N ARG B 516 -11.19 44.66 49.09
CA ARG B 516 -10.28 45.78 48.96
C ARG B 516 -8.96 45.33 48.38
N PRO B 517 -8.30 46.15 47.61
CA PRO B 517 -7.02 45.80 47.00
C PRO B 517 -5.94 45.22 47.93
N LEU B 518 -5.08 44.38 47.37
CA LEU B 518 -3.88 43.87 48.07
C LEU B 518 -2.68 44.80 48.01
N ILE B 519 -2.55 45.46 46.86
CA ILE B 519 -1.33 46.11 46.44
C ILE B 519 -1.39 47.61 46.44
N GLY B 520 -0.49 48.21 47.19
CA GLY B 520 -0.25 49.63 47.09
C GLY B 520 0.83 49.94 46.07
N PRO B 521 0.80 51.17 45.51
CA PRO B 521 2.00 51.78 44.93
C PRO B 521 3.23 51.73 45.83
N ASP B 522 3.03 51.76 47.15
CA ASP B 522 4.06 51.80 48.19
C ASP B 522 4.82 50.44 48.47
N LEU B 523 4.48 49.36 47.76
CA LEU B 523 4.99 48.01 48.06
C LEU B 523 6.45 47.75 47.65
N PRO B 524 7.28 47.26 48.58
CA PRO B 524 8.68 46.96 48.22
C PRO B 524 8.83 45.83 47.21
N LYS B 525 9.51 46.14 46.10
CA LYS B 525 9.58 45.24 44.97
C LYS B 525 11.00 45.07 44.46
N THR B 526 11.46 43.83 44.38
CA THR B 526 12.67 43.53 43.59
C THR B 526 12.40 43.78 42.10
N GLU B 527 13.46 43.96 41.30
CA GLU B 527 13.28 44.11 39.83
C GLU B 527 12.43 42.96 39.27
N GLU B 528 12.59 41.73 39.77
CA GLU B 528 11.79 40.60 39.24
C GLU B 528 10.30 40.72 39.59
N VAL B 529 10.03 41.02 40.85
CA VAL B 529 8.67 41.18 41.28
C VAL B 529 8.03 42.36 40.54
N LYS B 530 8.75 43.47 40.42
CA LYS B 530 8.21 44.56 39.60
C LYS B 530 7.95 44.09 38.17
N ASP B 531 8.93 43.45 37.56
CA ASP B 531 8.77 42.92 36.18
C ASP B 531 7.48 42.10 36.10
N CYS B 532 7.29 41.21 37.06
CA CYS B 532 6.13 40.32 37.01
C CYS B 532 4.81 41.10 37.21
N LEU B 533 4.78 41.97 38.22
CA LEU B 533 3.60 42.83 38.42
C LEU B 533 3.27 43.75 37.23
N ASP B 534 4.28 44.36 36.60
CA ASP B 534 4.07 45.23 35.43
C ASP B 534 3.48 44.47 34.22
N THR B 535 3.82 43.21 34.07
CA THR B 535 3.24 42.41 33.03
C THR B 535 1.70 42.43 33.12
N PHE B 536 1.19 42.18 34.32
CA PHE B 536 -0.23 42.35 34.57
C PHE B 536 -0.71 43.78 34.29
N LYS B 537 0.08 44.85 34.56
CA LYS B 537 -0.40 46.23 34.21
C LYS B 537 -0.55 46.26 32.66
N VAL B 538 0.39 45.65 31.95
CA VAL B 538 0.30 45.57 30.50
C VAL B 538 -0.91 44.78 30.03
N LEU B 539 -1.18 43.67 30.67
CA LEU B 539 -2.38 42.92 30.29
C LEU B 539 -3.68 43.69 30.50
N ALA B 540 -3.71 44.55 31.49
CA ALA B 540 -4.93 45.27 31.84
C ALA B 540 -5.16 46.42 30.88
N GLU B 541 -4.08 47.06 30.43
CA GLU B 541 -4.14 48.19 29.50
C GLU B 541 -4.48 47.79 28.06
N LEU B 542 -4.17 46.59 27.63
CA LEU B 542 -4.30 46.28 26.21
C LEU B 542 -5.53 45.50 25.88
N PRO B 543 -5.97 45.58 24.63
CA PRO B 543 -7.25 44.94 24.31
C PRO B 543 -7.12 43.46 24.48
N SER B 544 -8.17 42.83 24.93
CA SER B 544 -8.08 41.43 25.22
C SER B 544 -7.97 40.53 23.98
N ASP B 545 -8.34 41.02 22.80
CA ASP B 545 -8.20 40.22 21.58
C ASP B 545 -6.73 40.10 21.14
N CYS B 546 -5.81 40.61 21.93
CA CYS B 546 -4.40 40.41 21.70
C CYS B 546 -3.88 39.18 22.32
N PHE B 547 -4.59 38.63 23.30
CA PHE B 547 -3.98 37.63 24.19
C PHE B 547 -4.68 36.31 24.11
N GLY B 548 -3.94 35.28 24.49
CA GLY B 548 -4.50 33.95 24.58
C GLY B 548 -4.47 33.54 26.02
N ALA B 549 -3.56 32.63 26.36
CA ALA B 549 -3.48 32.04 27.68
C ALA B 549 -2.33 32.58 28.49
N TYR B 550 -2.43 32.43 29.81
CA TYR B 550 -1.32 32.64 30.69
C TYR B 550 -0.96 31.27 31.08
N ILE B 551 0.22 30.85 30.63
CA ILE B 551 0.77 29.53 30.93
C ILE B 551 1.66 29.62 32.15
N ILE B 552 1.47 28.72 33.10
CA ILE B 552 2.35 28.69 34.22
C ILE B 552 3.34 27.56 34.00
N SER B 553 4.57 27.91 33.65
CA SER B 553 5.66 26.96 33.70
C SER B 553 5.89 26.43 35.10
N MET B 554 6.39 25.20 35.16
CA MET B 554 6.72 24.53 36.39
C MET B 554 5.53 24.56 37.33
N ALA B 555 4.31 24.51 36.80
CA ALA B 555 3.15 24.27 37.64
C ALA B 555 3.32 22.99 38.41
N THR B 556 2.73 22.99 39.60
CA THR B 556 2.59 21.81 40.44
C THR B 556 1.31 21.77 41.29
N SER B 557 0.60 22.86 41.48
CA SER B 557 -0.50 22.79 42.45
C SER B 557 -1.65 23.69 42.14
N THR B 558 -2.74 23.46 42.86
CA THR B 558 -3.92 24.26 42.78
C THR B 558 -3.56 25.70 43.07
N SER B 559 -2.74 25.93 44.08
CA SER B 559 -2.42 27.30 44.48
C SER B 559 -1.72 28.03 43.33
N ASP B 560 -0.90 27.29 42.57
CA ASP B 560 -0.13 27.93 41.52
C ASP B 560 -1.06 28.66 40.57
N VAL B 561 -2.21 28.06 40.28
CA VAL B 561 -3.17 28.61 39.35
C VAL B 561 -3.98 29.72 40.02
N LEU B 562 -4.35 29.55 41.28
CA LEU B 562 -5.13 30.58 41.94
C LEU B 562 -4.31 31.85 42.08
N ALA B 563 -3.02 31.67 42.33
CA ALA B 563 -2.13 32.80 42.45
C ALA B 563 -2.27 33.69 41.24
N VAL B 564 -2.23 33.11 40.05
CA VAL B 564 -2.30 33.91 38.87
C VAL B 564 -3.67 34.51 38.76
N GLU B 565 -4.69 33.80 39.19
CA GLU B 565 -6.02 34.38 39.09
C GLU B 565 -6.11 35.62 39.94
N LEU B 566 -5.48 35.58 41.10
CA LEU B 566 -5.59 36.67 42.04
C LEU B 566 -4.92 37.96 41.51
N LEU B 567 -3.72 37.81 41.00
CA LEU B 567 -3.01 38.95 40.45
C LEU B 567 -3.78 39.55 39.28
N GLN B 568 -4.39 38.72 38.46
CA GLN B 568 -5.24 39.27 37.42
C GLN B 568 -6.35 40.06 38.04
N ARG B 569 -6.88 39.65 39.17
CA ARG B 569 -8.00 40.38 39.73
C ARG B 569 -7.51 41.69 40.26
N GLU B 570 -6.39 41.65 40.97
CA GLU B 570 -5.76 42.84 41.47
C GLU B 570 -5.59 43.90 40.44
N TYR B 571 -5.20 43.52 39.23
CA TYR B 571 -5.03 44.52 38.16
C TYR B 571 -6.29 44.80 37.37
N HIS B 572 -7.42 44.29 37.87
CA HIS B 572 -8.76 44.55 37.31
C HIS B 572 -8.81 44.31 35.81
N ILE B 573 -8.12 43.26 35.37
CA ILE B 573 -8.16 42.90 33.97
C ILE B 573 -9.56 42.49 33.62
N LYS B 574 -10.17 43.21 32.68
CA LYS B 574 -11.59 43.08 32.47
C LYS B 574 -11.91 41.70 31.96
N HIS B 575 -11.09 41.18 31.04
CA HIS B 575 -11.30 39.82 30.50
C HIS B 575 -10.07 38.99 30.82
N PRO B 576 -10.04 38.35 31.99
CA PRO B 576 -8.78 37.74 32.39
C PRO B 576 -8.43 36.63 31.44
N LEU B 577 -7.13 36.44 31.20
CA LEU B 577 -6.67 35.30 30.41
C LEU B 577 -6.86 34.00 31.20
N ARG B 578 -7.13 32.92 30.48
CA ARG B 578 -7.33 31.66 31.14
C ARG B 578 -6.00 31.20 31.64
N VAL B 579 -6.00 30.55 32.78
CA VAL B 579 -4.76 30.12 33.35
C VAL B 579 -4.49 28.66 33.01
N VAL B 580 -3.28 28.39 32.53
CA VAL B 580 -2.99 27.08 32.03
C VAL B 580 -1.77 26.52 32.73
N PRO B 581 -1.96 25.51 33.57
CA PRO B 581 -0.78 24.95 34.18
C PRO B 581 -0.06 24.08 33.18
N LEU B 582 1.27 24.22 33.19
CA LEU B 582 2.13 23.33 32.49
C LEU B 582 2.84 22.47 33.54
N PHE B 583 2.47 21.20 33.59
CA PHE B 583 3.11 20.24 34.49
C PHE B 583 4.30 19.56 33.77
N GLU B 584 5.49 19.71 34.34
CA GLU B 584 6.69 19.29 33.67
C GLU B 584 7.28 17.96 34.22
N LYS B 585 7.73 17.97 35.48
CA LYS B 585 8.34 16.78 36.04
C LYS B 585 7.32 15.66 36.26
N LEU B 586 7.84 14.42 36.25
CA LEU B 586 6.97 13.25 36.39
C LEU B 586 6.10 13.33 37.64
N ALA B 587 6.71 13.72 38.76
CA ALA B 587 5.98 13.89 39.99
C ALA B 587 4.86 14.91 39.79
N ASP B 588 5.19 15.99 39.07
CA ASP B 588 4.24 17.07 38.84
C ASP B 588 3.06 16.53 38.01
N LEU B 589 3.38 15.68 37.04
CA LEU B 589 2.33 15.01 36.29
C LEU B 589 1.50 14.08 37.19
N GLU B 590 2.15 13.31 38.05
CA GLU B 590 1.42 12.38 38.95
C GLU B 590 0.50 13.16 39.91
N ALA B 591 0.92 14.35 40.31
CA ALA B 591 0.09 15.20 41.17
C ALA B 591 -0.99 16.02 40.43
N ALA B 592 -0.90 16.15 39.12
CA ALA B 592 -1.82 17.03 38.41
C ALA B 592 -3.30 16.69 38.62
N PRO B 593 -3.68 15.40 38.53
CA PRO B 593 -5.12 15.06 38.72
C PRO B 593 -5.71 15.59 40.02
N ALA B 594 -5.03 15.39 41.15
CA ALA B 594 -5.47 15.94 42.45
C ALA B 594 -5.66 17.45 42.41
N ALA B 595 -4.68 18.14 41.82
CA ALA B 595 -4.75 19.58 41.61
C ALA B 595 -5.92 20.00 40.76
N MET B 596 -6.15 19.33 39.67
CA MET B 596 -7.27 19.73 38.84
C MET B 596 -8.59 19.42 39.54
N THR B 597 -8.64 18.27 40.21
CA THR B 597 -9.84 17.93 40.95
C THR B 597 -10.10 19.02 41.98
N ARG B 598 -9.07 19.41 42.70
CA ARG B 598 -9.29 20.40 43.71
C ARG B 598 -9.83 21.68 43.05
N LEU B 599 -9.14 22.21 42.04
CA LEU B 599 -9.63 23.37 41.34
C LEU B 599 -11.08 23.21 40.98
N PHE B 600 -11.40 22.15 40.25
CA PHE B 600 -12.77 21.98 39.83
C PHE B 600 -13.72 21.89 41.01
N SER B 601 -13.24 21.56 42.19
CA SER B 601 -14.10 21.56 43.40
C SER B 601 -14.45 22.94 43.93
N MET B 602 -13.69 23.98 43.54
CA MET B 602 -13.89 25.32 44.11
C MET B 602 -14.87 26.14 43.30
N ASP B 603 -15.90 26.67 43.95
CA ASP B 603 -17.00 27.36 43.22
C ASP B 603 -16.48 28.60 42.62
N TRP B 604 -15.60 29.27 43.36
CA TRP B 604 -14.97 30.45 42.80
C TRP B 604 -14.40 30.13 41.41
N TYR B 605 -13.64 29.05 41.34
CA TYR B 605 -12.93 28.75 40.12
C TYR B 605 -13.88 28.20 39.09
N ARG B 606 -14.70 27.21 39.46
CA ARG B 606 -15.66 26.60 38.51
C ARG B 606 -16.42 27.67 37.77
N ASN B 607 -16.86 28.68 38.50
CA ASN B 607 -17.64 29.72 37.88
C ASN B 607 -16.82 30.73 37.04
N ARG B 608 -15.53 30.93 37.37
CA ARG B 608 -14.68 31.80 36.55
C ARG B 608 -14.37 31.15 35.20
N ILE B 609 -14.09 29.86 35.17
CA ILE B 609 -13.64 29.23 33.93
C ILE B 609 -14.77 28.87 33.01
N ASP B 610 -16.00 28.89 33.53
CA ASP B 610 -17.17 28.85 32.67
C ASP B 610 -17.21 27.60 31.78
N GLY B 611 -16.96 26.44 32.36
CA GLY B 611 -17.06 25.18 31.64
C GLY B 611 -15.83 24.77 30.84
N LYS B 612 -14.78 25.61 30.79
CA LYS B 612 -13.56 25.30 29.97
C LYS B 612 -12.23 25.42 30.75
N GLN B 613 -11.41 24.37 30.65
CA GLN B 613 -10.04 24.37 31.20
C GLN B 613 -9.08 23.89 30.15
N GLU B 614 -7.95 24.56 30.06
CA GLU B 614 -6.86 24.07 29.23
C GLU B 614 -5.67 23.69 30.14
N VAL B 615 -5.07 22.54 29.87
CA VAL B 615 -3.88 22.14 30.57
C VAL B 615 -2.76 21.94 29.57
N MET B 616 -1.54 22.36 29.90
CA MET B 616 -0.41 22.16 28.98
C MET B 616 0.43 20.98 29.43
N ILE B 617 1.04 20.29 28.44
CA ILE B 617 2.08 19.27 28.66
C ILE B 617 3.31 19.52 27.78
N GLY B 618 4.48 19.05 28.19
CA GLY B 618 5.71 19.22 27.40
C GLY B 618 6.64 18.01 27.38
N TYR B 619 6.42 17.15 26.38
CA TYR B 619 7.24 16.00 26.09
C TYR B 619 8.71 16.24 26.35
N SER B 620 9.34 17.22 25.72
CA SER B 620 10.75 17.41 26.04
C SER B 620 11.00 17.67 27.52
N ASP B 621 10.18 18.53 28.11
CA ASP B 621 10.35 18.88 29.50
C ASP B 621 10.28 17.65 30.38
N SER B 622 9.16 16.91 30.30
CA SER B 622 8.98 15.69 31.08
C SER B 622 10.03 14.65 30.77
N GLY B 623 10.42 14.55 29.51
CA GLY B 623 11.47 13.61 29.12
C GLY B 623 12.86 14.01 29.56
N LYS B 624 13.04 15.27 29.91
CA LYS B 624 14.32 15.64 30.50
C LYS B 624 14.39 15.14 31.96
N ASP B 625 13.22 15.01 32.60
CA ASP B 625 13.11 14.49 33.95
C ASP B 625 13.30 12.99 34.04
N ALA B 626 12.66 12.23 33.15
CA ALA B 626 12.54 10.78 33.36
C ALA B 626 12.85 9.87 32.16
N GLY B 627 13.38 10.43 31.08
CA GLY B 627 13.55 9.69 29.85
C GLY B 627 12.35 9.86 28.91
N ARG B 628 12.63 9.77 27.61
CA ARG B 628 11.60 10.00 26.64
C ARG B 628 10.50 8.94 26.81
N PHE B 629 10.91 7.66 26.91
CA PHE B 629 9.96 6.56 27.06
C PHE B 629 9.00 6.73 28.22
N SER B 630 9.50 6.81 29.44
CA SER B 630 8.59 6.96 30.60
C SER B 630 7.69 8.24 30.51
N ALA B 631 8.27 9.32 30.03
CA ALA B 631 7.51 10.55 29.81
C ALA B 631 6.38 10.30 28.80
N ALA B 632 6.67 9.55 27.72
CA ALA B 632 5.64 9.34 26.71
C ALA B 632 4.46 8.64 27.37
N TRP B 633 4.76 7.54 28.06
CA TRP B 633 3.71 6.72 28.61
C TRP B 633 2.94 7.45 29.71
N GLN B 634 3.67 8.10 30.62
CA GLN B 634 3.03 8.87 31.65
C GLN B 634 2.05 9.93 31.05
N LEU B 635 2.44 10.56 29.95
CA LEU B 635 1.62 11.60 29.40
C LEU B 635 0.36 11.00 28.82
N TYR B 636 0.45 9.79 28.27
CA TYR B 636 -0.74 9.08 27.80
C TYR B 636 -1.74 8.95 28.97
N LYS B 637 -1.25 8.48 30.11
CA LYS B 637 -2.11 8.18 31.24
C LYS B 637 -2.66 9.48 31.85
N THR B 638 -1.77 10.42 32.15
CA THR B 638 -2.21 11.72 32.70
C THR B 638 -3.37 12.33 31.87
N GLN B 639 -3.19 12.39 30.55
CA GLN B 639 -4.28 12.85 29.73
C GLN B 639 -5.55 12.07 29.93
N GLU B 640 -5.43 10.74 29.94
CA GLU B 640 -6.61 9.93 30.19
C GLU B 640 -7.27 10.35 31.51
N GLN B 641 -6.49 10.53 32.58
CA GLN B 641 -7.06 10.75 33.90
C GLN B 641 -7.68 12.13 33.96
N ILE B 642 -6.97 13.09 33.43
CA ILE B 642 -7.48 14.45 33.48
C ILE B 642 -8.74 14.57 32.63
N VAL B 643 -8.74 13.93 31.46
CA VAL B 643 -9.98 13.86 30.70
C VAL B 643 -11.14 13.33 31.56
N LYS B 644 -10.91 12.19 32.19
CA LYS B 644 -11.90 11.55 33.02
C LYS B 644 -12.37 12.53 34.07
N ILE B 645 -11.42 13.19 34.73
CA ILE B 645 -11.77 14.16 35.76
C ILE B 645 -12.59 15.32 35.25
N ALA B 646 -12.20 15.88 34.11
CA ALA B 646 -12.98 16.96 33.55
C ALA B 646 -14.39 16.47 33.20
N LYS B 647 -14.49 15.27 32.64
CA LYS B 647 -15.80 14.73 32.25
C LYS B 647 -16.71 14.69 33.46
N GLU B 648 -16.19 14.25 34.60
CA GLU B 648 -16.97 14.14 35.83
C GLU B 648 -17.48 15.48 36.37
N PHE B 649 -16.70 16.53 36.20
CA PHE B 649 -17.08 17.83 36.70
C PHE B 649 -17.77 18.69 35.64
N GLY B 650 -18.09 18.16 34.48
CA GLY B 650 -18.72 18.95 33.44
C GLY B 650 -17.78 19.97 32.86
N VAL B 651 -16.50 19.66 32.77
CA VAL B 651 -15.58 20.63 32.20
C VAL B 651 -15.01 20.15 30.86
N LYS B 652 -15.09 21.01 29.86
CA LYS B 652 -14.49 20.76 28.54
C LYS B 652 -12.99 21.02 28.71
N LEU B 653 -12.17 20.02 28.44
CA LEU B 653 -10.76 20.10 28.76
C LEU B 653 -10.00 20.19 27.44
N VAL B 654 -9.10 21.12 27.31
CA VAL B 654 -8.24 21.19 26.14
C VAL B 654 -6.80 20.94 26.58
N ILE B 655 -6.09 20.11 25.82
CA ILE B 655 -4.74 19.73 26.15
C ILE B 655 -3.86 20.46 25.19
N PHE B 656 -2.98 21.31 25.72
CA PHE B 656 -2.15 22.12 24.87
C PHE B 656 -0.86 21.38 24.73
N HIS B 657 -0.59 20.92 23.50
CA HIS B 657 0.65 20.19 23.28
C HIS B 657 1.82 21.10 23.14
N GLY B 658 2.65 21.06 24.16
CA GLY B 658 3.90 21.75 24.09
C GLY B 658 4.84 21.00 23.20
N ARG B 659 6.07 21.47 23.09
CA ARG B 659 7.04 20.87 22.20
C ARG B 659 7.56 19.50 22.62
N GLY B 660 7.94 18.75 21.62
CA GLY B 660 8.65 17.48 21.76
C GLY B 660 7.84 16.32 21.26
N GLY B 661 6.55 16.50 21.07
CA GLY B 661 5.71 15.37 20.73
C GLY B 661 6.04 14.70 19.41
N THR B 662 5.44 13.54 19.25
CA THR B 662 5.32 12.94 17.93
C THR B 662 4.43 13.82 17.07
N VAL B 663 3.64 14.62 17.79
CA VAL B 663 2.57 15.40 17.25
C VAL B 663 3.08 16.76 16.76
N GLY B 664 4.34 17.07 17.06
CA GLY B 664 4.98 18.25 16.51
C GLY B 664 6.03 17.94 15.46
N ARG B 665 5.88 16.80 14.81
CA ARG B 665 6.85 16.39 13.82
C ARG B 665 6.66 17.15 12.50
N GLY B 666 5.43 17.56 12.20
CA GLY B 666 5.16 18.06 10.87
C GLY B 666 5.21 16.95 9.82
N GLY B 667 4.42 17.12 8.78
CA GLY B 667 4.23 16.07 7.79
C GLY B 667 3.23 15.05 8.26
N GLY B 668 3.14 14.00 7.46
CA GLY B 668 2.23 12.88 7.73
C GLY B 668 2.34 12.35 9.13
N PRO B 669 3.57 12.19 9.62
CA PRO B 669 3.65 11.65 10.94
C PRO B 669 2.79 12.37 11.94
N THR B 670 2.58 13.67 11.71
CA THR B 670 1.74 14.43 12.61
C THR B 670 0.33 13.84 12.49
N HIS B 671 -0.06 13.54 11.28
CA HIS B 671 -1.40 13.03 11.03
C HIS B 671 -1.70 11.85 11.94
N LEU B 672 -0.88 10.79 11.86
CA LEU B 672 -1.06 9.63 12.70
C LEU B 672 -0.86 10.00 14.16
N ALA B 673 0.19 10.75 14.48
CA ALA B 673 0.34 11.14 15.88
C ALA B 673 -0.96 11.70 16.47
N LEU B 674 -1.63 12.60 15.78
CA LEU B 674 -2.85 13.13 16.33
C LEU B 674 -3.92 12.04 16.50
N LEU B 675 -4.01 11.13 15.52
CA LEU B 675 -5.02 10.07 15.58
C LEU B 675 -4.69 9.08 16.73
N SER B 676 -3.42 9.05 17.13
CA SER B 676 -2.90 8.12 18.10
C SER B 676 -3.21 8.54 19.53
N GLN B 677 -3.61 9.80 19.71
CA GLN B 677 -3.94 10.36 21.05
C GLN B 677 -4.93 9.54 21.81
N PRO B 678 -4.84 9.57 23.13
CA PRO B 678 -5.84 8.86 23.93
C PRO B 678 -7.25 9.33 23.59
N PRO B 679 -8.25 8.43 23.67
CA PRO B 679 -9.63 8.77 23.37
C PRO B 679 -10.14 9.97 24.15
N ASP B 680 -10.92 10.81 23.49
CA ASP B 680 -11.56 11.99 24.12
C ASP B 680 -10.61 13.13 24.58
N THR B 681 -9.29 13.02 24.30
CA THR B 681 -8.34 14.10 24.63
C THR B 681 -8.35 15.31 23.67
N ILE B 682 -8.91 15.15 22.49
CA ILE B 682 -9.03 16.29 21.59
C ILE B 682 -10.43 16.86 21.67
N ASN B 683 -11.41 16.01 21.60
CA ASN B 683 -12.79 16.43 21.73
C ASN B 683 -13.10 17.76 21.06
N GLY B 684 -12.82 17.84 19.77
CA GLY B 684 -13.16 19.01 18.99
C GLY B 684 -12.23 20.20 19.12
N SER B 685 -11.20 20.12 19.97
CA SER B 685 -10.30 21.27 20.18
C SER B 685 -8.84 20.84 20.35
N LEU B 686 -8.07 21.12 19.30
CA LEU B 686 -6.66 20.84 19.25
C LEU B 686 -5.92 22.15 19.48
N ARG B 687 -4.90 22.06 20.31
CA ARG B 687 -4.00 23.15 20.50
C ARG B 687 -2.59 22.57 20.56
N VAL B 688 -1.76 22.92 19.59
CA VAL B 688 -0.43 22.40 19.56
C VAL B 688 0.61 23.44 19.15
N THR B 689 1.77 23.32 19.77
CA THR B 689 2.95 24.08 19.46
C THR B 689 3.42 23.71 18.09
N VAL B 690 3.77 24.68 17.27
CA VAL B 690 4.51 24.42 16.06
C VAL B 690 5.89 24.90 16.32
N GLN B 691 6.78 23.95 16.55
CA GLN B 691 8.14 24.26 16.91
C GLN B 691 8.82 25.06 15.82
N GLY B 692 9.50 26.13 16.21
CA GLY B 692 10.24 26.96 15.30
C GLY B 692 11.07 26.22 14.31
N GLU B 693 11.74 25.15 14.72
CA GLU B 693 12.62 24.38 13.81
C GLU B 693 11.83 23.52 12.79
N VAL B 694 10.52 23.70 12.77
CA VAL B 694 9.63 22.94 11.93
C VAL B 694 8.68 23.86 11.07
N ILE B 695 8.71 25.16 11.37
CA ILE B 695 7.85 26.15 10.71
C ILE B 695 8.13 26.20 9.21
N GLU B 696 9.40 26.26 8.81
CA GLU B 696 9.70 26.19 7.39
C GLU B 696 9.13 24.95 6.69
N GLN B 697 9.42 23.75 7.20
CA GLN B 697 8.86 22.53 6.56
C GLN B 697 7.34 22.61 6.53
N SER B 698 6.76 23.06 7.64
CA SER B 698 5.31 22.98 7.73
C SER B 698 4.63 23.98 6.83
N PHE B 699 5.21 25.17 6.73
CA PHE B 699 4.50 26.30 6.12
C PHE B 699 5.18 27.01 4.95
N GLY B 700 6.48 26.87 4.79
CA GLY B 700 7.17 27.70 3.82
C GLY B 700 6.85 27.53 2.34
N GLU B 701 6.07 26.52 1.98
CA GLU B 701 5.78 26.24 0.58
C GLU B 701 4.28 25.99 0.45
N GLU B 702 3.65 26.61 -0.53
CA GLU B 702 2.20 26.69 -0.48
C GLU B 702 1.53 25.33 -0.37
N HIS B 703 2.02 24.32 -1.09
CA HIS B 703 1.44 22.97 -0.99
C HIS B 703 1.63 22.34 0.38
N LEU B 704 2.83 22.39 0.95
CA LEU B 704 3.05 21.84 2.29
C LEU B 704 2.23 22.59 3.30
N CYS B 705 2.13 23.90 3.11
CA CYS B 705 1.33 24.74 3.98
C CYS B 705 -0.06 24.21 4.02
N PHE B 706 -0.61 24.01 2.85
CA PHE B 706 -1.98 23.56 2.70
C PHE B 706 -2.19 22.20 3.36
N ARG B 707 -1.28 21.28 3.13
CA ARG B 707 -1.44 19.96 3.70
C ARG B 707 -1.24 19.92 5.22
N THR B 708 -0.35 20.77 5.72
CA THR B 708 -0.22 20.94 7.17
C THR B 708 -1.55 21.32 7.73
N LEU B 709 -2.16 22.36 7.17
CA LEU B 709 -3.44 22.83 7.69
C LEU B 709 -4.41 21.71 7.59
N GLN B 710 -4.32 21.00 6.46
CA GLN B 710 -5.28 19.93 6.13
C GLN B 710 -5.28 18.83 7.18
N ARG B 711 -4.10 18.32 7.51
CA ARG B 711 -4.05 17.17 8.38
C ARG B 711 -4.41 17.52 9.81
N PHE B 712 -3.97 18.68 10.26
CA PHE B 712 -4.41 19.17 11.53
C PHE B 712 -5.94 19.12 11.56
N CYS B 713 -6.61 19.59 10.52
CA CYS B 713 -8.07 19.67 10.58
C CYS B 713 -8.71 18.30 10.48
N ALA B 714 -8.18 17.49 9.57
CA ALA B 714 -8.73 16.18 9.35
C ALA B 714 -8.59 15.28 10.60
N ALA B 715 -7.38 15.25 11.15
CA ALA B 715 -7.11 14.31 12.22
C ALA B 715 -7.97 14.66 13.40
N THR B 716 -7.99 15.95 13.71
CA THR B 716 -8.76 16.43 14.82
C THR B 716 -10.18 15.92 14.64
N LEU B 717 -10.77 16.24 13.50
CA LEU B 717 -12.13 15.81 13.21
C LEU B 717 -12.31 14.34 13.43
N GLU B 718 -11.45 13.53 12.81
CA GLU B 718 -11.66 12.07 12.82
C GLU B 718 -11.65 11.50 14.25
N HIS B 719 -10.71 12.00 15.03
CA HIS B 719 -10.42 11.44 16.33
C HIS B 719 -11.62 11.46 17.25
N GLY B 720 -12.33 12.57 17.29
CA GLY B 720 -13.53 12.66 18.13
C GLY B 720 -14.61 11.66 17.75
N MET B 721 -14.51 11.08 16.56
CA MET B 721 -15.51 10.12 16.10
C MET B 721 -14.94 8.75 15.90
N ASN B 722 -13.63 8.59 16.10
CA ASN B 722 -12.91 7.38 15.73
C ASN B 722 -11.62 7.24 16.48
N PRO B 723 -11.72 7.06 17.79
CA PRO B 723 -10.53 7.01 18.61
C PRO B 723 -9.72 5.82 18.27
N PRO B 724 -8.44 5.84 18.65
CA PRO B 724 -7.66 4.63 18.50
C PRO B 724 -8.15 3.60 19.50
N ILE B 725 -7.80 2.34 19.29
CA ILE B 725 -8.10 1.32 20.27
C ILE B 725 -7.40 1.61 21.55
N SER B 726 -7.99 1.12 22.62
CA SER B 726 -7.41 1.32 23.93
C SER B 726 -6.42 0.22 24.20
N PRO B 727 -5.39 0.53 24.97
CA PRO B 727 -4.39 -0.47 25.16
C PRO B 727 -4.93 -1.66 25.93
N ARG B 728 -4.57 -2.86 25.50
CA ARG B 728 -4.84 -4.10 26.24
C ARG B 728 -4.16 -4.05 27.62
N PRO B 729 -4.79 -4.67 28.64
CA PRO B 729 -4.26 -4.50 30.02
C PRO B 729 -2.84 -5.03 30.17
N GLU B 730 -2.55 -6.14 29.47
CA GLU B 730 -1.17 -6.66 29.34
C GLU B 730 -0.21 -5.56 28.87
N TRP B 731 -0.64 -4.81 27.86
CA TRP B 731 0.17 -3.70 27.39
C TRP B 731 0.38 -2.61 28.46
N ARG B 732 -0.70 -2.08 29.05
CA ARG B 732 -0.52 -1.16 30.17
C ARG B 732 0.49 -1.71 31.14
N GLU B 733 0.34 -3.00 31.44
CA GLU B 733 1.12 -3.58 32.51
C GLU B 733 2.58 -3.60 32.14
N LEU B 734 2.85 -3.96 30.89
CA LEU B 734 4.23 -4.09 30.48
C LEU B 734 4.83 -2.68 30.37
N MET B 735 4.00 -1.74 30.00
CA MET B 735 4.41 -0.37 29.80
C MET B 735 4.81 0.21 31.18
N ASP B 736 3.93 0.00 32.17
CA ASP B 736 4.25 0.42 33.54
C ASP B 736 5.59 -0.20 33.96
N GLN B 737 5.80 -1.49 33.65
CA GLN B 737 7.04 -2.18 34.06
C GLN B 737 8.27 -1.58 33.38
N MET B 738 8.15 -1.33 32.08
CA MET B 738 9.26 -0.78 31.30
C MET B 738 9.57 0.66 31.71
N ALA B 739 8.52 1.39 32.10
CA ALA B 739 8.70 2.79 32.52
C ALA B 739 9.68 2.95 33.70
N VAL B 740 9.50 2.08 34.69
CA VAL B 740 10.38 2.10 35.84
C VAL B 740 11.82 1.87 35.45
N VAL B 741 12.01 0.85 34.64
CA VAL B 741 13.36 0.48 34.25
C VAL B 741 14.00 1.59 33.41
N ALA B 742 13.21 2.13 32.49
CA ALA B 742 13.73 3.19 31.61
C ALA B 742 14.06 4.43 32.42
N THR B 743 13.18 4.79 33.35
CA THR B 743 13.44 5.96 34.19
C THR B 743 14.69 5.71 35.01
N GLU B 744 14.77 4.50 35.59
CA GLU B 744 15.96 4.13 36.35
C GLU B 744 17.22 4.31 35.50
N GLU B 745 17.25 3.72 34.30
CA GLU B 745 18.44 3.84 33.49
C GLU B 745 18.73 5.29 33.21
N TYR B 746 17.72 6.03 32.72
CA TYR B 746 17.91 7.45 32.35
C TYR B 746 18.46 8.27 33.51
N ARG B 747 17.90 8.06 34.70
CA ARG B 747 18.30 8.89 35.83
C ARG B 747 19.68 8.46 36.37
N SER B 748 19.96 7.14 36.28
CA SER B 748 21.27 6.58 36.63
C SER B 748 22.41 7.30 35.94
N VAL B 749 22.21 7.50 34.65
CA VAL B 749 23.21 8.05 33.78
C VAL B 749 23.30 9.56 33.90
N VAL B 750 22.14 10.20 33.88
CA VAL B 750 22.08 11.65 33.79
C VAL B 750 22.23 12.35 35.13
N PHE B 751 21.51 11.87 36.14
CA PHE B 751 21.54 12.55 37.45
C PHE B 751 22.42 11.85 38.46
N LYS B 752 22.34 10.52 38.53
CA LYS B 752 23.07 9.78 39.57
C LYS B 752 24.58 9.70 39.31
N GLU B 753 24.98 9.43 38.08
CA GLU B 753 26.41 9.38 37.74
C GLU B 753 27.12 10.75 37.82
N PRO B 754 28.08 10.93 38.75
CA PRO B 754 28.68 12.26 38.94
C PRO B 754 29.64 12.66 37.84
N ARG B 755 30.04 11.71 37.01
CA ARG B 755 30.93 11.99 35.91
C ARG B 755 30.20 12.66 34.73
N PHE B 756 28.87 12.58 34.75
CA PHE B 756 28.12 12.86 33.55
C PHE B 756 28.26 14.31 33.07
N VAL B 757 28.07 15.25 33.98
CA VAL B 757 28.10 16.66 33.61
C VAL B 757 29.44 17.06 33.02
N GLU B 758 30.56 16.66 33.64
CA GLU B 758 31.86 16.91 33.00
C GLU B 758 31.92 16.25 31.61
N TYR B 759 31.22 15.14 31.41
CA TYR B 759 31.24 14.50 30.09
C TYR B 759 30.50 15.36 29.07
N PHE B 760 29.23 15.58 29.37
CA PHE B 760 28.38 16.53 28.67
C PHE B 760 29.08 17.85 28.33
N ARG B 761 29.69 18.51 29.32
CA ARG B 761 30.36 19.79 29.09
C ARG B 761 31.48 19.69 28.07
N LEU B 762 32.03 18.49 27.89
CA LEU B 762 33.19 18.31 27.00
C LEU B 762 32.83 17.76 25.65
N ALA B 763 31.82 16.90 25.58
CA ALA B 763 31.59 16.11 24.36
C ALA B 763 30.60 16.76 23.40
N THR B 764 30.33 18.03 23.67
CA THR B 764 29.08 18.67 23.34
C THR B 764 29.36 20.17 23.40
N PRO B 765 28.85 20.93 22.44
CA PRO B 765 29.02 22.37 22.41
C PRO B 765 28.10 23.16 23.38
N GLU B 766 27.44 22.43 24.28
CA GLU B 766 26.48 22.96 25.23
C GLU B 766 26.94 24.21 25.95
N LEU B 767 28.17 24.20 26.46
CA LEU B 767 28.67 25.40 27.09
C LEU B 767 28.70 26.55 26.11
N GLU B 768 29.31 26.33 24.94
CA GLU B 768 29.47 27.41 23.96
C GLU B 768 28.13 27.94 23.43
N PHE B 769 27.14 27.06 23.23
CA PHE B 769 25.74 27.48 23.01
C PHE B 769 25.32 28.49 24.08
N GLY B 770 25.67 28.19 25.33
CA GLY B 770 25.34 29.02 26.52
C GLY B 770 25.94 30.42 26.64
N ARG B 771 26.92 30.74 25.78
CA ARG B 771 27.22 32.11 25.38
C ARG B 771 26.48 32.38 24.01
N MET B 772 25.13 32.37 24.08
CA MET B 772 24.20 32.61 22.95
C MET B 772 24.66 33.72 22.02
N ARG B 777 18.64 32.73 24.86
CA ARG B 777 18.21 33.09 26.21
C ARG B 777 18.98 32.21 27.21
N PRO B 778 19.25 32.74 28.45
CA PRO B 778 19.94 31.93 29.50
C PRO B 778 19.46 30.45 29.63
N SER B 779 20.28 29.50 29.17
CA SER B 779 19.91 28.08 29.11
C SER B 779 20.02 27.32 30.44
N PRO B 783 23.51 32.69 38.05
CA PRO B 783 22.82 31.55 38.64
C PRO B 783 23.33 30.15 38.20
N SER B 784 23.38 29.23 39.17
CA SER B 784 24.04 27.92 39.08
C SER B 784 23.21 26.81 38.42
N GLY B 785 23.88 25.71 38.04
CA GLY B 785 23.31 24.70 37.14
C GLY B 785 23.13 23.26 37.65
N GLY B 786 23.66 22.31 36.88
CA GLY B 786 23.26 20.89 36.96
C GLY B 786 22.30 20.67 35.81
N ILE B 787 21.94 19.42 35.51
CA ILE B 787 21.02 19.15 34.41
C ILE B 787 19.58 19.52 34.71
N GLU B 788 19.12 19.19 35.92
CA GLU B 788 17.76 19.60 36.36
C GLU B 788 17.58 21.09 36.14
N SER B 789 18.67 21.86 36.25
CA SER B 789 18.60 23.27 36.08
C SER B 789 18.60 23.64 34.62
N LEU B 790 19.29 22.86 33.81
CA LEU B 790 19.44 23.19 32.40
C LEU B 790 18.10 23.07 31.73
N ARG B 791 17.77 24.02 30.85
CA ARG B 791 16.50 23.95 30.13
C ARG B 791 16.52 22.90 29.01
N ALA B 792 15.33 22.50 28.56
CA ALA B 792 15.18 21.35 27.67
C ALA B 792 15.67 21.56 26.23
N ILE B 793 15.36 22.70 25.66
CA ILE B 793 15.85 23.00 24.31
C ILE B 793 17.37 22.80 24.22
N PRO B 794 18.15 23.47 25.09
CA PRO B 794 19.62 23.26 25.16
C PRO B 794 20.03 21.79 25.30
N TRP B 795 19.34 21.11 26.20
CA TRP B 795 19.57 19.70 26.44
C TRP B 795 19.46 18.98 25.11
N ILE B 796 18.32 19.13 24.43
CA ILE B 796 18.11 18.41 23.16
C ILE B 796 19.09 18.83 22.08
N PHE B 797 19.33 20.12 22.03
CA PHE B 797 20.12 20.72 21.00
C PHE B 797 21.59 20.34 21.07
N SER B 798 22.15 20.37 22.26
CA SER B 798 23.54 19.96 22.46
C SER B 798 23.88 18.56 21.90
N TRP B 799 23.04 17.58 22.19
CA TRP B 799 23.27 16.23 21.75
C TRP B 799 22.84 15.98 20.30
N THR B 800 22.13 16.94 19.72
CA THR B 800 21.74 16.84 18.33
C THR B 800 22.91 17.30 17.47
N GLN B 801 23.51 18.41 17.87
CA GLN B 801 24.69 18.91 17.21
C GLN B 801 25.65 17.77 16.98
N THR B 802 25.81 17.00 18.03
CA THR B 802 26.79 15.92 18.10
C THR B 802 26.37 14.60 17.37
N ARG B 803 25.16 14.58 16.79
CA ARG B 803 24.63 13.40 16.07
C ARG B 803 24.41 12.17 16.94
N PHE B 804 24.39 12.35 18.25
CA PHE B 804 24.33 11.23 19.19
C PHE B 804 22.97 11.11 19.81
N HIS B 805 22.31 12.24 20.08
CA HIS B 805 20.90 12.25 20.43
C HIS B 805 20.46 11.55 21.71
N LEU B 806 21.39 11.43 22.64
CA LEU B 806 21.12 10.78 23.94
C LEU B 806 19.74 11.12 24.56
N PRO B 807 19.33 12.39 24.53
CA PRO B 807 18.07 12.66 25.22
C PRO B 807 16.90 11.97 24.65
N VAL B 808 16.99 11.48 23.43
CA VAL B 808 15.78 10.94 22.80
C VAL B 808 15.56 9.45 23.04
N TRP B 809 16.64 8.68 23.08
CA TRP B 809 16.54 7.22 23.21
C TRP B 809 16.92 6.62 24.56
N LEU B 810 17.79 7.29 25.29
CA LEU B 810 18.29 6.72 26.52
C LEU B 810 17.16 6.23 27.42
N GLY B 811 17.22 4.95 27.72
CA GLY B 811 16.28 4.32 28.66
C GLY B 811 15.40 3.39 27.88
N PHE B 812 15.27 3.60 26.56
CA PHE B 812 14.48 2.66 25.76
C PHE B 812 15.16 1.27 25.79
N GLY B 813 16.50 1.27 25.79
CA GLY B 813 17.26 0.04 25.67
C GLY B 813 17.14 -0.84 26.87
N ALA B 814 17.25 -0.22 28.04
CA ALA B 814 17.08 -0.94 29.30
C ALA B 814 15.65 -1.49 29.37
N ALA B 815 14.70 -0.62 29.07
CA ALA B 815 13.33 -1.04 29.08
C ALA B 815 13.10 -2.24 28.15
N PHE B 816 13.58 -2.17 26.92
CA PHE B 816 13.34 -3.27 25.99
C PHE B 816 14.04 -4.53 26.45
N LYS B 817 15.33 -4.39 26.79
CA LYS B 817 16.13 -5.54 27.19
C LYS B 817 15.50 -6.24 28.38
N HIS B 818 15.22 -5.46 29.42
CA HIS B 818 14.66 -6.03 30.61
C HIS B 818 13.30 -6.70 30.28
N ALA B 819 12.46 -6.12 29.45
CA ALA B 819 11.18 -6.78 29.15
C ALA B 819 11.31 -8.09 28.40
N ILE B 820 12.26 -8.15 27.47
CA ILE B 820 12.49 -9.39 26.72
C ILE B 820 13.18 -10.45 27.61
N GLN B 821 14.21 -10.05 28.35
CA GLN B 821 14.87 -10.98 29.28
C GLN B 821 14.01 -11.46 30.44
N LYS B 822 13.06 -10.67 30.89
CA LYS B 822 12.07 -11.19 31.80
C LYS B 822 11.20 -12.27 31.12
N ASP B 823 11.01 -12.20 29.79
CA ASP B 823 10.04 -13.12 29.16
C ASP B 823 10.02 -12.93 27.66
N SER B 824 10.53 -13.92 26.93
CA SER B 824 10.76 -13.77 25.48
C SER B 824 9.45 -13.49 24.71
N LYS B 825 8.33 -14.00 25.22
CA LYS B 825 7.00 -13.68 24.68
C LYS B 825 6.68 -12.16 24.63
N ASN B 826 7.46 -11.35 25.37
CA ASN B 826 7.25 -9.92 25.36
C ASN B 826 7.59 -9.34 24.00
N LEU B 827 8.65 -9.87 23.38
CA LEU B 827 9.03 -9.42 22.08
C LEU B 827 7.80 -9.44 21.18
N GLN B 828 7.08 -10.55 21.23
CA GLN B 828 5.90 -10.71 20.39
C GLN B 828 4.88 -9.66 20.79
N MET B 829 4.72 -9.48 22.09
CA MET B 829 3.80 -8.45 22.56
C MET B 829 4.23 -7.05 22.03
N LEU B 830 5.48 -6.69 22.25
CA LEU B 830 5.99 -5.41 21.76
C LEU B 830 5.73 -5.24 20.27
N GLN B 831 5.98 -6.29 19.50
CA GLN B 831 5.73 -6.20 18.06
C GLN B 831 4.25 -6.07 17.72
N GLU B 832 3.38 -6.76 18.46
CA GLU B 832 1.94 -6.59 18.26
C GLU B 832 1.55 -5.13 18.61
N MET B 833 2.22 -4.57 19.60
CA MET B 833 1.97 -3.20 20.01
C MET B 833 2.39 -2.22 18.91
N TYR B 834 3.59 -2.45 18.39
CA TYR B 834 4.05 -1.67 17.26
C TYR B 834 3.08 -1.87 16.11
N LYS B 835 2.56 -3.05 15.88
CA LYS B 835 1.67 -3.20 14.72
C LYS B 835 0.27 -2.65 14.92
N THR B 836 -0.19 -2.61 16.14
CA THR B 836 -1.61 -2.46 16.38
C THR B 836 -2.00 -1.23 17.23
N TRP B 837 -1.04 -0.67 17.97
CA TRP B 837 -1.33 0.40 18.90
C TRP B 837 -0.71 1.72 18.45
N PRO B 838 -1.51 2.58 17.84
CA PRO B 838 -0.97 3.78 17.26
C PRO B 838 0.04 4.50 18.16
N PHE B 839 -0.36 4.81 19.39
CA PHE B 839 0.56 5.45 20.36
C PHE B 839 1.93 4.83 20.32
N PHE B 840 1.96 3.50 20.45
CA PHE B 840 3.23 2.81 20.52
C PHE B 840 3.99 2.95 19.19
N ARG B 841 3.24 2.87 18.10
CA ARG B 841 3.86 2.89 16.78
C ARG B 841 4.56 4.24 16.60
N VAL B 842 3.71 5.24 16.63
CA VAL B 842 4.14 6.61 16.65
C VAL B 842 5.32 6.89 17.62
N THR B 843 5.27 6.30 18.82
CA THR B 843 6.36 6.52 19.74
C THR B 843 7.64 5.92 19.23
N ILE B 844 7.57 4.74 18.64
CA ILE B 844 8.80 4.11 18.16
C ILE B 844 9.34 4.75 16.86
N ASP B 845 8.44 5.16 15.98
CA ASP B 845 8.83 5.77 14.71
C ASP B 845 9.68 7.01 14.92
N LEU B 846 9.31 7.79 15.92
CA LEU B 846 10.04 9.02 16.19
C LEU B 846 11.45 8.66 16.59
N VAL B 847 11.59 7.73 17.52
CA VAL B 847 12.91 7.39 17.97
C VAL B 847 13.67 6.82 16.77
N GLU B 848 12.96 6.12 15.89
CA GLU B 848 13.68 5.47 14.79
C GLU B 848 14.22 6.53 13.90
N MET B 849 13.38 7.52 13.58
CA MET B 849 13.79 8.65 12.77
C MET B 849 15.05 9.31 13.33
N VAL B 850 15.12 9.48 14.64
CA VAL B 850 16.31 10.06 15.24
C VAL B 850 17.58 9.22 15.05
N PHE B 851 17.49 7.93 15.29
CA PHE B 851 18.65 7.09 14.98
C PHE B 851 19.14 7.25 13.55
N ALA B 852 18.22 7.35 12.62
CA ALA B 852 18.59 7.63 11.23
C ALA B 852 19.35 8.95 11.03
N LYS B 853 19.08 9.93 11.89
CA LYS B 853 19.84 11.16 11.79
C LYS B 853 21.08 11.08 12.69
N GLY B 854 21.40 9.90 13.20
CA GLY B 854 22.43 9.82 14.21
C GLY B 854 23.68 9.26 13.58
N ASN B 855 24.85 9.54 14.14
CA ASN B 855 26.03 8.85 13.68
C ASN B 855 27.06 8.78 14.79
N PRO B 856 27.28 7.58 15.35
CA PRO B 856 28.10 7.54 16.55
C PRO B 856 29.56 7.82 16.29
N GLY B 857 30.00 7.73 15.03
CA GLY B 857 31.36 8.10 14.67
C GLY B 857 31.70 9.54 14.98
N ILE B 858 30.72 10.41 14.85
CA ILE B 858 30.89 11.80 15.14
C ILE B 858 31.07 11.91 16.64
N ALA B 859 30.11 11.37 17.38
CA ALA B 859 30.29 11.27 18.82
C ALA B 859 31.68 10.76 19.21
N ALA B 860 32.17 9.75 18.49
CA ALA B 860 33.46 9.16 18.81
C ALA B 860 34.57 10.15 18.54
N LEU B 861 34.48 10.81 17.39
CA LEU B 861 35.47 11.82 17.00
C LEU B 861 35.55 12.92 18.07
N ASN B 862 34.39 13.46 18.39
CA ASN B 862 34.32 14.34 19.54
C ASN B 862 35.05 13.82 20.79
N ASP B 863 34.77 12.60 21.24
CA ASP B 863 35.46 12.11 22.44
C ASP B 863 36.96 12.27 22.28
N LYS B 864 37.44 11.74 21.15
CA LYS B 864 38.84 11.69 20.83
C LYS B 864 39.45 13.08 20.77
N LEU B 865 38.71 14.07 20.29
CA LEU B 865 39.28 15.42 20.18
C LEU B 865 39.15 16.27 21.42
N LEU B 866 38.05 16.09 22.13
CA LEU B 866 37.61 17.04 23.14
C LEU B 866 37.52 16.52 24.55
N VAL B 867 37.50 15.20 24.71
CA VAL B 867 37.26 14.62 26.02
C VAL B 867 38.54 14.00 26.57
N SER B 868 38.75 14.16 27.88
CA SER B 868 39.95 13.68 28.57
C SER B 868 39.95 12.16 28.67
N GLU B 869 41.18 11.64 28.77
CA GLU B 869 41.44 10.21 28.67
C GLU B 869 40.60 9.44 29.68
N ASP B 870 40.46 9.98 30.88
CA ASP B 870 39.68 9.30 31.91
C ASP B 870 38.18 9.20 31.56
N LEU B 871 37.64 10.04 30.70
CA LEU B 871 36.19 9.93 30.43
C LEU B 871 35.81 9.15 29.16
N ARG B 872 36.79 8.84 28.32
CA ARG B 872 36.50 8.10 27.08
C ARG B 872 35.74 6.77 27.28
N PRO B 873 36.15 5.93 28.26
CA PRO B 873 35.37 4.71 28.46
C PRO B 873 33.92 5.03 28.79
N PHE B 874 33.68 6.18 29.42
CA PHE B 874 32.32 6.54 29.71
C PHE B 874 31.60 6.79 28.41
N GLY B 875 32.28 7.42 27.46
CA GLY B 875 31.69 7.64 26.12
C GLY B 875 31.44 6.32 25.40
N GLU B 876 32.49 5.49 25.31
CA GLU B 876 32.42 4.15 24.72
C GLU B 876 31.16 3.49 25.29
N SER B 877 31.00 3.53 26.61
CA SER B 877 29.85 2.86 27.24
C SER B 877 28.51 3.36 26.66
N LEU B 878 28.41 4.68 26.49
CA LEU B 878 27.20 5.26 25.93
C LEU B 878 27.01 4.84 24.47
N ARG B 879 28.08 4.90 23.70
CA ARG B 879 27.97 4.42 22.33
C ARG B 879 27.49 2.96 22.30
N ALA B 880 28.05 2.11 23.15
CA ALA B 880 27.51 0.74 23.30
C ALA B 880 25.99 0.72 23.56
N ASN B 881 25.51 1.68 24.35
CA ASN B 881 24.10 1.71 24.70
C ASN B 881 23.27 2.15 23.48
N TYR B 882 23.76 3.18 22.78
CA TYR B 882 23.21 3.59 21.49
C TYR B 882 22.91 2.36 20.62
N GLU B 883 23.95 1.57 20.37
CA GLU B 883 23.84 0.41 19.49
C GLU B 883 22.79 -0.59 19.94
N GLU B 884 22.89 -0.97 21.20
CA GLU B 884 21.98 -1.92 21.79
C GLU B 884 20.53 -1.42 21.78
N THR B 885 20.34 -0.16 22.10
CA THR B 885 19.01 0.43 22.04
C THR B 885 18.48 0.37 20.60
N LYS B 886 19.33 0.81 19.68
CA LYS B 886 18.92 0.86 18.27
C LYS B 886 18.49 -0.51 17.84
N ASN B 887 19.33 -1.50 18.13
CA ASN B 887 19.01 -2.87 17.71
C ASN B 887 17.70 -3.43 18.30
N TYR B 888 17.45 -3.20 19.58
CA TYR B 888 16.16 -3.58 20.14
C TYR B 888 15.05 -2.84 19.39
N LEU B 889 15.20 -1.53 19.24
CA LEU B 889 14.18 -0.79 18.52
C LEU B 889 13.90 -1.41 17.15
N LEU B 890 14.96 -1.79 16.44
CA LEU B 890 14.73 -2.45 15.14
C LEU B 890 13.97 -3.74 15.33
N LYS B 891 14.51 -4.60 16.19
CA LYS B 891 13.87 -5.89 16.38
C LYS B 891 12.38 -5.71 16.68
N ILE B 892 12.01 -4.67 17.41
CA ILE B 892 10.62 -4.46 17.71
C ILE B 892 9.80 -3.98 16.50
N ALA B 893 10.35 -3.10 15.68
CA ALA B 893 9.59 -2.63 14.53
C ALA B 893 9.60 -3.63 13.39
N GLY B 894 10.46 -4.63 13.52
CA GLY B 894 10.52 -5.67 12.52
C GLY B 894 11.22 -5.16 11.30
N HIS B 895 12.23 -4.32 11.47
CA HIS B 895 13.03 -3.78 10.36
C HIS B 895 14.47 -4.26 10.46
N LYS B 896 15.11 -4.47 9.31
CA LYS B 896 16.54 -4.79 9.26
C LYS B 896 17.31 -3.50 9.45
N ASP B 897 16.90 -2.47 8.72
CA ASP B 897 17.61 -1.20 8.70
C ASP B 897 16.67 -0.11 9.13
N LEU B 898 17.25 1.01 9.57
CA LEU B 898 16.43 2.11 10.02
C LEU B 898 15.61 2.62 8.85
N LEU B 899 14.38 2.99 9.14
CA LEU B 899 13.45 3.51 8.16
C LEU B 899 13.08 2.64 6.93
N GLU B 900 13.12 1.32 7.05
CA GLU B 900 12.55 0.47 5.96
C GLU B 900 11.15 0.89 5.59
N GLY B 901 10.36 1.22 6.60
CA GLY B 901 9.03 1.74 6.34
C GLY B 901 8.91 3.04 5.56
N ASP B 902 10.04 3.67 5.21
CA ASP B 902 9.95 5.06 4.82
C ASP B 902 11.14 5.49 3.98
N PRO B 903 11.29 4.88 2.81
CA PRO B 903 12.43 5.14 1.94
C PRO B 903 12.59 6.60 1.56
N TYR B 904 11.48 7.32 1.41
CA TYR B 904 11.55 8.72 1.01
C TYR B 904 12.19 9.55 2.08
N LEU B 905 11.76 9.39 3.32
CA LEU B 905 12.43 10.06 4.42
C LEU B 905 13.90 9.70 4.50
N LYS B 906 14.23 8.45 4.29
CA LYS B 906 15.61 7.99 4.41
C LYS B 906 16.42 8.67 3.31
N GLN B 907 15.85 8.77 2.13
CA GLN B 907 16.54 9.41 1.03
C GLN B 907 16.88 10.86 1.37
N GLY B 908 15.90 11.57 1.94
CA GLY B 908 16.08 12.96 2.36
C GLY B 908 17.24 13.14 3.33
N ILE B 909 17.25 12.33 4.37
CA ILE B 909 18.39 12.26 5.28
C ILE B 909 19.71 11.89 4.59
N ARG B 910 19.73 10.83 3.78
CA ARG B 910 21.00 10.43 3.19
C ARG B 910 21.60 11.59 2.41
N LEU B 911 20.75 12.35 1.73
CA LEU B 911 21.23 13.43 0.87
C LEU B 911 21.76 14.66 1.63
N ARG B 912 21.09 15.08 2.71
CA ARG B 912 21.62 16.10 3.60
C ARG B 912 22.97 15.71 4.22
N ASP B 913 23.16 14.43 4.55
CA ASP B 913 24.22 14.05 5.48
C ASP B 913 25.63 14.55 5.14
N PRO B 914 26.05 14.39 3.91
CA PRO B 914 27.45 14.79 3.65
C PRO B 914 27.73 16.21 4.06
N TYR B 915 26.76 17.08 3.85
CA TYR B 915 26.89 18.46 4.26
C TYR B 915 26.98 18.55 5.78
N ILE B 916 26.13 17.83 6.47
CA ILE B 916 26.11 17.91 7.93
C ILE B 916 27.43 17.39 8.48
N THR B 917 27.83 16.22 8.05
CA THR B 917 29.10 15.63 8.40
C THR B 917 30.26 16.64 8.30
N THR B 918 30.31 17.39 7.21
CA THR B 918 31.37 18.38 7.06
C THR B 918 31.25 19.41 8.17
N LEU B 919 30.05 19.89 8.43
CA LEU B 919 29.87 20.78 9.57
C LEU B 919 30.24 20.15 10.95
N ASN B 920 29.86 18.92 11.24
CA ASN B 920 30.25 18.24 12.49
C ASN B 920 31.75 18.29 12.66
N VAL B 921 32.48 17.91 11.62
CA VAL B 921 33.91 17.80 11.71
C VAL B 921 34.53 19.18 11.91
N CYS B 922 34.14 20.12 11.08
CA CYS B 922 34.59 21.50 11.20
C CYS B 922 34.37 21.98 12.61
N GLN B 923 33.15 21.76 13.09
CA GLN B 923 32.73 22.13 14.45
C GLN B 923 33.65 21.55 15.49
N ALA B 924 33.79 20.24 15.46
CA ALA B 924 34.64 19.57 16.43
C ALA B 924 36.02 20.22 16.55
N TYR B 925 36.72 20.46 15.43
CA TYR B 925 38.07 21.04 15.51
C TYR B 925 38.03 22.49 16.00
N THR B 926 37.03 23.22 15.55
CA THR B 926 36.85 24.56 16.02
C THR B 926 36.70 24.61 17.54
N LEU B 927 35.83 23.74 18.06
CA LEU B 927 35.70 23.60 19.50
C LEU B 927 37.02 23.30 20.16
N LYS B 928 37.91 22.60 19.45
CA LYS B 928 39.21 22.28 20.03
C LYS B 928 40.01 23.58 20.12
N ARG B 929 40.14 24.24 18.96
CA ARG B 929 40.91 25.47 18.94
C ARG B 929 40.40 26.51 19.92
N ILE B 930 39.09 26.57 20.11
CA ILE B 930 38.55 27.49 21.11
C ILE B 930 38.96 27.09 22.52
N ARG B 931 38.93 25.79 22.81
CA ARG B 931 39.11 25.35 24.18
C ARG B 931 40.57 25.20 24.57
N ASP B 932 41.46 25.06 23.60
CA ASP B 932 42.79 24.52 23.90
C ASP B 932 43.99 25.40 23.50
N PRO B 933 44.60 26.06 24.50
CA PRO B 933 45.89 26.76 24.30
C PRO B 933 46.99 25.88 23.71
N ASN B 934 46.95 24.57 23.96
CA ASN B 934 48.02 23.64 23.55
C ASN B 934 47.87 23.09 22.14
N TYR B 935 46.80 23.46 21.45
CA TYR B 935 46.59 22.95 20.10
C TYR B 935 46.89 23.99 19.02
N HIS B 936 47.72 23.59 18.05
CA HIS B 936 47.92 24.38 16.83
C HIS B 936 48.43 23.41 15.76
N VAL B 937 48.06 23.65 14.50
CA VAL B 937 48.59 22.85 13.41
C VAL B 937 48.95 23.78 12.30
N THR B 938 49.77 23.29 11.37
CA THR B 938 50.21 24.12 10.26
C THR B 938 49.01 24.49 9.43
N LEU B 939 48.83 25.79 9.24
CA LEU B 939 47.73 26.30 8.44
C LEU B 939 48.17 26.36 7.00
N ARG B 940 47.28 25.97 6.11
CA ARG B 940 47.48 26.13 4.69
C ARG B 940 47.50 27.60 4.35
N PRO B 941 48.37 28.00 3.39
CA PRO B 941 48.26 29.37 2.95
C PRO B 941 46.82 29.68 2.49
N HIS B 942 46.33 30.87 2.86
CA HIS B 942 44.95 31.33 2.56
C HIS B 942 44.51 31.03 1.11
N ILE B 943 43.28 30.56 0.97
CA ILE B 943 42.79 29.98 -0.28
C ILE B 943 41.78 30.88 -1.01
N SER B 944 40.89 31.52 -0.26
CA SER B 944 39.88 32.41 -0.84
C SER B 944 40.45 33.68 -1.45
N LYS B 945 39.95 34.05 -2.61
CA LYS B 945 40.22 35.36 -3.14
C LYS B 945 39.14 36.31 -2.61
N GLU B 946 39.23 37.59 -2.95
CA GLU B 946 38.48 38.67 -2.29
C GLU B 946 38.88 40.04 -2.89
N TYR B 947 37.96 41.00 -2.82
CA TYR B 947 38.15 42.37 -3.37
C TYR B 947 37.78 43.45 -2.30
N ALA B 948 36.90 43.04 -1.36
CA ALA B 948 36.40 43.88 -0.27
C ALA B 948 37.46 44.15 0.79
N PRO B 963 38.35 46.34 14.05
CA PRO B 963 38.11 45.09 14.78
C PRO B 963 36.65 44.58 14.71
N THR B 964 36.47 43.26 14.64
CA THR B 964 35.18 42.60 15.00
C THR B 964 35.47 41.32 15.83
N SER B 965 36.12 41.54 16.99
CA SER B 965 36.63 40.48 17.90
C SER B 965 35.67 40.04 19.05
N GLU B 966 35.79 38.79 19.48
CA GLU B 966 34.91 38.19 20.50
C GLU B 966 35.68 37.40 21.60
N TYR B 967 36.10 36.16 21.30
CA TYR B 967 36.84 35.31 22.27
C TYR B 967 38.17 34.81 21.64
N ALA B 968 38.06 34.04 20.55
CA ALA B 968 39.18 33.79 19.61
C ALA B 968 38.85 34.48 18.27
N PRO B 969 39.87 34.79 17.44
CA PRO B 969 39.78 35.91 16.48
C PRO B 969 38.63 35.85 15.44
N GLY B 970 38.33 34.68 14.90
CA GLY B 970 37.07 34.47 14.19
C GLY B 970 36.42 33.13 14.52
N LEU B 971 37.05 32.32 15.37
CA LEU B 971 36.57 30.96 15.64
C LEU B 971 35.12 30.96 16.11
N GLU B 972 34.83 31.78 17.11
CA GLU B 972 33.46 31.94 17.58
C GLU B 972 32.51 32.10 16.40
N ASP B 973 32.88 32.87 15.39
CA ASP B 973 31.96 33.07 14.28
C ASP B 973 31.82 31.78 13.49
N THR B 974 32.91 31.08 13.28
CA THR B 974 32.88 29.81 12.57
C THR B 974 32.03 28.80 13.28
N LEU B 975 32.13 28.77 14.59
CA LEU B 975 31.34 27.85 15.38
C LEU B 975 29.84 28.10 15.25
N ILE B 976 29.40 29.36 15.25
CA ILE B 976 27.98 29.72 15.10
C ILE B 976 27.42 29.19 13.79
N LEU B 977 28.15 29.45 12.71
CA LEU B 977 27.77 28.99 11.38
C LEU B 977 27.50 27.51 11.35
N THR B 978 28.43 26.83 11.98
CA THR B 978 28.44 25.42 12.16
C THR B 978 27.23 24.97 12.98
N MET B 979 27.00 25.59 14.15
CA MET B 979 25.88 25.26 15.01
C MET B 979 24.57 25.43 14.24
N LYS B 980 24.46 26.50 13.47
CA LYS B 980 23.22 26.73 12.71
C LYS B 980 23.04 25.83 11.49
N GLY B 981 24.13 25.53 10.77
CA GLY B 981 24.02 24.56 9.67
C GLY B 981 23.52 23.20 10.17
N ILE B 982 24.17 22.70 11.21
CA ILE B 982 23.82 21.41 11.74
C ILE B 982 22.38 21.43 12.16
N ALA B 983 21.98 22.46 12.91
CA ALA B 983 20.63 22.55 13.44
C ALA B 983 19.58 22.53 12.34
N ALA B 984 19.86 23.20 11.23
CA ALA B 984 18.94 23.26 10.09
C ALA B 984 18.97 21.97 9.28
N GLY B 985 20.10 21.28 9.29
CA GLY B 985 20.17 19.96 8.69
C GLY B 985 19.47 18.88 9.52
N MET B 986 19.44 19.05 10.82
CA MET B 986 18.79 18.09 11.70
C MET B 986 17.28 18.31 11.91
N GLN B 987 16.78 19.51 11.61
CA GLN B 987 15.37 19.84 11.86
C GLN B 987 14.94 19.34 13.24
N ASN B 988 13.73 18.79 13.37
CA ASN B 988 13.22 18.34 14.67
C ASN B 988 13.74 16.93 15.04
N THR B 989 14.01 16.71 16.33
CA THR B 989 14.31 15.36 16.84
C THR B 989 13.53 15.14 18.11
N GLY B 990 14.04 15.60 19.23
CA GLY B 990 13.27 15.56 20.47
C GLY B 990 12.39 16.79 20.57
C1 G6P C . -10.83 -33.49 -10.01
C2 G6P C . -9.39 -33.18 -10.41
C3 G6P C . -9.05 -32.19 -11.62
C4 G6P C . -10.10 -32.34 -12.80
C5 G6P C . -11.53 -32.75 -12.33
C6 G6P C . -12.28 -33.49 -13.43
O1 G6P C . -11.41 -32.59 -9.01
O2 G6P C . -8.92 -32.76 -9.15
O3 G6P C . -7.60 -32.24 -12.06
O4 G6P C . -10.24 -31.18 -13.68
O5 G6P C . -11.66 -33.61 -11.16
O6 G6P C . -13.66 -33.73 -13.07
P G6P C . -14.36 -34.13 -11.63
O1P G6P C . -13.98 -33.06 -10.61
O2P G6P C . -15.85 -34.11 -11.97
O3P G6P C . -13.78 -35.49 -11.28
S SO4 D . -10.09 -24.45 -36.08
O1 SO4 D . -9.57 -23.07 -36.17
O2 SO4 D . -11.53 -24.36 -35.79
O3 SO4 D . -9.26 -25.13 -35.07
O4 SO4 D . -9.87 -25.20 -37.34
C1 EDO E . 12.05 -45.48 -23.84
O1 EDO E . 10.95 -45.73 -22.92
C2 EDO E . 13.39 -45.22 -23.11
O2 EDO E . 14.15 -46.44 -23.01
C TRS F . 6.97 -7.71 -19.23
C1 TRS F . 6.44 -7.55 -20.66
C2 TRS F . 7.35 -6.32 -18.61
C3 TRS F . 5.95 -8.49 -18.35
N TRS F . 8.21 -8.51 -19.40
O1 TRS F . 5.76 -8.74 -21.10
O2 TRS F . 8.33 -6.37 -17.54
O3 TRS F . 6.03 -8.16 -16.94
C1 G6P G . 8.18 23.33 26.65
C2 G6P G . 6.98 23.83 25.84
C3 G6P G . 7.27 24.49 24.46
C4 G6P G . 8.53 25.42 24.44
C5 G6P G . 9.63 24.94 25.39
C6 G6P G . 10.56 26.09 25.76
O1 G6P G . 8.66 22.00 26.25
O2 G6P G . 6.18 22.66 25.73
O3 G6P G . 6.08 25.15 23.93
O4 G6P G . 9.13 25.61 23.14
O5 G6P G . 9.15 24.39 26.63
O6 G6P G . 10.92 25.93 27.14
P G6P G . 12.08 24.88 27.54
O1P G6P G . 11.82 23.68 26.66
O2P G6P G . 13.31 25.65 27.14
O3P G6P G . 11.97 24.58 29.02
S SO4 H . 14.49 41.69 6.27
O1 SO4 H . 13.86 42.41 5.13
O2 SO4 H . 14.51 40.23 5.96
O3 SO4 H . 13.59 42.03 7.40
O4 SO4 H . 15.92 42.02 6.54
C1 EDO I . 11.67 15.82 9.47
O1 EDO I . 12.94 15.58 8.82
C2 EDO I . 11.18 14.57 10.24
O2 EDO I . 9.78 14.59 10.59
#